data_6G2S
#
_entry.id   6G2S
#
_cell.length_a   86.010
_cell.length_b   86.010
_cell.length_c   203.140
_cell.angle_alpha   90.00
_cell.angle_beta   90.00
_cell.angle_gamma   120.00
#
_symmetry.space_group_name_H-M   'P 32'
#
loop_
_entity.id
_entity.type
_entity.pdbx_description
1 polymer 'Type 1 fimbrin D-mannose specific adhesin'
2 non-polymer (2~{R},3~{S},4~{S},5~{S},6~{R})-2-(hydroxymethyl)-6-[4-[2,3,4,5,6-pentakis(fluoranyl)phenyl]phenoxy]oxane-3,4,5-triol
3 non-polymer 'SULFATE ION'
4 water water
#
_entity_poly.entity_id   1
_entity_poly.type   'polypeptide(L)'
_entity_poly.pdbx_seq_one_letter_code
;FACKTANGTAIPIGGGSANVYVNLAPVVNVGQNLVVDLSTQIFCHNDYPETITDYVTLQRGSAYGGVLSNFSGTVKYSGS
SYPFPTTSETPRVVYNSRTDKPWPVALYLTPVSSAGGVAIKAGSLIAVLILRQTNNYNSDDFQFVWNIYANNDVVVPT
;
_entity_poly.pdbx_strand_id   A,B,C,D,E,F,G,H,I
#
# COMPACT_ATOMS: atom_id res chain seq x y z
N PHE A 1 -16.71 -36.56 36.73
CA PHE A 1 -17.67 -35.59 36.11
C PHE A 1 -19.10 -35.94 36.49
N ALA A 2 -19.85 -34.95 36.94
CA ALA A 2 -21.25 -35.13 37.31
C ALA A 2 -21.95 -33.78 37.24
N CYS A 3 -23.28 -33.82 37.21
CA CYS A 3 -24.10 -32.64 36.97
C CYS A 3 -25.27 -32.64 37.93
N LYS A 4 -25.85 -31.45 38.12
CA LYS A 4 -27.06 -31.33 38.94
C LYS A 4 -27.94 -30.22 38.38
N THR A 5 -29.23 -30.28 38.73
CA THR A 5 -30.17 -29.24 38.36
C THR A 5 -30.22 -28.16 39.44
N ALA A 6 -30.96 -27.09 39.15
CA ALA A 6 -31.04 -25.97 40.08
C ALA A 6 -31.69 -26.37 41.40
N ASN A 7 -32.61 -27.33 41.38
CA ASN A 7 -33.27 -27.77 42.61
C ASN A 7 -32.57 -28.96 43.27
N GLY A 8 -31.40 -29.35 42.77
CA GLY A 8 -30.58 -30.35 43.43
C GLY A 8 -30.66 -31.76 42.87
N THR A 9 -31.37 -31.98 41.77
CA THR A 9 -31.39 -33.30 41.17
C THR A 9 -30.07 -33.58 40.47
N ALA A 10 -29.47 -34.72 40.79
CA ALA A 10 -28.16 -35.08 40.28
C ALA A 10 -28.25 -36.15 39.20
N ILE A 11 -27.38 -36.04 38.21
CA ILE A 11 -26.98 -37.17 37.37
C ILE A 11 -25.53 -37.48 37.74
N PRO A 12 -25.24 -38.66 38.30
CA PRO A 12 -23.91 -38.91 38.85
C PRO A 12 -22.91 -39.35 37.79
N ILE A 13 -21.70 -39.64 38.25
CA ILE A 13 -20.66 -40.20 37.41
C ILE A 13 -21.21 -41.37 36.62
N GLY A 14 -20.92 -41.40 35.31
CA GLY A 14 -21.39 -42.45 34.44
C GLY A 14 -22.61 -42.09 33.61
N GLY A 15 -23.21 -40.94 33.86
CA GLY A 15 -24.35 -40.50 33.07
C GLY A 15 -25.68 -40.93 33.65
N GLY A 16 -26.71 -40.63 32.90
CA GLY A 16 -28.08 -40.93 33.29
C GLY A 16 -29.02 -39.95 32.62
N SER A 17 -30.17 -39.74 33.28
CA SER A 17 -31.20 -38.84 32.78
C SER A 17 -31.87 -38.13 33.94
N ALA A 18 -32.39 -36.94 33.67
CA ALA A 18 -33.11 -36.19 34.68
C ALA A 18 -34.16 -35.30 34.00
N ASN A 19 -35.13 -34.87 34.80
CA ASN A 19 -36.17 -33.96 34.36
C ASN A 19 -35.86 -32.56 34.87
N VAL A 20 -36.08 -31.57 34.00
CA VAL A 20 -35.80 -30.17 34.32
C VAL A 20 -37.06 -29.38 34.02
N TYR A 21 -37.59 -28.70 35.04
CA TYR A 21 -38.81 -27.90 34.93
C TYR A 21 -38.42 -26.43 34.96
N VAL A 22 -38.69 -25.72 33.87
CA VAL A 22 -38.20 -24.36 33.68
C VAL A 22 -39.36 -23.40 33.59
N ASN A 23 -39.20 -22.24 34.21
CA ASN A 23 -40.16 -21.15 34.06
C ASN A 23 -39.90 -20.45 32.73
N LEU A 24 -40.98 -20.08 32.05
CA LEU A 24 -40.90 -19.51 30.72
C LEU A 24 -41.64 -18.18 30.69
N ALA A 25 -41.14 -17.25 29.89
CA ALA A 25 -41.85 -16.00 29.68
C ALA A 25 -43.29 -16.32 29.29
N PRO A 26 -44.29 -15.86 30.04
CA PRO A 26 -45.67 -16.30 29.78
C PRO A 26 -46.29 -15.69 28.54
N VAL A 27 -45.72 -14.60 28.02
CA VAL A 27 -46.23 -13.92 26.83
C VAL A 27 -45.07 -13.65 25.89
N VAL A 28 -45.20 -14.09 24.65
CA VAL A 28 -44.21 -13.85 23.62
C VAL A 28 -44.95 -13.32 22.41
N ASN A 29 -44.67 -12.07 22.06
CA ASN A 29 -45.31 -11.47 20.90
C ASN A 29 -44.57 -11.87 19.63
N VAL A 30 -45.28 -11.86 18.51
CA VAL A 30 -44.63 -12.05 17.23
C VAL A 30 -43.52 -11.02 17.11
N GLY A 31 -42.34 -11.47 16.66
CA GLY A 31 -41.16 -10.65 16.59
C GLY A 31 -40.20 -10.83 17.76
N GLN A 32 -40.71 -11.22 18.93
CA GLN A 32 -39.88 -11.46 20.09
C GLN A 32 -39.31 -12.87 20.09
N ASN A 33 -38.25 -13.05 20.87
CA ASN A 33 -37.64 -14.34 21.12
C ASN A 33 -38.17 -14.94 22.42
N LEU A 34 -38.39 -16.24 22.43
CA LEU A 34 -38.52 -16.99 23.66
C LEU A 34 -37.17 -17.60 23.96
N VAL A 35 -36.61 -17.29 25.13
CA VAL A 35 -35.30 -17.79 25.54
C VAL A 35 -35.53 -18.84 26.60
N VAL A 36 -35.04 -20.05 26.34
CA VAL A 36 -35.02 -21.10 27.35
C VAL A 36 -33.56 -21.28 27.73
N ASP A 37 -33.13 -20.58 28.77
CA ASP A 37 -31.73 -20.55 29.17
C ASP A 37 -31.50 -21.62 30.23
N LEU A 38 -30.88 -22.72 29.83
CA LEU A 38 -30.58 -23.80 30.75
C LEU A 38 -29.31 -23.57 31.55
N SER A 39 -28.54 -22.52 31.24
CA SER A 39 -27.31 -22.27 31.99
C SER A 39 -27.60 -21.90 33.44
N THR A 40 -28.81 -21.45 33.75
CA THR A 40 -29.20 -21.24 35.13
C THR A 40 -29.86 -22.47 35.75
N GLN A 41 -30.04 -23.54 34.96
CA GLN A 41 -30.74 -24.73 35.41
C GLN A 41 -29.88 -25.98 35.48
N ILE A 42 -28.78 -26.05 34.73
CA ILE A 42 -27.97 -27.27 34.65
C ILE A 42 -26.52 -26.90 34.91
N PHE A 43 -25.89 -27.61 35.85
CA PHE A 43 -24.54 -27.33 36.30
C PHE A 43 -23.75 -28.63 36.36
N CYS A 44 -22.45 -28.54 36.09
CA CYS A 44 -21.58 -29.70 36.06
C CYS A 44 -20.20 -29.33 36.60
N HIS A 45 -19.44 -30.35 37.00
CA HIS A 45 -18.11 -30.13 37.54
C HIS A 45 -17.18 -31.27 37.16
N ASN A 46 -15.88 -30.99 37.27
CA ASN A 46 -14.82 -31.95 37.04
C ASN A 46 -14.35 -32.51 38.37
N ASP A 47 -14.26 -33.84 38.46
CA ASP A 47 -13.97 -34.49 39.73
C ASP A 47 -12.47 -34.65 40.02
N TYR A 48 -11.60 -34.41 39.04
CA TYR A 48 -10.18 -34.29 39.34
C TYR A 48 -9.48 -33.47 38.25
N PRO A 49 -9.63 -32.14 38.29
CA PRO A 49 -9.16 -31.31 37.17
C PRO A 49 -7.65 -31.17 37.08
N GLU A 50 -6.88 -31.51 38.12
CA GLU A 50 -5.43 -31.36 38.01
C GLU A 50 -4.83 -32.36 37.04
N THR A 51 -5.46 -33.52 36.89
CA THR A 51 -4.96 -34.57 36.02
C THR A 51 -5.83 -34.83 34.80
N ILE A 52 -7.12 -34.50 34.88
CA ILE A 52 -8.09 -34.90 33.87
C ILE A 52 -8.77 -33.64 33.36
N THR A 53 -8.86 -33.54 32.04
CA THR A 53 -9.65 -32.51 31.39
C THR A 53 -10.90 -33.17 30.83
N ASP A 54 -12.06 -32.63 31.21
CA ASP A 54 -13.33 -33.16 30.73
C ASP A 54 -13.78 -32.38 29.51
N TYR A 55 -14.29 -33.11 28.53
CA TYR A 55 -14.84 -32.52 27.31
C TYR A 55 -16.34 -32.78 27.27
N VAL A 56 -17.10 -31.76 26.90
CA VAL A 56 -18.55 -31.79 27.02
C VAL A 56 -19.14 -31.18 25.76
N THR A 57 -19.93 -31.95 25.04
CA THR A 57 -20.64 -31.50 23.86
C THR A 57 -22.14 -31.54 24.11
N LEU A 58 -22.87 -30.75 23.32
CA LEU A 58 -24.29 -30.98 23.12
C LEU A 58 -24.39 -31.95 21.94
N GLN A 59 -24.58 -33.23 22.25
CA GLN A 59 -24.58 -34.22 21.17
C GLN A 59 -25.83 -34.12 20.32
N ARG A 60 -26.98 -33.91 20.94
CA ARG A 60 -28.23 -33.82 20.21
C ARG A 60 -29.23 -33.01 21.02
N GLY A 61 -30.05 -32.25 20.31
CA GLY A 61 -31.12 -31.51 20.93
C GLY A 61 -32.39 -31.66 20.12
N SER A 62 -33.44 -32.20 20.75
CA SER A 62 -34.71 -32.45 20.08
C SER A 62 -35.80 -31.57 20.67
N ALA A 63 -36.76 -31.21 19.82
CA ALA A 63 -37.88 -30.36 20.19
C ALA A 63 -39.17 -31.18 20.23
N TYR A 64 -40.08 -30.80 21.14
CA TYR A 64 -41.33 -31.52 21.32
C TYR A 64 -42.45 -30.54 21.63
N GLY A 65 -43.67 -31.05 21.58
CA GLY A 65 -44.85 -30.25 21.91
C GLY A 65 -44.93 -28.97 21.12
N GLY A 66 -45.24 -27.88 21.83
CA GLY A 66 -45.42 -26.59 21.19
C GLY A 66 -44.14 -25.97 20.68
N VAL A 67 -42.99 -26.33 21.25
CA VAL A 67 -41.72 -25.85 20.72
C VAL A 67 -41.47 -26.43 19.34
N LEU A 68 -41.86 -27.70 19.14
CA LEU A 68 -41.72 -28.32 17.83
C LEU A 68 -42.61 -27.63 16.79
N SER A 69 -43.89 -27.41 17.12
CA SER A 69 -44.87 -27.00 16.14
C SER A 69 -44.97 -25.49 15.95
N ASN A 70 -44.74 -24.71 17.02
CA ASN A 70 -45.09 -23.29 16.99
C ASN A 70 -43.90 -22.34 16.90
N PHE A 71 -42.67 -22.84 16.95
CA PHE A 71 -41.50 -21.97 16.95
C PHE A 71 -40.47 -22.45 15.95
N SER A 72 -39.67 -21.50 15.46
CA SER A 72 -38.47 -21.77 14.72
C SER A 72 -37.31 -21.15 15.51
N GLY A 73 -36.15 -21.77 15.48
CA GLY A 73 -35.06 -21.21 16.27
C GLY A 73 -33.81 -22.07 16.25
N THR A 74 -32.92 -21.73 17.18
CA THR A 74 -31.59 -22.27 17.26
C THR A 74 -31.24 -22.54 18.72
N VAL A 75 -30.14 -23.27 18.93
CA VAL A 75 -29.56 -23.46 20.25
C VAL A 75 -28.19 -22.80 20.26
N LYS A 76 -27.93 -22.00 21.29
CA LYS A 76 -26.63 -21.38 21.49
C LYS A 76 -25.85 -22.20 22.51
N TYR A 77 -24.69 -22.72 22.09
CA TYR A 77 -23.83 -23.50 22.96
C TYR A 77 -22.48 -22.80 23.09
N SER A 78 -22.17 -22.35 24.29
CA SER A 78 -20.90 -21.70 24.60
C SER A 78 -20.53 -20.66 23.54
N GLY A 79 -21.51 -19.81 23.22
CA GLY A 79 -21.29 -18.67 22.37
C GLY A 79 -21.51 -18.88 20.89
N SER A 80 -21.69 -20.12 20.44
CA SER A 80 -21.99 -20.42 19.05
C SER A 80 -23.42 -20.93 18.91
N SER A 81 -24.04 -20.63 17.78
CA SER A 81 -25.42 -21.02 17.50
C SER A 81 -25.46 -22.12 16.47
N TYR A 82 -26.40 -23.05 16.63
CA TYR A 82 -26.58 -24.18 15.73
C TYR A 82 -28.07 -24.34 15.47
N PRO A 83 -28.44 -25.09 14.44
CA PRO A 83 -29.86 -25.35 14.20
C PRO A 83 -30.47 -26.08 15.40
N PHE A 84 -31.75 -25.80 15.64
CA PHE A 84 -32.51 -26.56 16.63
C PHE A 84 -33.87 -26.90 16.06
N PRO A 85 -34.24 -28.19 15.97
CA PRO A 85 -33.53 -29.41 16.38
C PRO A 85 -32.14 -29.54 15.75
N THR A 86 -31.21 -30.14 16.48
CA THR A 86 -29.83 -30.23 16.03
C THR A 86 -29.69 -31.27 14.94
N THR A 87 -28.67 -31.09 14.09
CA THR A 87 -28.35 -32.02 13.02
C THR A 87 -27.04 -32.75 13.23
N SER A 88 -26.21 -32.31 14.18
CA SER A 88 -24.93 -32.94 14.43
C SER A 88 -24.46 -32.52 15.81
N GLU A 89 -23.46 -33.25 16.30
CA GLU A 89 -22.86 -32.97 17.60
C GLU A 89 -22.00 -31.70 17.53
N THR A 90 -22.11 -30.88 18.58
CA THR A 90 -21.35 -29.64 18.65
C THR A 90 -19.88 -29.93 18.98
N PRO A 91 -19.02 -28.92 18.87
CA PRO A 91 -17.65 -29.07 19.41
C PRO A 91 -17.66 -29.14 20.92
N ARG A 92 -16.51 -29.51 21.47
CA ARG A 92 -16.37 -29.77 22.89
C ARG A 92 -16.13 -28.49 23.68
N VAL A 93 -16.66 -28.47 24.90
CA VAL A 93 -16.34 -27.45 25.90
C VAL A 93 -15.55 -28.10 27.02
N VAL A 94 -14.60 -27.35 27.58
CA VAL A 94 -13.70 -27.87 28.59
C VAL A 94 -14.27 -27.58 29.97
N TYR A 95 -14.29 -28.60 30.83
CA TYR A 95 -14.61 -28.45 32.24
C TYR A 95 -13.38 -28.79 33.05
N ASN A 96 -12.92 -27.84 33.87
CA ASN A 96 -11.66 -27.97 34.57
C ASN A 96 -11.74 -27.47 36.01
N SER A 97 -12.93 -27.52 36.62
CA SER A 97 -13.10 -27.05 37.99
C SER A 97 -13.95 -28.02 38.78
N ARG A 98 -13.62 -28.16 40.07
CA ARG A 98 -14.47 -28.90 41.00
C ARG A 98 -15.73 -28.16 41.36
N THR A 99 -15.77 -26.84 41.12
CA THR A 99 -16.95 -26.05 41.42
C THR A 99 -17.98 -26.26 40.32
N ASP A 100 -19.22 -26.57 40.72
CA ASP A 100 -20.28 -26.72 39.73
C ASP A 100 -20.41 -25.43 38.94
N LYS A 101 -20.34 -25.56 37.62
CA LYS A 101 -20.41 -24.44 36.70
C LYS A 101 -21.51 -24.67 35.67
N PRO A 102 -22.06 -23.60 35.11
CA PRO A 102 -23.21 -23.75 34.21
C PRO A 102 -22.86 -24.51 32.94
N TRP A 103 -23.85 -25.26 32.44
CA TRP A 103 -23.83 -25.81 31.10
C TRP A 103 -24.34 -24.72 30.15
N PRO A 104 -23.49 -24.12 29.32
CA PRO A 104 -23.92 -22.89 28.60
C PRO A 104 -24.76 -23.19 27.38
N VAL A 105 -26.01 -23.60 27.62
CA VAL A 105 -26.96 -23.96 26.58
C VAL A 105 -28.18 -23.08 26.72
N ALA A 106 -28.65 -22.54 25.60
CA ALA A 106 -29.88 -21.75 25.58
C ALA A 106 -30.55 -21.91 24.22
N LEU A 107 -31.88 -22.05 24.24
CA LEU A 107 -32.67 -22.10 23.02
C LEU A 107 -33.18 -20.70 22.71
N TYR A 108 -33.07 -20.29 21.45
CA TYR A 108 -33.62 -19.02 20.99
C TYR A 108 -34.70 -19.32 19.96
N LEU A 109 -35.95 -19.06 20.34
CA LEU A 109 -37.12 -19.51 19.60
C LEU A 109 -38.03 -18.32 19.32
N THR A 110 -38.43 -18.17 18.06
CA THR A 110 -39.36 -17.12 17.71
C THR A 110 -40.63 -17.72 17.10
N PRO A 111 -41.81 -17.20 17.42
CA PRO A 111 -43.05 -17.83 16.91
C PRO A 111 -43.13 -17.77 15.39
N VAL A 112 -43.55 -18.89 14.79
CA VAL A 112 -43.88 -18.92 13.37
C VAL A 112 -45.25 -18.29 13.16
N SER A 113 -45.46 -17.75 11.95
CA SER A 113 -46.69 -17.02 11.66
C SER A 113 -47.93 -17.88 11.90
N SER A 114 -47.81 -19.19 11.72
CA SER A 114 -48.92 -20.12 11.91
C SER A 114 -49.05 -20.57 13.36
N ALA A 115 -48.34 -19.91 14.27
CA ALA A 115 -48.36 -20.31 15.67
C ALA A 115 -49.76 -20.13 16.26
N GLY A 116 -50.11 -21.00 17.19
CA GLY A 116 -51.41 -20.89 17.81
C GLY A 116 -51.32 -20.06 19.07
N GLY A 117 -52.49 -19.65 19.57
CA GLY A 117 -52.55 -18.80 20.73
C GLY A 117 -51.76 -19.38 21.88
N VAL A 118 -52.21 -20.54 22.37
CA VAL A 118 -51.53 -21.21 23.46
C VAL A 118 -50.35 -21.94 22.82
N ALA A 119 -49.19 -21.31 22.77
CA ALA A 119 -48.07 -21.88 22.01
C ALA A 119 -47.38 -23.01 22.76
N ILE A 120 -47.33 -22.94 24.09
CA ILE A 120 -46.76 -24.02 24.90
C ILE A 120 -47.69 -24.24 26.10
N LYS A 121 -47.98 -25.49 26.42
CA LYS A 121 -48.88 -25.82 27.51
C LYS A 121 -48.08 -26.12 28.76
N ALA A 122 -48.58 -25.63 29.90
CA ALA A 122 -47.95 -25.90 31.18
C ALA A 122 -47.77 -27.40 31.39
N GLY A 123 -46.61 -27.78 31.92
CA GLY A 123 -46.31 -29.16 32.23
C GLY A 123 -45.89 -30.01 31.05
N SER A 124 -45.83 -29.46 29.85
CA SER A 124 -45.50 -30.23 28.66
C SER A 124 -44.00 -30.36 28.48
N LEU A 125 -43.60 -31.49 27.90
CA LEU A 125 -42.24 -31.68 27.43
C LEU A 125 -41.97 -30.78 26.23
N ILE A 126 -40.92 -29.96 26.31
CA ILE A 126 -40.59 -29.06 25.22
C ILE A 126 -39.26 -29.38 24.56
N ALA A 127 -38.36 -30.11 25.21
CA ALA A 127 -37.07 -30.41 24.59
C ALA A 127 -36.38 -31.54 25.34
N VAL A 128 -35.48 -32.22 24.62
CA VAL A 128 -34.57 -33.20 25.20
C VAL A 128 -33.17 -32.84 24.75
N LEU A 129 -32.30 -32.54 25.71
CA LEU A 129 -30.92 -32.14 25.44
C LEU A 129 -29.99 -33.20 26.00
N ILE A 130 -29.07 -33.68 25.16
CA ILE A 130 -28.16 -34.74 25.51
C ILE A 130 -26.77 -34.14 25.66
N LEU A 131 -26.23 -34.18 26.87
CA LEU A 131 -24.87 -33.77 27.16
C LEU A 131 -23.98 -35.01 27.09
N ARG A 132 -22.94 -34.95 26.26
CA ARG A 132 -22.02 -36.06 26.06
C ARG A 132 -20.66 -35.67 26.61
N GLN A 133 -20.13 -36.46 27.54
CA GLN A 133 -18.90 -36.14 28.25
C GLN A 133 -17.82 -37.16 27.93
N THR A 134 -16.63 -36.67 27.56
CA THR A 134 -15.44 -37.50 27.39
C THR A 134 -14.29 -36.87 28.16
N ASN A 135 -13.07 -37.39 28.03
CA ASN A 135 -11.93 -36.84 28.75
C ASN A 135 -10.64 -37.13 27.99
N ASN A 136 -9.53 -36.65 28.55
CA ASN A 136 -8.19 -36.92 28.05
C ASN A 136 -7.47 -37.97 28.91
N TYR A 137 -8.23 -38.88 29.49
CA TYR A 137 -7.75 -39.78 30.53
C TYR A 137 -7.96 -41.24 30.18
N ASN A 138 -9.17 -41.61 29.78
CA ASN A 138 -9.50 -43.00 29.44
C ASN A 138 -10.52 -42.98 28.32
N SER A 139 -11.31 -44.05 28.20
CA SER A 139 -12.27 -44.21 27.12
C SER A 139 -13.70 -43.89 27.56
N ASP A 140 -13.88 -43.17 28.68
CA ASP A 140 -15.21 -42.81 29.13
C ASP A 140 -15.95 -42.02 28.05
N ASP A 141 -17.21 -42.41 27.82
CA ASP A 141 -18.05 -41.73 26.83
C ASP A 141 -19.49 -41.83 27.36
N PHE A 142 -19.91 -40.80 28.10
CA PHE A 142 -21.13 -40.84 28.90
C PHE A 142 -22.12 -39.79 28.41
N GLN A 143 -23.39 -40.15 28.43
CA GLN A 143 -24.47 -39.28 27.96
C GLN A 143 -25.36 -38.90 29.15
N PHE A 144 -25.53 -37.60 29.35
CA PHE A 144 -26.40 -37.04 30.37
C PHE A 144 -27.65 -36.51 29.67
N VAL A 145 -28.79 -37.10 29.95
CA VAL A 145 -30.03 -36.81 29.23
C VAL A 145 -30.86 -35.85 30.06
N TRP A 146 -31.15 -34.68 29.50
CA TRP A 146 -31.89 -33.63 30.18
C TRP A 146 -33.25 -33.47 29.51
N ASN A 147 -34.32 -33.80 30.23
CA ASN A 147 -35.68 -33.70 29.72
C ASN A 147 -36.29 -32.40 30.22
N ILE A 148 -36.57 -31.48 29.29
CA ILE A 148 -36.95 -30.11 29.62
C ILE A 148 -38.47 -29.99 29.57
N TYR A 149 -39.07 -29.53 30.67
CA TYR A 149 -40.52 -29.38 30.77
C TYR A 149 -40.87 -27.94 31.07
N ALA A 150 -41.99 -27.48 30.51
CA ALA A 150 -42.47 -26.13 30.72
C ALA A 150 -43.24 -26.05 32.03
N ASN A 151 -42.89 -25.06 32.86
CA ASN A 151 -43.56 -24.85 34.12
C ASN A 151 -44.91 -24.15 33.97
N ASN A 152 -45.14 -23.48 32.84
CA ASN A 152 -46.31 -22.63 32.70
C ASN A 152 -46.67 -22.52 31.22
N ASP A 153 -47.88 -22.01 30.97
CA ASP A 153 -48.30 -21.74 29.60
C ASP A 153 -47.49 -20.60 29.00
N VAL A 154 -47.21 -20.71 27.71
CA VAL A 154 -46.65 -19.62 26.93
C VAL A 154 -47.67 -19.28 25.85
N VAL A 155 -48.14 -18.04 25.84
CA VAL A 155 -49.15 -17.58 24.90
C VAL A 155 -48.51 -16.61 23.92
N VAL A 156 -48.89 -16.72 22.66
CA VAL A 156 -48.48 -15.77 21.63
C VAL A 156 -49.72 -14.99 21.22
N PRO A 157 -49.91 -13.76 21.70
CA PRO A 157 -51.11 -13.00 21.34
C PRO A 157 -51.11 -12.61 19.87
N THR A 158 -52.30 -12.41 19.33
CA THR A 158 -52.44 -11.83 17.99
C THR A 158 -52.44 -10.31 18.07
N PHE B 1 9.17 -6.47 6.41
CA PHE B 1 8.01 -7.01 5.65
C PHE B 1 7.95 -6.39 4.25
N ALA B 2 7.78 -7.24 3.25
CA ALA B 2 7.71 -6.80 1.86
C ALA B 2 6.97 -7.87 1.06
N CYS B 3 6.50 -7.47 -0.12
CA CYS B 3 5.65 -8.33 -0.94
C CYS B 3 6.08 -8.22 -2.39
N LYS B 4 5.70 -9.22 -3.18
CA LYS B 4 5.95 -9.19 -4.62
C LYS B 4 4.81 -9.88 -5.35
N THR B 5 4.66 -9.54 -6.63
CA THR B 5 3.68 -10.18 -7.49
C THR B 5 4.29 -11.40 -8.18
N ALA B 6 3.44 -12.12 -8.91
CA ALA B 6 3.89 -13.34 -9.58
C ALA B 6 4.93 -13.07 -10.65
N ASN B 7 4.89 -11.90 -11.30
CA ASN B 7 5.88 -11.57 -12.31
C ASN B 7 7.07 -10.81 -11.76
N GLY B 8 7.17 -10.65 -10.45
CA GLY B 8 8.35 -10.08 -9.83
C GLY B 8 8.26 -8.62 -9.43
N THR B 9 7.09 -7.99 -9.57
CA THR B 9 6.95 -6.61 -9.11
C THR B 9 6.89 -6.59 -7.58
N ALA B 10 7.76 -5.78 -6.98
CA ALA B 10 7.89 -5.71 -5.54
C ALA B 10 7.27 -4.43 -4.99
N ILE B 11 6.63 -4.55 -3.83
CA ILE B 11 6.37 -3.40 -2.96
C ILE B 11 7.27 -3.55 -1.75
N PRO B 12 8.22 -2.65 -1.51
CA PRO B 12 9.24 -2.86 -0.49
C PRO B 12 8.76 -2.47 0.91
N ILE B 13 9.67 -2.61 1.87
CA ILE B 13 9.41 -2.18 3.24
C ILE B 13 8.84 -0.77 3.23
N GLY B 14 7.78 -0.56 4.01
CA GLY B 14 7.12 0.73 4.11
C GLY B 14 5.88 0.86 3.27
N GLY B 15 5.61 -0.10 2.38
CA GLY B 15 4.41 -0.08 1.58
C GLY B 15 4.59 0.62 0.25
N GLY B 16 3.48 0.74 -0.44
CA GLY B 16 3.43 1.30 -1.77
C GLY B 16 2.24 0.73 -2.52
N SER B 17 2.36 0.68 -3.84
CA SER B 17 1.30 0.17 -4.69
C SER B 17 1.88 -0.59 -5.86
N ALA B 18 1.12 -1.54 -6.37
CA ALA B 18 1.53 -2.30 -7.54
C ALA B 18 0.30 -2.73 -8.32
N ASN B 19 0.52 -3.04 -9.59
CA ASN B 19 -0.53 -3.51 -10.48
C ASN B 19 -0.43 -5.01 -10.64
N VAL B 20 -1.57 -5.68 -10.60
CA VAL B 20 -1.64 -7.13 -10.73
C VAL B 20 -2.61 -7.45 -11.86
N TYR B 21 -2.12 -8.14 -12.89
CA TYR B 21 -2.89 -8.49 -14.06
C TYR B 21 -3.17 -9.99 -14.01
N VAL B 22 -4.45 -10.34 -13.92
CA VAL B 22 -4.87 -11.71 -13.62
C VAL B 22 -5.66 -12.28 -14.79
N ASN B 23 -5.41 -13.55 -15.08
CA ASN B 23 -6.20 -14.29 -16.04
C ASN B 23 -7.51 -14.71 -15.38
N LEU B 24 -8.60 -14.61 -16.14
CA LEU B 24 -9.94 -14.88 -15.64
C LEU B 24 -10.62 -15.91 -16.52
N ALA B 25 -11.45 -16.74 -15.90
CA ALA B 25 -12.27 -17.67 -16.65
C ALA B 25 -13.02 -16.89 -17.72
N PRO B 26 -12.87 -17.25 -19.01
CA PRO B 26 -13.45 -16.41 -20.08
C PRO B 26 -14.96 -16.54 -20.21
N VAL B 27 -15.57 -17.58 -19.67
CA VAL B 27 -17.00 -17.80 -19.76
C VAL B 27 -17.52 -18.17 -18.37
N VAL B 28 -18.52 -17.43 -17.90
CA VAL B 28 -19.15 -17.68 -16.61
C VAL B 28 -20.65 -17.66 -16.82
N ASN B 29 -21.30 -18.79 -16.58
CA ASN B 29 -22.74 -18.89 -16.71
C ASN B 29 -23.40 -18.43 -15.42
N VAL B 30 -24.62 -17.93 -15.54
CA VAL B 30 -25.42 -17.65 -14.35
C VAL B 30 -25.49 -18.92 -13.52
N GLY B 31 -25.27 -18.78 -12.22
CA GLY B 31 -25.17 -19.92 -11.32
C GLY B 31 -23.75 -20.32 -11.01
N GLN B 32 -22.82 -20.04 -11.91
CA GLN B 32 -21.41 -20.30 -11.65
C GLN B 32 -20.78 -19.12 -10.92
N ASN B 33 -19.66 -19.41 -10.24
CA ASN B 33 -18.85 -18.41 -9.59
C ASN B 33 -17.67 -18.04 -10.50
N LEU B 34 -17.32 -16.77 -10.52
CA LEU B 34 -16.02 -16.35 -11.05
C LEU B 34 -15.07 -16.22 -9.87
N VAL B 35 -13.97 -16.95 -9.91
CA VAL B 35 -12.99 -16.96 -8.83
C VAL B 35 -11.78 -16.16 -9.27
N VAL B 36 -11.44 -15.14 -8.50
CA VAL B 36 -10.22 -14.38 -8.69
C VAL B 36 -9.31 -14.73 -7.52
N ASP B 37 -8.40 -15.68 -7.72
CA ASP B 37 -7.55 -16.19 -6.66
C ASP B 37 -6.26 -15.40 -6.67
N LEU B 38 -6.11 -14.48 -5.72
CA LEU B 38 -4.88 -13.70 -5.62
C LEU B 38 -3.79 -14.42 -4.85
N SER B 39 -4.08 -15.54 -4.20
CA SER B 39 -3.06 -16.25 -3.45
C SER B 39 -1.96 -16.81 -4.36
N THR B 40 -2.24 -16.95 -5.66
CA THR B 40 -1.20 -17.33 -6.61
C THR B 40 -0.52 -16.13 -7.23
N GLN B 41 -0.95 -14.90 -6.89
CA GLN B 41 -0.47 -13.69 -7.52
C GLN B 41 0.27 -12.74 -6.59
N ILE B 42 0.02 -12.81 -5.28
CA ILE B 42 0.61 -11.88 -4.32
C ILE B 42 1.26 -12.68 -3.21
N PHE B 43 2.52 -12.37 -2.91
CA PHE B 43 3.31 -13.10 -1.93
C PHE B 43 4.02 -12.10 -1.02
N CYS B 44 4.23 -12.49 0.24
CA CYS B 44 4.86 -11.61 1.22
C CYS B 44 5.72 -12.43 2.18
N HIS B 45 6.63 -11.74 2.85
CA HIS B 45 7.52 -12.40 3.81
C HIS B 45 7.83 -11.47 4.97
N ASN B 46 8.32 -12.09 6.06
CA ASN B 46 8.76 -11.40 7.26
C ASN B 46 10.27 -11.27 7.24
N ASP B 47 10.78 -10.06 7.49
CA ASP B 47 12.21 -9.79 7.35
C ASP B 47 13.03 -10.08 8.61
N TYR B 48 12.39 -10.32 9.76
CA TYR B 48 13.14 -10.86 10.88
C TYR B 48 12.20 -11.58 11.84
N PRO B 49 11.78 -12.80 11.49
CA PRO B 49 10.71 -13.46 12.24
C PRO B 49 11.09 -13.95 13.64
N GLU B 50 12.38 -14.08 13.96
CA GLU B 50 12.73 -14.57 15.29
C GLU B 50 12.42 -13.55 16.37
N THR B 51 12.43 -12.27 16.02
CA THR B 51 12.22 -11.19 16.97
C THR B 51 10.93 -10.42 16.73
N ILE B 52 10.42 -10.43 15.50
CA ILE B 52 9.27 -9.61 15.11
C ILE B 52 8.20 -10.51 14.52
N THR B 53 6.96 -10.31 14.96
CA THR B 53 5.80 -10.94 14.35
C THR B 53 5.04 -9.89 13.56
N ASP B 54 4.79 -10.16 12.29
CA ASP B 54 4.05 -9.26 11.42
C ASP B 54 2.58 -9.65 11.39
N TYR B 55 1.71 -8.65 11.41
CA TYR B 55 0.27 -8.84 11.32
C TYR B 55 -0.23 -8.22 10.03
N VAL B 56 -1.13 -8.92 9.34
CA VAL B 56 -1.55 -8.53 8.00
C VAL B 56 -3.05 -8.70 7.87
N THR B 57 -3.75 -7.61 7.56
CA THR B 57 -5.18 -7.62 7.33
C THR B 57 -5.46 -7.24 5.88
N LEU B 58 -6.64 -7.64 5.40
CA LEU B 58 -7.25 -7.00 4.24
C LEU B 58 -8.02 -5.83 4.80
N GLN B 59 -7.43 -4.63 4.71
CA GLN B 59 -8.05 -3.46 5.32
C GLN B 59 -9.29 -3.04 4.55
N ARG B 60 -9.22 -3.07 3.22
CA ARG B 60 -10.35 -2.66 2.40
C ARG B 60 -10.24 -3.34 1.04
N GLY B 61 -11.40 -3.65 0.47
CA GLY B 61 -11.47 -4.20 -0.86
C GLY B 61 -12.57 -3.51 -1.65
N SER B 62 -12.20 -2.86 -2.74
CA SER B 62 -13.15 -2.14 -3.57
C SER B 62 -13.28 -2.82 -4.93
N ALA B 63 -14.48 -2.74 -5.49
CA ALA B 63 -14.79 -3.32 -6.79
C ALA B 63 -14.95 -2.23 -7.83
N TYR B 64 -14.59 -2.54 -9.07
CA TYR B 64 -14.65 -1.56 -10.14
C TYR B 64 -15.08 -2.23 -11.43
N GLY B 65 -15.44 -1.38 -12.40
CA GLY B 65 -15.84 -1.85 -13.72
C GLY B 65 -16.96 -2.86 -13.65
N GLY B 66 -16.82 -3.93 -14.43
CA GLY B 66 -17.86 -4.94 -14.53
C GLY B 66 -18.04 -5.77 -13.28
N VAL B 67 -17.01 -5.87 -12.44
CA VAL B 67 -17.17 -6.57 -11.17
C VAL B 67 -18.12 -5.81 -10.27
N LEU B 68 -18.05 -4.49 -10.30
CA LEU B 68 -18.96 -3.66 -9.51
C LEU B 68 -20.40 -3.82 -10.00
N SER B 69 -20.62 -3.73 -11.31
CA SER B 69 -21.97 -3.61 -11.86
C SER B 69 -22.64 -4.95 -12.13
N ASN B 70 -21.89 -5.98 -12.50
CA ASN B 70 -22.45 -7.21 -13.04
C ASN B 70 -22.39 -8.39 -12.08
N PHE B 71 -21.76 -8.25 -10.92
CA PHE B 71 -21.58 -9.37 -10.01
C PHE B 71 -21.96 -9.00 -8.60
N SER B 72 -22.35 -10.03 -7.85
CA SER B 72 -22.48 -10.00 -6.40
C SER B 72 -21.50 -11.03 -5.85
N GLY B 73 -20.97 -10.78 -4.66
CA GLY B 73 -20.03 -11.76 -4.14
C GLY B 73 -19.39 -11.38 -2.83
N THR B 74 -18.35 -12.15 -2.51
CA THR B 74 -17.66 -12.10 -1.23
C THR B 74 -16.16 -12.19 -1.48
N VAL B 75 -15.38 -11.87 -0.45
CA VAL B 75 -13.95 -12.10 -0.45
C VAL B 75 -13.62 -13.10 0.65
N LYS B 76 -12.85 -14.13 0.32
CA LYS B 76 -12.36 -15.10 1.29
C LYS B 76 -10.94 -14.73 1.70
N TYR B 77 -10.74 -14.49 2.99
CA TYR B 77 -9.43 -14.17 3.54
C TYR B 77 -9.06 -15.21 4.58
N SER B 78 -8.01 -15.98 4.30
CA SER B 78 -7.49 -16.98 5.23
C SER B 78 -8.61 -17.83 5.83
N GLY B 79 -9.50 -18.30 4.97
CA GLY B 79 -10.52 -19.26 5.34
C GLY B 79 -11.84 -18.68 5.79
N SER B 80 -11.93 -17.36 5.99
CA SER B 80 -13.18 -16.70 6.32
C SER B 80 -13.63 -15.81 5.17
N SER B 81 -14.94 -15.69 5.00
CA SER B 81 -15.53 -14.90 3.94
C SER B 81 -16.20 -13.66 4.51
N TYR B 82 -16.13 -12.57 3.76
CA TYR B 82 -16.71 -11.30 4.12
C TYR B 82 -17.40 -10.71 2.90
N PRO B 83 -18.26 -9.72 3.07
CA PRO B 83 -18.84 -9.06 1.91
C PRO B 83 -17.76 -8.43 1.04
N PHE B 84 -18.02 -8.39 -0.27
CA PHE B 84 -17.16 -7.68 -1.20
C PHE B 84 -18.03 -6.89 -2.17
N PRO B 85 -17.89 -5.55 -2.26
CA PRO B 85 -16.97 -4.64 -1.57
C PRO B 85 -17.03 -4.77 -0.05
N THR B 86 -15.89 -4.58 0.61
CA THR B 86 -15.79 -4.81 2.04
C THR B 86 -16.43 -3.68 2.82
N THR B 87 -16.87 -4.01 4.03
CA THR B 87 -17.47 -3.04 4.93
C THR B 87 -16.61 -2.77 6.17
N SER B 88 -15.59 -3.57 6.43
CA SER B 88 -14.74 -3.40 7.60
C SER B 88 -13.42 -4.14 7.38
N GLU B 89 -12.44 -3.80 8.21
CA GLU B 89 -11.14 -4.46 8.16
C GLU B 89 -11.23 -5.88 8.72
N THR B 90 -10.55 -6.82 8.06
CA THR B 90 -10.54 -8.20 8.50
C THR B 90 -9.65 -8.37 9.73
N PRO B 91 -9.74 -9.51 10.40
CA PRO B 91 -8.75 -9.83 11.44
C PRO B 91 -7.38 -10.09 10.84
N ARG B 92 -6.39 -10.15 11.72
CA ARG B 92 -4.99 -10.23 11.32
C ARG B 92 -4.58 -11.66 11.00
N VAL B 93 -3.69 -11.78 10.01
CA VAL B 93 -2.98 -13.01 9.69
C VAL B 93 -1.51 -12.82 10.06
N VAL B 94 -0.88 -13.87 10.56
CA VAL B 94 0.49 -13.80 11.05
C VAL B 94 1.45 -14.24 9.94
N TYR B 95 2.49 -13.43 9.72
CA TYR B 95 3.59 -13.78 8.83
C TYR B 95 4.85 -13.91 9.66
N ASN B 96 5.47 -15.08 9.60
CA ASN B 96 6.59 -15.42 10.46
C ASN B 96 7.69 -16.17 9.71
N SER B 97 7.80 -15.95 8.40
CA SER B 97 8.79 -16.64 7.58
C SER B 97 9.48 -15.66 6.65
N ARG B 98 10.79 -15.89 6.43
CA ARG B 98 11.52 -15.14 5.41
C ARG B 98 11.18 -15.59 4.00
N THR B 99 10.60 -16.78 3.85
CA THR B 99 10.21 -17.26 2.54
C THR B 99 8.91 -16.59 2.11
N ASP B 100 8.90 -16.06 0.89
CA ASP B 100 7.68 -15.42 0.38
C ASP B 100 6.53 -16.41 0.37
N LYS B 101 5.41 -16.03 0.98
CA LYS B 101 4.27 -16.92 1.07
C LYS B 101 3.04 -16.17 0.57
N PRO B 102 2.03 -16.90 0.09
CA PRO B 102 0.89 -16.23 -0.53
C PRO B 102 0.08 -15.39 0.46
N TRP B 103 -0.49 -14.31 -0.07
CA TRP B 103 -1.55 -13.55 0.60
C TRP B 103 -2.86 -14.27 0.32
N PRO B 104 -3.48 -14.91 1.32
CA PRO B 104 -4.62 -15.81 1.02
C PRO B 104 -5.92 -15.07 0.80
N VAL B 105 -6.03 -14.43 -0.35
CA VAL B 105 -7.21 -13.63 -0.71
C VAL B 105 -7.78 -14.18 -2.01
N ALA B 106 -9.11 -14.33 -2.05
CA ALA B 106 -9.79 -14.73 -3.27
C ALA B 106 -11.17 -14.12 -3.29
N LEU B 107 -11.57 -13.63 -4.46
CA LEU B 107 -12.91 -13.10 -4.68
C LEU B 107 -13.79 -14.18 -5.26
N TYR B 108 -15.00 -14.31 -4.71
CA TYR B 108 -16.01 -15.23 -5.25
C TYR B 108 -17.18 -14.38 -5.72
N LEU B 109 -17.37 -14.33 -7.03
CA LEU B 109 -18.27 -13.39 -7.68
C LEU B 109 -19.24 -14.18 -8.53
N THR B 110 -20.53 -13.92 -8.35
CA THR B 110 -21.53 -14.61 -9.15
C THR B 110 -22.34 -13.60 -9.96
N PRO B 111 -22.63 -13.89 -11.23
CA PRO B 111 -23.33 -12.90 -12.05
C PRO B 111 -24.72 -12.62 -11.54
N VAL B 112 -25.09 -11.33 -11.54
CA VAL B 112 -26.47 -10.96 -11.31
C VAL B 112 -27.26 -11.26 -12.59
N SER B 113 -28.55 -11.56 -12.43
CA SER B 113 -29.35 -11.99 -13.57
C SER B 113 -29.37 -10.92 -14.67
N SER B 114 -29.25 -9.65 -14.30
CA SER B 114 -29.29 -8.54 -15.25
C SER B 114 -27.92 -8.24 -15.86
N ALA B 115 -26.94 -9.12 -15.66
CA ALA B 115 -25.60 -8.87 -16.16
C ALA B 115 -25.61 -8.80 -17.68
N GLY B 116 -24.75 -7.96 -18.25
CA GLY B 116 -24.68 -7.88 -19.69
C GLY B 116 -23.69 -8.89 -20.23
N GLY B 117 -23.79 -9.13 -21.54
CA GLY B 117 -22.96 -10.12 -22.20
C GLY B 117 -21.50 -10.06 -21.80
N VAL B 118 -20.81 -9.00 -22.20
CA VAL B 118 -19.41 -8.83 -21.88
C VAL B 118 -19.38 -8.30 -20.46
N ALA B 119 -19.27 -9.20 -19.48
CA ALA B 119 -19.41 -8.80 -18.08
C ALA B 119 -18.17 -8.11 -17.55
N ILE B 120 -16.99 -8.48 -18.03
CA ILE B 120 -15.74 -7.81 -17.67
C ILE B 120 -14.94 -7.59 -18.94
N LYS B 121 -14.39 -6.40 -19.09
CA LYS B 121 -13.64 -6.03 -20.28
C LYS B 121 -12.15 -6.27 -20.06
N ALA B 122 -11.50 -6.83 -21.08
CA ALA B 122 -10.05 -7.03 -21.03
C ALA B 122 -9.34 -5.73 -20.68
N GLY B 123 -8.35 -5.83 -19.80
CA GLY B 123 -7.54 -4.69 -19.42
C GLY B 123 -8.16 -3.75 -18.41
N SER B 124 -9.39 -4.01 -17.96
CA SER B 124 -10.06 -3.10 -17.05
C SER B 124 -9.65 -3.35 -15.61
N LEU B 125 -9.66 -2.28 -14.82
CA LEU B 125 -9.53 -2.40 -13.38
C LEU B 125 -10.78 -3.07 -12.81
N ILE B 126 -10.57 -4.16 -12.06
CA ILE B 126 -11.69 -4.90 -11.48
C ILE B 126 -11.72 -4.81 -9.95
N ALA B 127 -10.61 -4.49 -9.30
CA ALA B 127 -10.62 -4.42 -7.84
C ALA B 127 -9.38 -3.68 -7.35
N VAL B 128 -9.49 -3.14 -6.15
CA VAL B 128 -8.37 -2.57 -5.42
C VAL B 128 -8.37 -3.20 -4.03
N LEU B 129 -7.31 -3.92 -3.70
CA LEU B 129 -7.18 -4.60 -2.43
C LEU B 129 -6.02 -3.98 -1.67
N ILE B 130 -6.30 -3.55 -0.44
CA ILE B 130 -5.31 -2.87 0.39
C ILE B 130 -4.90 -3.82 1.50
N LEU B 131 -3.64 -4.19 1.50
CA LEU B 131 -3.04 -5.00 2.55
C LEU B 131 -2.42 -4.05 3.58
N ARG B 132 -2.81 -4.21 4.84
CA ARG B 132 -2.33 -3.38 5.93
C ARG B 132 -1.48 -4.23 6.86
N GLN B 133 -0.24 -3.81 7.07
CA GLN B 133 0.75 -4.58 7.84
C GLN B 133 1.13 -3.85 9.12
N THR B 134 1.07 -4.57 10.23
CA THR B 134 1.57 -4.07 11.52
C THR B 134 2.49 -5.12 12.14
N ASN B 135 2.93 -4.91 13.37
CA ASN B 135 3.82 -5.85 14.03
C ASN B 135 3.66 -5.73 15.54
N ASN B 136 4.41 -6.57 16.27
CA ASN B 136 4.50 -6.53 17.73
C ASN B 136 5.81 -5.92 18.19
N TYR B 137 6.36 -4.98 17.42
CA TYR B 137 7.72 -4.49 17.60
C TYR B 137 7.77 -2.98 17.79
N ASN B 138 7.11 -2.23 16.92
CA ASN B 138 7.11 -0.77 16.97
C ASN B 138 5.73 -0.29 16.50
N SER B 139 5.66 0.94 16.01
CA SER B 139 4.39 1.53 15.61
C SER B 139 4.18 1.51 14.09
N ASP B 140 4.91 0.66 13.37
CA ASP B 140 4.74 0.58 11.92
C ASP B 140 3.30 0.25 11.56
N ASP B 141 2.76 0.99 10.59
CA ASP B 141 1.40 0.78 10.10
C ASP B 141 1.41 1.13 8.62
N PHE B 142 1.60 0.11 7.78
CA PHE B 142 1.91 0.29 6.37
C PHE B 142 0.83 -0.33 5.50
N GLN B 143 0.54 0.33 4.38
CA GLN B 143 -0.50 -0.09 3.45
C GLN B 143 0.14 -0.52 2.13
N PHE B 144 -0.14 -1.75 1.71
CA PHE B 144 0.30 -2.27 0.42
C PHE B 144 -0.93 -2.31 -0.49
N VAL B 145 -0.92 -1.48 -1.54
CA VAL B 145 -2.09 -1.27 -2.37
C VAL B 145 -1.93 -2.11 -3.64
N TRP B 146 -2.87 -3.03 -3.86
CA TRP B 146 -2.83 -3.95 -4.98
C TRP B 146 -3.96 -3.59 -5.94
N ASN B 147 -3.61 -3.15 -7.15
CA ASN B 147 -4.57 -2.78 -8.18
C ASN B 147 -4.73 -3.96 -9.13
N ILE B 148 -5.92 -4.55 -9.14
CA ILE B 148 -6.18 -5.81 -9.84
C ILE B 148 -6.80 -5.49 -11.20
N TYR B 149 -6.18 -5.98 -12.27
CA TYR B 149 -6.63 -5.73 -13.63
C TYR B 149 -6.94 -7.04 -14.34
N ALA B 150 -7.96 -7.01 -15.18
CA ALA B 150 -8.37 -8.19 -15.95
C ALA B 150 -7.49 -8.33 -17.19
N ASN B 151 -6.96 -9.53 -17.40
CA ASN B 151 -6.16 -9.83 -18.57
C ASN B 151 -7.00 -10.08 -19.82
N ASN B 152 -8.28 -10.40 -19.65
CA ASN B 152 -9.10 -10.84 -20.78
C ASN B 152 -10.56 -10.54 -20.50
N ASP B 153 -11.37 -10.64 -21.55
CA ASP B 153 -12.81 -10.50 -21.41
C ASP B 153 -13.37 -11.67 -20.62
N VAL B 154 -14.38 -11.37 -19.80
CA VAL B 154 -15.19 -12.39 -19.14
C VAL B 154 -16.61 -12.26 -19.66
N VAL B 155 -17.13 -13.37 -20.18
CA VAL B 155 -18.40 -13.41 -20.87
C VAL B 155 -19.44 -14.15 -20.03
N VAL B 156 -20.65 -13.59 -19.97
CA VAL B 156 -21.79 -14.27 -19.34
C VAL B 156 -22.80 -14.58 -20.44
N PRO B 157 -22.85 -15.80 -20.97
CA PRO B 157 -23.82 -16.11 -22.02
C PRO B 157 -25.25 -16.14 -21.48
N THR B 158 -26.21 -15.91 -22.37
CA THR B 158 -27.61 -16.16 -22.02
C THR B 158 -27.93 -17.61 -22.31
N PHE C 1 -13.63 15.93 -17.88
CA PHE C 1 -13.97 16.17 -16.44
C PHE C 1 -13.75 17.63 -16.08
N ALA C 2 -14.73 18.23 -15.39
CA ALA C 2 -14.64 19.62 -14.96
C ALA C 2 -15.58 19.82 -13.79
N CYS C 3 -15.36 20.94 -13.07
CA CYS C 3 -16.09 21.22 -11.85
C CYS C 3 -16.49 22.69 -11.82
N LYS C 4 -17.51 22.99 -11.02
CA LYS C 4 -17.94 24.37 -10.81
C LYS C 4 -18.41 24.54 -9.38
N THR C 5 -18.40 25.78 -8.90
CA THR C 5 -18.91 26.11 -7.59
C THR C 5 -20.39 26.51 -7.67
N ALA C 6 -20.99 26.72 -6.49
CA ALA C 6 -22.40 27.06 -6.43
C ALA C 6 -22.70 28.39 -7.09
N ASN C 7 -21.76 29.34 -7.06
CA ASN C 7 -21.96 30.63 -7.69
C ASN C 7 -21.48 30.66 -9.14
N GLY C 8 -21.07 29.51 -9.70
CA GLY C 8 -20.77 29.40 -11.10
C GLY C 8 -19.31 29.49 -11.48
N THR C 9 -18.39 29.55 -10.51
CA THR C 9 -16.97 29.57 -10.83
C THR C 9 -16.53 28.18 -11.29
N ALA C 10 -15.89 28.12 -12.46
CA ALA C 10 -15.48 26.88 -13.08
C ALA C 10 -13.98 26.66 -12.96
N ILE C 11 -13.60 25.41 -12.72
CA ILE C 11 -12.26 24.92 -13.05
C ILE C 11 -12.41 23.96 -14.22
N PRO C 12 -11.80 24.24 -15.37
CA PRO C 12 -12.09 23.47 -16.59
C PRO C 12 -11.25 22.20 -16.65
N ILE C 13 -11.43 21.49 -17.77
CA ILE C 13 -10.63 20.30 -18.07
C ILE C 13 -9.15 20.61 -17.84
N GLY C 14 -8.45 19.71 -17.15
CA GLY C 14 -7.04 19.86 -16.86
C GLY C 14 -6.73 20.36 -15.48
N GLY C 15 -7.72 20.79 -14.72
CA GLY C 15 -7.50 21.24 -13.36
C GLY C 15 -7.23 22.72 -13.26
N GLY C 16 -6.92 23.14 -12.05
CA GLY C 16 -6.67 24.52 -11.72
C GLY C 16 -6.98 24.78 -10.26
N SER C 17 -7.33 26.02 -9.95
CA SER C 17 -7.67 26.39 -8.59
C SER C 17 -8.79 27.43 -8.60
N ALA C 18 -9.61 27.40 -7.57
CA ALA C 18 -10.71 28.34 -7.42
C ALA C 18 -10.99 28.58 -5.95
N ASN C 19 -11.73 29.65 -5.68
CA ASN C 19 -12.10 30.05 -4.33
C ASN C 19 -13.55 29.65 -4.03
N VAL C 20 -13.78 29.15 -2.82
CA VAL C 20 -15.10 28.74 -2.37
C VAL C 20 -15.40 29.42 -1.04
N TYR C 21 -16.49 30.18 -0.99
CA TYR C 21 -16.89 30.94 0.20
C TYR C 21 -18.11 30.28 0.82
N VAL C 22 -17.97 29.81 2.07
CA VAL C 22 -18.98 28.99 2.73
C VAL C 22 -19.54 29.72 3.95
N ASN C 23 -20.86 29.63 4.13
CA ASN C 23 -21.49 30.11 5.35
C ASN C 23 -21.33 29.09 6.47
N LEU C 24 -21.11 29.59 7.68
CA LEU C 24 -20.81 28.75 8.83
C LEU C 24 -21.77 29.05 9.98
N ALA C 25 -22.10 28.03 10.74
CA ALA C 25 -22.88 28.21 11.96
C ALA C 25 -22.20 29.28 12.83
N PRO C 26 -22.90 30.35 13.20
CA PRO C 26 -22.20 31.47 13.86
C PRO C 26 -21.81 31.19 15.30
N VAL C 27 -22.40 30.21 15.96
CA VAL C 27 -22.11 29.90 17.35
C VAL C 27 -21.93 28.39 17.47
N VAL C 28 -20.78 27.97 17.98
CA VAL C 28 -20.47 26.56 18.19
C VAL C 28 -19.90 26.41 19.58
N ASN C 29 -20.59 25.65 20.43
CA ASN C 29 -20.13 25.40 21.79
C ASN C 29 -19.15 24.24 21.81
N VAL C 30 -18.28 24.25 22.82
CA VAL C 30 -17.44 23.09 23.07
C VAL C 30 -18.33 21.87 23.22
N GLY C 31 -17.96 20.78 22.54
CA GLY C 31 -18.79 19.60 22.48
C GLY C 31 -19.65 19.51 21.24
N GLN C 32 -19.99 20.64 20.64
CA GLN C 32 -20.79 20.67 19.43
C GLN C 32 -19.89 20.49 18.21
N ASN C 33 -20.48 20.07 17.10
CA ASN C 33 -19.78 20.02 15.82
C ASN C 33 -20.10 21.23 14.97
N LEU C 34 -19.08 21.77 14.32
CA LEU C 34 -19.23 22.70 13.21
C LEU C 34 -19.08 21.92 11.92
N VAL C 35 -20.09 21.98 11.06
CA VAL C 35 -20.11 21.22 9.81
C VAL C 35 -19.86 22.19 8.66
N VAL C 36 -18.82 21.91 7.88
CA VAL C 36 -18.53 22.64 6.65
C VAL C 36 -18.83 21.69 5.49
N ASP C 37 -20.03 21.81 4.91
CA ASP C 37 -20.52 20.87 3.90
C ASP C 37 -20.18 21.42 2.52
N LEU C 38 -19.16 20.85 1.87
CA LEU C 38 -18.81 21.27 0.51
C LEU C 38 -19.63 20.56 -0.56
N SER C 39 -20.40 19.53 -0.23
CA SER C 39 -21.18 18.85 -1.26
C SER C 39 -22.26 19.73 -1.85
N THR C 40 -22.65 20.81 -1.16
CA THR C 40 -23.57 21.79 -1.70
C THR C 40 -22.86 22.93 -2.41
N GLN C 41 -21.54 22.94 -2.41
CA GLN C 41 -20.76 24.05 -2.96
C GLN C 41 -19.88 23.68 -4.15
N ILE C 42 -19.52 22.41 -4.30
CA ILE C 42 -18.62 21.98 -5.37
C ILE C 42 -19.28 20.83 -6.11
N PHE C 43 -19.33 20.95 -7.44
CA PHE C 43 -19.99 19.98 -8.31
C PHE C 43 -19.09 19.66 -9.49
N CYS C 44 -19.18 18.42 -10.00
CA CYS C 44 -18.32 17.96 -11.08
C CYS C 44 -19.10 17.01 -11.99
N HIS C 45 -18.58 16.83 -13.21
CA HIS C 45 -19.20 15.95 -14.19
C HIS C 45 -18.15 15.27 -15.05
N ASN C 46 -18.58 14.21 -15.72
CA ASN C 46 -17.76 13.48 -16.68
C ASN C 46 -18.10 13.97 -18.09
N ASP C 47 -17.08 14.29 -18.87
CA ASP C 47 -17.30 14.91 -20.17
C ASP C 47 -17.50 13.92 -21.31
N TYR C 48 -17.26 12.62 -21.11
CA TYR C 48 -17.63 11.60 -22.10
C TYR C 48 -17.84 10.27 -21.40
N PRO C 49 -18.98 10.10 -20.72
CA PRO C 49 -19.20 8.90 -19.91
C PRO C 49 -19.43 7.63 -20.71
N GLU C 50 -19.73 7.72 -22.01
CA GLU C 50 -19.99 6.50 -22.77
C GLU C 50 -18.71 5.66 -22.93
N THR C 51 -17.55 6.32 -22.98
CA THR C 51 -16.28 5.64 -23.18
C THR C 51 -15.33 5.73 -21.99
N ILE C 52 -15.47 6.76 -21.15
CA ILE C 52 -14.49 7.08 -20.14
C ILE C 52 -15.15 7.08 -18.77
N THR C 53 -14.48 6.45 -17.81
CA THR C 53 -14.85 6.52 -16.40
C THR C 53 -13.83 7.38 -15.67
N ASP C 54 -14.30 8.41 -14.97
CA ASP C 54 -13.44 9.30 -14.22
C ASP C 54 -13.35 8.85 -12.77
N TYR C 55 -12.15 8.93 -12.21
CA TYR C 55 -11.91 8.60 -10.81
C TYR C 55 -11.49 9.86 -10.07
N VAL C 56 -12.04 10.07 -8.87
CA VAL C 56 -11.88 11.34 -8.16
C VAL C 56 -11.62 11.04 -6.69
N THR C 57 -10.49 11.51 -6.17
CA THR C 57 -10.14 11.38 -4.77
C THR C 57 -10.04 12.76 -4.12
N LEU C 58 -10.19 12.77 -2.80
CA LEU C 58 -9.67 13.87 -1.98
C LEU C 58 -8.23 13.51 -1.69
N GLN C 59 -7.32 14.10 -2.46
CA GLN C 59 -5.92 13.71 -2.32
C GLN C 59 -5.34 14.20 -1.00
N ARG C 60 -5.62 15.46 -0.66
CA ARG C 60 -5.09 16.06 0.54
C ARG C 60 -5.95 17.24 0.96
N GLY C 61 -6.03 17.46 2.27
CA GLY C 61 -6.75 18.59 2.84
C GLY C 61 -5.98 19.26 3.95
N SER C 62 -5.72 20.57 3.80
CA SER C 62 -4.99 21.35 4.78
C SER C 62 -5.91 22.36 5.45
N ALA C 63 -5.62 22.66 6.71
CA ALA C 63 -6.41 23.59 7.51
C ALA C 63 -5.64 24.89 7.73
N TYR C 64 -6.37 26.00 7.82
CA TYR C 64 -5.77 27.31 7.98
C TYR C 64 -6.64 28.16 8.91
N GLY C 65 -6.08 29.28 9.34
CA GLY C 65 -6.80 30.21 10.21
C GLY C 65 -7.28 29.54 11.48
N GLY C 66 -8.54 29.84 11.84
CA GLY C 66 -9.11 29.32 13.08
C GLY C 66 -9.43 27.84 13.04
N VAL C 67 -9.63 27.28 11.84
CA VAL C 67 -9.85 25.84 11.73
C VAL C 67 -8.59 25.08 12.11
N LEU C 68 -7.42 25.62 11.74
CA LEU C 68 -6.15 24.99 12.12
C LEU C 68 -5.97 24.99 13.63
N SER C 69 -6.17 26.15 14.26
CA SER C 69 -5.75 26.34 15.64
C SER C 69 -6.80 25.98 16.68
N ASN C 70 -8.08 26.19 16.40
CA ASN C 70 -9.12 26.13 17.42
C ASN C 70 -9.99 24.88 17.34
N PHE C 71 -9.80 24.04 16.33
CA PHE C 71 -10.67 22.89 16.16
C PHE C 71 -9.87 21.61 15.92
N SER C 72 -10.49 20.51 16.28
CA SER C 72 -10.07 19.16 15.93
C SER C 72 -11.21 18.54 15.13
N GLY C 73 -10.88 17.64 14.21
CA GLY C 73 -11.95 17.04 13.46
C GLY C 73 -11.48 16.10 12.38
N THR C 74 -12.44 15.78 11.51
CA THR C 74 -12.30 14.78 10.46
C THR C 74 -12.93 15.36 9.20
N VAL C 75 -12.63 14.71 8.08
CA VAL C 75 -13.30 14.98 6.82
C VAL C 75 -14.05 13.71 6.43
N LYS C 76 -15.32 13.86 6.08
CA LYS C 76 -16.12 12.75 5.60
C LYS C 76 -16.10 12.81 4.07
N TYR C 77 -15.63 11.74 3.44
CA TYR C 77 -15.61 11.65 1.98
C TYR C 77 -16.46 10.46 1.56
N SER C 78 -17.55 10.75 0.86
CA SER C 78 -18.44 9.72 0.34
C SER C 78 -18.75 8.65 1.39
N GLY C 79 -19.09 9.11 2.59
CA GLY C 79 -19.59 8.24 3.64
C GLY C 79 -18.55 7.68 4.59
N SER C 80 -17.26 7.87 4.32
CA SER C 80 -16.20 7.44 5.24
C SER C 80 -15.50 8.67 5.82
N SER C 81 -15.02 8.52 7.06
CA SER C 81 -14.37 9.60 7.77
C SER C 81 -12.86 9.34 7.89
N TYR C 82 -12.09 10.41 7.76
CA TYR C 82 -10.64 10.36 7.87
C TYR C 82 -10.18 11.55 8.69
N PRO C 83 -8.94 11.54 9.18
CA PRO C 83 -8.43 12.72 9.89
C PRO C 83 -8.42 13.95 9.00
N PHE C 84 -8.62 15.11 9.62
CA PHE C 84 -8.45 16.38 8.96
C PHE C 84 -7.71 17.33 9.90
N PRO C 85 -6.55 17.91 9.51
CA PRO C 85 -5.83 17.80 8.24
C PRO C 85 -5.54 16.35 7.84
N THR C 86 -5.55 16.06 6.54
CA THR C 86 -5.46 14.69 6.08
C THR C 86 -4.05 14.13 6.21
N THR C 87 -3.97 12.81 6.33
CA THR C 87 -2.71 12.09 6.38
C THR C 87 -2.49 11.16 5.20
N SER C 88 -3.51 10.96 4.34
CA SER C 88 -3.35 10.10 3.19
C SER C 88 -4.46 10.39 2.18
N GLU C 89 -4.25 9.93 0.95
CA GLU C 89 -5.24 10.07 -0.10
C GLU C 89 -6.41 9.12 0.12
N THR C 90 -7.63 9.62 -0.10
CA THR C 90 -8.84 8.81 0.09
C THR C 90 -9.01 7.84 -1.06
N PRO C 91 -9.91 6.87 -0.92
CA PRO C 91 -10.30 6.04 -2.07
C PRO C 91 -11.08 6.86 -3.09
N ARG C 92 -11.26 6.25 -4.27
CA ARG C 92 -11.84 6.95 -5.40
C ARG C 92 -13.37 6.93 -5.38
N VAL C 93 -13.95 8.00 -5.91
CA VAL C 93 -15.37 8.08 -6.24
C VAL C 93 -15.46 8.10 -7.76
N VAL C 94 -16.48 7.44 -8.30
CA VAL C 94 -16.66 7.29 -9.75
C VAL C 94 -17.62 8.37 -10.24
N TYR C 95 -17.23 9.05 -11.32
CA TYR C 95 -18.09 10.01 -12.00
C TYR C 95 -18.38 9.49 -13.40
N ASN C 96 -19.66 9.31 -13.73
CA ASN C 96 -20.07 8.67 -14.98
C ASN C 96 -21.26 9.37 -15.62
N SER C 97 -21.45 10.67 -15.36
CA SER C 97 -22.58 11.42 -15.89
C SER C 97 -22.12 12.79 -16.36
N ARG C 98 -22.74 13.28 -17.44
CA ARG C 98 -22.51 14.66 -17.85
C ARG C 98 -23.20 15.66 -16.92
N THR C 99 -24.14 15.22 -16.10
CA THR C 99 -24.82 16.12 -15.18
C THR C 99 -23.95 16.39 -13.97
N ASP C 100 -23.76 17.67 -13.65
CA ASP C 100 -22.98 18.04 -12.49
C ASP C 100 -23.58 17.44 -11.23
N LYS C 101 -22.77 16.70 -10.48
CA LYS C 101 -23.19 16.05 -9.25
C LYS C 101 -22.21 16.44 -8.16
N PRO C 102 -22.62 16.37 -6.89
CA PRO C 102 -21.77 16.90 -5.82
C PRO C 102 -20.45 16.14 -5.63
N TRP C 103 -19.43 16.90 -5.20
CA TRP C 103 -18.21 16.34 -4.63
C TRP C 103 -18.50 16.06 -3.16
N PRO C 104 -18.61 14.79 -2.74
CA PRO C 104 -19.17 14.50 -1.40
C PRO C 104 -18.15 14.66 -0.27
N VAL C 105 -17.84 15.92 0.04
CA VAL C 105 -16.85 16.28 1.05
C VAL C 105 -17.51 17.13 2.11
N ALA C 106 -17.24 16.83 3.37
CA ALA C 106 -17.71 17.66 4.48
C ALA C 106 -16.71 17.57 5.62
N LEU C 107 -16.41 18.72 6.23
CA LEU C 107 -15.56 18.78 7.40
C LEU C 107 -16.43 18.77 8.66
N TYR C 108 -16.05 17.95 9.63
CA TYR C 108 -16.70 17.90 10.94
C TYR C 108 -15.68 18.34 11.98
N LEU C 109 -15.92 19.51 12.57
CA LEU C 109 -14.93 20.20 13.39
C LEU C 109 -15.51 20.48 14.76
N THR C 110 -14.79 20.10 15.81
CA THR C 110 -15.25 20.40 17.16
C THR C 110 -14.23 21.26 17.89
N PRO C 111 -14.67 22.28 18.63
CA PRO C 111 -13.71 23.19 19.27
C PRO C 111 -12.84 22.47 20.30
N VAL C 112 -11.55 22.84 20.32
CA VAL C 112 -10.68 22.40 21.39
C VAL C 112 -11.03 23.15 22.67
N SER C 113 -10.75 22.52 23.81
CA SER C 113 -11.19 23.06 25.09
C SER C 113 -10.68 24.47 25.35
N SER C 114 -9.50 24.82 24.82
CA SER C 114 -8.90 26.12 25.10
C SER C 114 -9.36 27.22 24.15
N ALA C 115 -10.29 26.94 23.23
CA ALA C 115 -10.80 27.97 22.34
C ALA C 115 -11.88 28.78 23.03
N GLY C 116 -11.96 30.05 22.66
CA GLY C 116 -12.96 30.96 23.21
C GLY C 116 -12.94 32.29 22.49
N GLY C 117 -14.13 32.82 22.20
CA GLY C 117 -14.22 34.07 21.47
C GLY C 117 -14.49 33.82 20.00
N VAL C 118 -13.96 34.67 19.14
CA VAL C 118 -14.17 34.55 17.69
C VAL C 118 -13.21 33.47 17.20
N ALA C 119 -13.70 32.23 17.08
CA ALA C 119 -12.83 31.11 16.74
C ALA C 119 -12.47 31.09 15.25
N ILE C 120 -13.35 31.60 14.39
CA ILE C 120 -13.08 31.73 12.96
C ILE C 120 -13.51 33.12 12.53
N LYS C 121 -12.67 33.78 11.75
CA LYS C 121 -12.89 35.14 11.30
C LYS C 121 -13.50 35.18 9.91
N ALA C 122 -14.49 36.06 9.74
CA ALA C 122 -15.09 36.29 8.42
C ALA C 122 -14.01 36.60 7.39
N GLY C 123 -14.17 36.00 6.21
CA GLY C 123 -13.27 36.25 5.11
C GLY C 123 -11.94 35.52 5.15
N SER C 124 -11.68 34.75 6.20
CA SER C 124 -10.39 34.07 6.32
C SER C 124 -10.37 32.77 5.54
N LEU C 125 -9.19 32.43 5.02
CA LEU C 125 -8.96 31.10 4.46
C LEU C 125 -8.98 30.09 5.59
N ILE C 126 -9.82 29.06 5.47
CA ILE C 126 -9.92 28.03 6.49
C ILE C 126 -9.44 26.66 6.02
N ALA C 127 -9.34 26.44 4.71
CA ALA C 127 -8.91 25.14 4.23
C ALA C 127 -8.51 25.22 2.77
N VAL C 128 -7.65 24.29 2.37
CA VAL C 128 -7.31 24.05 0.98
C VAL C 128 -7.50 22.56 0.75
N LEU C 129 -8.46 22.22 -0.12
CA LEU C 129 -8.83 20.84 -0.40
C LEU C 129 -8.51 20.54 -1.85
N ILE C 130 -7.78 19.44 -2.08
CA ILE C 130 -7.31 19.11 -3.42
C ILE C 130 -8.05 17.89 -3.94
N LEU C 131 -8.77 18.10 -5.02
CA LEU C 131 -9.46 17.05 -5.75
C LEU C 131 -8.53 16.55 -6.85
N ARG C 132 -8.28 15.23 -6.86
CA ARG C 132 -7.40 14.61 -7.84
C ARG C 132 -8.23 13.71 -8.74
N GLN C 133 -8.16 13.95 -10.05
CA GLN C 133 -8.99 13.26 -11.02
C GLN C 133 -8.11 12.44 -11.96
N THR C 134 -8.47 11.16 -12.13
CA THR C 134 -7.84 10.30 -13.12
C THR C 134 -8.94 9.62 -13.93
N ASN C 135 -8.58 8.67 -14.81
CA ASN C 135 -9.58 8.00 -15.63
C ASN C 135 -9.07 6.62 -16.03
N ASN C 136 -9.89 5.88 -16.77
CA ASN C 136 -9.54 4.58 -17.33
C ASN C 136 -9.21 4.67 -18.82
N TYR C 137 -8.67 5.81 -19.25
CA TYR C 137 -8.55 6.12 -20.67
C TYR C 137 -7.11 6.42 -21.08
N ASN C 138 -6.43 7.29 -20.35
CA ASN C 138 -5.06 7.67 -20.66
C ASN C 138 -4.34 7.93 -19.34
N SER C 139 -3.28 8.74 -19.37
CA SER C 139 -2.47 8.99 -18.18
C SER C 139 -2.80 10.34 -17.54
N ASP C 140 -3.97 10.90 -17.82
CA ASP C 140 -4.37 12.16 -17.21
C ASP C 140 -4.36 12.05 -15.69
N ASP C 141 -3.76 13.06 -15.03
CA ASP C 141 -3.68 13.11 -13.58
C ASP C 141 -3.75 14.59 -13.19
N PHE C 142 -4.95 15.06 -12.88
CA PHE C 142 -5.23 16.48 -12.75
C PHE C 142 -5.67 16.80 -11.32
N GLN C 143 -5.21 17.95 -10.84
CA GLN C 143 -5.49 18.40 -9.48
C GLN C 143 -6.34 19.66 -9.53
N PHE C 144 -7.50 19.60 -8.89
CA PHE C 144 -8.40 20.74 -8.77
C PHE C 144 -8.26 21.27 -7.34
N VAL C 145 -7.74 22.48 -7.22
CA VAL C 145 -7.39 23.08 -5.93
C VAL C 145 -8.52 23.98 -5.50
N TRP C 146 -9.12 23.68 -4.35
CA TRP C 146 -10.26 24.41 -3.83
C TRP C 146 -9.83 25.16 -2.58
N ASN C 147 -9.86 26.50 -2.65
CA ASN C 147 -9.48 27.36 -1.54
C ASN C 147 -10.76 27.77 -0.81
N ILE C 148 -10.91 27.30 0.43
CA ILE C 148 -12.15 27.43 1.18
C ILE C 148 -12.03 28.64 2.11
N TYR C 149 -12.98 29.56 2.03
CA TYR C 149 -12.99 30.78 2.82
C TYR C 149 -14.25 30.86 3.66
N ALA C 150 -14.12 31.40 4.88
CA ALA C 150 -15.27 31.56 5.76
C ALA C 150 -16.02 32.84 5.41
N ASN C 151 -17.35 32.72 5.26
CA ASN C 151 -18.19 33.87 4.95
C ASN C 151 -18.50 34.73 6.17
N ASN C 152 -18.37 34.21 7.38
CA ASN C 152 -18.80 34.93 8.57
C ASN C 152 -18.00 34.46 9.77
N ASP C 153 -18.09 35.25 10.85
CA ASP C 153 -17.45 34.89 12.11
C ASP C 153 -18.12 33.66 12.72
N VAL C 154 -17.32 32.82 13.36
CA VAL C 154 -17.81 31.72 14.19
C VAL C 154 -17.36 31.99 15.62
N VAL C 155 -18.32 32.02 16.54
CA VAL C 155 -18.06 32.34 17.94
C VAL C 155 -18.16 31.06 18.76
N VAL C 156 -17.19 30.86 19.66
CA VAL C 156 -17.21 29.76 20.62
C VAL C 156 -17.41 30.35 22.00
N PRO C 157 -18.60 30.28 22.58
CA PRO C 157 -18.81 30.85 23.92
C PRO C 157 -18.06 30.07 24.98
N THR C 158 -17.77 30.76 26.08
CA THR C 158 -17.25 30.10 27.28
C THR C 158 -18.42 29.59 28.13
N PHE D 1 19.41 -4.00 4.15
CA PHE D 1 20.50 -4.43 3.23
C PHE D 1 20.50 -5.95 3.06
N ALA D 2 20.57 -6.39 1.81
CA ALA D 2 20.60 -7.82 1.50
C ALA D 2 21.22 -7.98 0.12
N CYS D 3 21.63 -9.21 -0.17
CA CYS D 3 22.41 -9.49 -1.38
C CYS D 3 21.87 -10.76 -2.03
N LYS D 4 22.17 -10.91 -3.31
CA LYS D 4 21.80 -12.12 -4.04
C LYS D 4 22.88 -12.46 -5.05
N THR D 5 22.91 -13.74 -5.44
CA THR D 5 23.82 -14.20 -6.48
C THR D 5 23.12 -14.19 -7.84
N ALA D 6 23.91 -14.47 -8.89
CA ALA D 6 23.37 -14.45 -10.24
C ALA D 6 22.31 -15.52 -10.45
N ASN D 7 22.40 -16.65 -9.74
CA ASN D 7 21.41 -17.71 -9.87
C ASN D 7 20.26 -17.56 -8.88
N GLY D 8 20.22 -16.47 -8.12
CA GLY D 8 19.08 -16.18 -7.26
C GLY D 8 19.25 -16.51 -5.80
N THR D 9 20.44 -16.93 -5.36
CA THR D 9 20.65 -17.20 -3.95
C THR D 9 20.71 -15.90 -3.17
N ALA D 10 19.90 -15.81 -2.12
CA ALA D 10 19.84 -14.61 -1.29
C ALA D 10 20.52 -14.86 0.05
N ILE D 11 21.23 -13.87 0.53
CA ILE D 11 21.58 -13.74 1.95
C ILE D 11 20.77 -12.57 2.49
N PRO D 12 19.86 -12.79 3.44
CA PRO D 12 18.91 -11.74 3.82
C PRO D 12 19.50 -10.75 4.81
N ILE D 13 18.66 -9.80 5.22
CA ILE D 13 19.03 -8.83 6.25
C ILE D 13 19.64 -9.58 7.43
N GLY D 14 20.76 -9.05 7.93
CA GLY D 14 21.48 -9.65 9.03
C GLY D 14 22.68 -10.48 8.64
N GLY D 15 22.88 -10.74 7.36
CA GLY D 15 24.03 -11.49 6.92
C GLY D 15 23.77 -12.97 6.85
N GLY D 16 24.85 -13.70 6.57
CA GLY D 16 24.81 -15.14 6.41
C GLY D 16 25.95 -15.60 5.52
N SER D 17 25.74 -16.74 4.87
CA SER D 17 26.74 -17.26 3.96
C SER D 17 26.06 -17.93 2.77
N ALA D 18 26.73 -17.88 1.62
CA ALA D 18 26.20 -18.49 0.41
C ALA D 18 27.36 -18.95 -0.46
N ASN D 19 27.04 -19.84 -1.40
CA ASN D 19 28.00 -20.39 -2.34
C ASN D 19 27.86 -19.71 -3.70
N VAL D 20 29.00 -19.39 -4.31
CA VAL D 20 29.04 -18.72 -5.61
C VAL D 20 29.94 -19.53 -6.53
N TYR D 21 29.40 -19.99 -7.65
CA TYR D 21 30.11 -20.82 -8.62
C TYR D 21 30.40 -19.98 -9.86
N VAL D 22 31.69 -19.82 -10.17
CA VAL D 22 32.14 -18.86 -11.18
C VAL D 22 32.75 -19.59 -12.37
N ASN D 23 32.41 -19.13 -13.57
CA ASN D 23 33.03 -19.62 -14.80
C ASN D 23 34.39 -18.97 -14.97
N LEU D 24 35.38 -19.77 -15.36
CA LEU D 24 36.76 -19.32 -15.43
C LEU D 24 37.34 -19.61 -16.80
N ALA D 25 38.21 -18.71 -17.26
CA ALA D 25 38.96 -18.94 -18.48
C ALA D 25 39.65 -20.30 -18.40
N PRO D 26 39.43 -21.20 -19.36
CA PRO D 26 39.94 -22.58 -19.19
C PRO D 26 41.44 -22.73 -19.38
N VAL D 27 42.12 -21.79 -20.04
CA VAL D 27 43.55 -21.90 -20.29
C VAL D 27 44.20 -20.56 -19.96
N VAL D 28 45.19 -20.57 -19.07
CA VAL D 28 45.91 -19.36 -18.67
C VAL D 28 47.40 -19.65 -18.67
N ASN D 29 48.15 -18.94 -19.51
CA ASN D 29 49.59 -19.11 -19.56
C ASN D 29 50.29 -18.28 -18.49
N VAL D 30 51.48 -18.73 -18.10
CA VAL D 30 52.35 -17.90 -17.28
C VAL D 30 52.55 -16.56 -17.97
N GLY D 31 52.42 -15.48 -17.21
CA GLY D 31 52.46 -14.14 -17.75
C GLY D 31 51.08 -13.53 -17.98
N GLN D 32 50.08 -14.36 -18.22
CA GLN D 32 48.71 -13.91 -18.39
C GLN D 32 48.00 -13.81 -17.04
N ASN D 33 46.93 -13.01 -17.02
CA ASN D 33 46.09 -12.87 -15.84
C ASN D 33 44.84 -13.75 -15.95
N LEU D 34 44.47 -14.37 -14.85
CA LEU D 34 43.15 -14.98 -14.69
C LEU D 34 42.26 -14.02 -13.89
N VAL D 35 41.09 -13.69 -14.44
CA VAL D 35 40.16 -12.76 -13.82
C VAL D 35 39.01 -13.55 -13.22
N VAL D 36 38.78 -13.39 -11.93
CA VAL D 36 37.60 -13.92 -11.25
C VAL D 36 36.73 -12.72 -10.90
N ASP D 37 35.75 -12.43 -11.77
CA ASP D 37 34.94 -11.23 -11.66
C ASP D 37 33.66 -11.54 -10.88
N LEU D 38 33.62 -11.14 -9.62
CA LEU D 38 32.41 -11.32 -8.82
C LEU D 38 31.38 -10.21 -8.99
N SER D 39 31.73 -9.10 -9.64
CA SER D 39 30.77 -8.02 -9.81
C SER D 39 29.60 -8.42 -10.70
N THR D 40 29.76 -9.47 -11.50
CA THR D 40 28.65 -10.02 -12.27
C THR D 40 27.94 -11.15 -11.55
N GLN D 41 28.41 -11.54 -10.36
CA GLN D 41 27.86 -12.69 -9.65
C GLN D 41 27.21 -12.34 -8.32
N ILE D 42 27.57 -11.22 -7.70
CA ILE D 42 27.05 -10.86 -6.38
C ILE D 42 26.51 -9.44 -6.45
N PHE D 43 25.28 -9.25 -5.99
CA PHE D 43 24.58 -7.99 -6.06
C PHE D 43 23.93 -7.68 -4.71
N CYS D 44 23.81 -6.40 -4.38
CA CYS D 44 23.26 -5.97 -3.11
C CYS D 44 22.45 -4.70 -3.29
N HIS D 45 21.59 -4.41 -2.32
CA HIS D 45 20.76 -3.22 -2.36
C HIS D 45 20.54 -2.69 -0.95
N ASN D 46 20.09 -1.44 -0.87
CA ASN D 46 19.74 -0.77 0.38
C ASN D 46 18.23 -0.86 0.56
N ASP D 47 17.79 -1.30 1.75
CA ASP D 47 16.38 -1.57 1.98
C ASP D 47 15.59 -0.35 2.43
N TYR D 48 16.24 0.76 2.77
CA TYR D 48 15.54 2.03 3.00
C TYR D 48 16.49 3.20 2.78
N PRO D 49 16.77 3.53 1.52
CA PRO D 49 17.82 4.53 1.23
C PRO D 49 17.43 5.97 1.57
N GLU D 50 16.14 6.29 1.77
CA GLU D 50 15.78 7.67 2.07
C GLU D 50 16.26 8.09 3.45
N THR D 51 16.36 7.13 4.39
CA THR D 51 16.75 7.43 5.76
C THR D 51 18.10 6.83 6.15
N ILE D 52 18.55 5.77 5.48
CA ILE D 52 19.70 4.99 5.90
C ILE D 52 20.70 4.94 4.75
N THR D 53 21.97 5.16 5.06
CA THR D 53 23.07 4.93 4.14
C THR D 53 23.83 3.70 4.59
N ASP D 54 24.00 2.73 3.68
CA ASP D 54 24.71 1.50 3.98
C ASP D 54 26.16 1.61 3.52
N TYR D 55 27.07 1.09 4.36
CA TYR D 55 28.50 1.05 4.06
C TYR D 55 28.94 -0.40 3.93
N VAL D 56 29.76 -0.68 2.91
CA VAL D 56 30.11 -2.06 2.55
C VAL D 56 31.59 -2.15 2.22
N THR D 57 32.32 -3.00 2.95
CA THR D 57 33.72 -3.27 2.70
C THR D 57 33.92 -4.73 2.31
N LEU D 58 35.04 -4.98 1.63
CA LEU D 58 35.61 -6.33 1.58
C LEU D 58 36.49 -6.42 2.81
N GLN D 59 35.98 -7.03 3.88
CA GLN D 59 36.73 -7.01 5.14
C GLN D 59 37.92 -7.95 5.07
N ARG D 60 37.76 -9.13 4.47
CA ARG D 60 38.85 -10.09 4.38
C ARG D 60 38.58 -11.05 3.23
N GLY D 61 39.66 -11.47 2.58
CA GLY D 61 39.58 -12.43 1.48
C GLY D 61 40.65 -13.50 1.57
N SER D 62 40.23 -14.76 1.63
CA SER D 62 41.12 -15.91 1.75
C SER D 62 41.10 -16.75 0.48
N ALA D 63 42.24 -17.39 0.19
CA ALA D 63 42.41 -18.22 -0.99
C ALA D 63 42.45 -19.70 -0.60
N TYR D 64 41.96 -20.55 -1.51
CA TYR D 64 41.89 -21.98 -1.26
C TYR D 64 42.19 -22.73 -2.54
N GLY D 65 42.42 -24.03 -2.40
CA GLY D 65 42.66 -24.89 -3.55
C GLY D 65 43.80 -24.39 -4.41
N GLY D 66 43.58 -24.41 -5.72
CA GLY D 66 44.61 -24.03 -6.66
C GLY D 66 44.92 -22.55 -6.70
N VAL D 67 43.97 -21.71 -6.28
CA VAL D 67 44.24 -20.28 -6.22
C VAL D 67 45.27 -19.97 -5.13
N LEU D 68 45.20 -20.69 -4.01
CA LEU D 68 46.19 -20.51 -2.95
C LEU D 68 47.58 -20.89 -3.42
N SER D 69 47.72 -22.05 -4.05
CA SER D 69 49.03 -22.63 -4.30
C SER D 69 49.66 -22.23 -5.64
N ASN D 70 48.86 -22.02 -6.68
CA ASN D 70 49.39 -21.90 -8.03
C ASN D 70 49.36 -20.48 -8.59
N PHE D 71 48.79 -19.51 -7.86
CA PHE D 71 48.65 -18.17 -8.37
C PHE D 71 49.11 -17.14 -7.35
N SER D 72 49.54 -16.01 -7.87
CA SER D 72 49.80 -14.79 -7.11
C SER D 72 48.89 -13.70 -7.67
N GLY D 73 48.46 -12.77 -6.84
CA GLY D 73 47.59 -11.73 -7.37
C GLY D 73 47.08 -10.76 -6.34
N THR D 74 46.07 -10.02 -6.78
CA THR D 74 45.48 -8.90 -6.06
C THR D 74 43.96 -8.99 -6.20
N VAL D 75 43.26 -8.23 -5.36
CA VAL D 75 41.83 -8.04 -5.48
C VAL D 75 41.57 -6.58 -5.81
N LYS D 76 40.76 -6.33 -6.82
CA LYS D 76 40.33 -4.99 -7.19
C LYS D 76 38.96 -4.73 -6.58
N TYR D 77 38.87 -3.72 -5.71
CA TYR D 77 37.63 -3.35 -5.06
C TYR D 77 37.30 -1.90 -5.45
N SER D 78 36.21 -1.73 -6.17
CA SER D 78 35.74 -0.40 -6.57
C SER D 78 36.89 0.43 -7.14
N GLY D 79 37.67 -0.19 -8.02
CA GLY D 79 38.69 0.51 -8.78
C GLY D 79 40.06 0.58 -8.14
N SER D 80 40.21 0.15 -6.89
CA SER D 80 41.51 0.11 -6.23
C SER D 80 41.93 -1.33 -6.00
N SER D 81 43.25 -1.56 -6.02
CA SER D 81 43.81 -2.89 -5.89
C SER D 81 44.48 -3.07 -4.52
N TYR D 82 44.34 -4.26 -3.97
CA TYR D 82 44.92 -4.62 -2.68
C TYR D 82 45.49 -6.03 -2.80
N PRO D 83 46.36 -6.42 -1.87
CA PRO D 83 46.87 -7.80 -1.90
C PRO D 83 45.75 -8.82 -1.78
N PHE D 84 45.95 -9.97 -2.42
CA PHE D 84 45.07 -11.11 -2.23
C PHE D 84 45.94 -12.37 -2.12
N PRO D 85 45.84 -13.16 -1.03
CA PRO D 85 44.98 -13.03 0.14
C PRO D 85 45.14 -11.69 0.84
N THR D 86 44.04 -11.17 1.40
CA THR D 86 44.05 -9.83 1.94
C THR D 86 44.77 -9.78 3.28
N THR D 87 45.31 -8.61 3.59
CA THR D 87 45.94 -8.35 4.87
C THR D 87 45.20 -7.31 5.70
N SER D 88 44.21 -6.63 5.13
CA SER D 88 43.48 -5.59 5.85
C SER D 88 42.14 -5.35 5.19
N GLU D 89 41.25 -4.70 5.94
CA GLU D 89 39.92 -4.33 5.46
C GLU D 89 39.99 -3.16 4.49
N THR D 90 39.22 -3.24 3.40
CA THR D 90 39.19 -2.19 2.39
C THR D 90 38.37 -1.00 2.88
N PRO D 91 38.45 0.12 2.17
CA PRO D 91 37.53 1.23 2.44
C PRO D 91 36.10 0.88 2.02
N ARG D 92 35.17 1.72 2.44
CA ARG D 92 33.75 1.46 2.26
C ARG D 92 33.25 1.91 0.88
N VAL D 93 32.26 1.16 0.38
CA VAL D 93 31.46 1.56 -0.76
C VAL D 93 30.05 1.86 -0.26
N VAL D 94 29.42 2.87 -0.85
CA VAL D 94 28.12 3.34 -0.39
C VAL D 94 27.04 2.67 -1.21
N TYR D 95 26.02 2.11 -0.54
CA TYR D 95 24.83 1.58 -1.19
C TYR D 95 23.65 2.44 -0.79
N ASN D 96 22.98 3.03 -1.79
CA ASN D 96 21.94 4.01 -1.53
C ASN D 96 20.74 3.82 -2.46
N SER D 97 20.53 2.60 -2.95
CA SER D 97 19.45 2.31 -3.87
C SER D 97 18.80 0.98 -3.50
N ARG D 98 17.47 0.91 -3.69
CA ARG D 98 16.77 -0.36 -3.56
C ARG D 98 17.06 -1.31 -4.71
N THR D 99 17.59 -0.79 -5.83
CA THR D 99 17.90 -1.62 -6.98
C THR D 99 19.20 -2.38 -6.74
N ASP D 100 19.16 -3.69 -6.93
CA ASP D 100 20.34 -4.51 -6.74
C ASP D 100 21.46 -4.04 -7.65
N LYS D 101 22.62 -3.76 -7.07
CA LYS D 101 23.79 -3.30 -7.77
C LYS D 101 24.99 -4.16 -7.43
N PRO D 102 25.97 -4.21 -8.32
CA PRO D 102 27.08 -5.15 -8.14
C PRO D 102 27.91 -4.83 -6.90
N TRP D 103 28.42 -5.90 -6.30
CA TRP D 103 29.52 -5.80 -5.35
C TRP D 103 30.80 -5.76 -6.19
N PRO D 104 31.48 -4.62 -6.26
CA PRO D 104 32.55 -4.50 -7.29
C PRO D 104 33.87 -5.13 -6.86
N VAL D 105 33.90 -6.46 -6.89
CA VAL D 105 35.07 -7.24 -6.47
C VAL D 105 35.51 -8.11 -7.64
N ALA D 106 36.83 -8.14 -7.88
CA ALA D 106 37.40 -9.03 -8.88
C ALA D 106 38.80 -9.42 -8.46
N LEU D 107 39.14 -10.70 -8.64
CA LEU D 107 40.48 -11.19 -8.38
C LEU D 107 41.29 -11.19 -9.67
N TYR D 108 42.53 -10.70 -9.58
CA TYR D 108 43.48 -10.73 -10.70
C TYR D 108 44.64 -11.62 -10.28
N LEU D 109 44.75 -12.79 -10.92
CA LEU D 109 45.61 -13.86 -10.48
C LEU D 109 46.53 -14.25 -11.63
N THR D 110 47.84 -14.34 -11.35
CA THR D 110 48.76 -14.76 -12.38
C THR D 110 49.49 -16.03 -11.95
N PRO D 111 49.66 -17.00 -12.85
CA PRO D 111 50.30 -18.27 -12.44
C PRO D 111 51.73 -18.06 -11.99
N VAL D 112 52.10 -18.77 -10.91
CA VAL D 112 53.51 -18.84 -10.52
C VAL D 112 54.25 -19.73 -11.49
N SER D 113 55.55 -19.48 -11.64
CA SER D 113 56.34 -20.17 -12.66
C SER D 113 56.30 -21.69 -12.46
N SER D 114 56.16 -22.15 -11.22
CA SER D 114 56.17 -23.60 -10.99
C SER D 114 54.80 -24.24 -11.17
N ALA D 115 53.78 -23.48 -11.54
CA ALA D 115 52.45 -24.05 -11.74
C ALA D 115 52.42 -24.87 -13.02
N GLY D 116 51.65 -25.96 -13.01
CA GLY D 116 51.51 -26.76 -14.20
C GLY D 116 50.24 -27.58 -14.17
N GLY D 117 49.94 -28.17 -15.33
CA GLY D 117 48.76 -29.01 -15.46
C GLY D 117 47.48 -28.30 -15.08
N VAL D 118 46.62 -29.03 -14.36
CA VAL D 118 45.32 -28.51 -13.93
C VAL D 118 45.58 -27.65 -12.69
N ALA D 119 45.68 -26.34 -12.89
CA ALA D 119 46.03 -25.44 -11.79
C ALA D 119 44.85 -25.22 -10.85
N ILE D 120 43.62 -25.27 -11.36
CA ILE D 120 42.41 -25.16 -10.55
C ILE D 120 41.46 -26.26 -11.00
N LYS D 121 40.87 -26.95 -10.03
CA LYS D 121 39.99 -28.09 -10.31
C LYS D 121 38.53 -27.66 -10.28
N ALA D 122 37.76 -28.15 -11.25
CA ALA D 122 36.32 -27.93 -11.28
C ALA D 122 35.70 -28.33 -9.95
N GLY D 123 34.77 -27.49 -9.47
CA GLY D 123 34.05 -27.77 -8.25
C GLY D 123 34.78 -27.49 -6.97
N SER D 124 36.04 -27.03 -7.02
CA SER D 124 36.79 -26.80 -5.80
C SER D 124 36.48 -25.42 -5.24
N LEU D 125 36.55 -25.32 -3.90
CA LEU D 125 36.51 -24.02 -3.24
C LEU D 125 37.81 -23.28 -3.55
N ILE D 126 37.71 -22.08 -4.08
CA ILE D 126 38.87 -21.29 -4.45
C ILE D 126 39.03 -20.02 -3.62
N ALA D 127 37.98 -19.54 -2.97
CA ALA D 127 38.11 -18.33 -2.16
C ALA D 127 36.92 -18.21 -1.22
N VAL D 128 37.16 -17.50 -0.12
CA VAL D 128 36.12 -17.08 0.81
C VAL D 128 36.27 -15.58 0.99
N LEU D 129 35.24 -14.83 0.60
CA LEU D 129 35.25 -13.38 0.65
C LEU D 129 34.15 -12.93 1.60
N ILE D 130 34.50 -12.08 2.55
CA ILE D 130 33.57 -11.61 3.57
C ILE D 130 33.21 -10.17 3.29
N LEU D 131 31.93 -9.93 3.01
CA LEU D 131 31.38 -8.60 2.85
C LEU D 131 30.86 -8.12 4.19
N ARG D 132 31.34 -6.96 4.63
CA ARG D 132 30.95 -6.37 5.90
C ARG D 132 30.12 -5.13 5.65
N GLN D 133 28.90 -5.12 6.17
CA GLN D 133 27.96 -4.03 5.94
C GLN D 133 27.64 -3.32 7.25
N THR D 134 27.75 -2.00 7.24
CA THR D 134 27.33 -1.14 8.35
C THR D 134 26.45 -0.04 7.81
N ASN D 135 26.07 0.92 8.65
CA ASN D 135 25.21 2.00 8.21
C ASN D 135 25.45 3.23 9.09
N ASN D 136 24.73 4.32 8.76
CA ASN D 136 24.74 5.55 9.54
C ASN D 136 23.48 5.68 10.39
N TYR D 137 22.92 4.56 10.84
CA TYR D 137 21.61 4.50 11.44
C TYR D 137 21.64 3.90 12.84
N ASN D 138 22.29 2.75 13.01
CA ASN D 138 22.36 2.09 14.31
C ASN D 138 23.72 1.41 14.39
N SER D 139 23.83 0.37 15.22
CA SER D 139 25.09 -0.33 15.43
C SER D 139 25.17 -1.63 14.66
N ASP D 140 24.34 -1.79 13.62
CA ASP D 140 24.39 -3.00 12.82
C ASP D 140 25.78 -3.19 12.23
N ASP D 141 26.29 -4.41 12.33
CA ASP D 141 27.62 -4.76 11.82
C ASP D 141 27.51 -6.21 11.34
N PHE D 142 27.21 -6.38 10.07
CA PHE D 142 26.82 -7.68 9.52
C PHE D 142 27.83 -8.13 8.49
N GLN D 143 28.13 -9.42 8.51
CA GLN D 143 29.09 -10.04 7.62
C GLN D 143 28.38 -11.02 6.70
N PHE D 144 28.55 -10.82 5.40
CA PHE D 144 28.01 -11.70 4.38
C PHE D 144 29.17 -12.52 3.83
N VAL D 145 29.12 -13.83 4.05
CA VAL D 145 30.23 -14.72 3.74
C VAL D 145 29.96 -15.36 2.39
N TRP D 146 30.85 -15.13 1.44
CA TRP D 146 30.70 -15.63 0.07
C TRP D 146 31.74 -16.71 -0.16
N ASN D 147 31.29 -17.94 -0.37
CA ASN D 147 32.16 -19.08 -0.61
C ASN D 147 32.24 -19.27 -2.12
N ILE D 148 33.42 -19.02 -2.69
CA ILE D 148 33.62 -18.95 -4.14
C ILE D 148 34.14 -20.29 -4.62
N TYR D 149 33.45 -20.90 -5.58
CA TYR D 149 33.80 -22.19 -6.12
C TYR D 149 34.07 -22.08 -7.62
N ALA D 150 35.01 -22.88 -8.10
CA ALA D 150 35.34 -22.90 -9.52
C ALA D 150 34.37 -23.78 -10.27
N ASN D 151 33.79 -23.27 -11.35
CA ASN D 151 32.86 -24.03 -12.17
C ASN D 151 33.56 -25.02 -13.09
N ASN D 152 34.84 -24.83 -13.37
CA ASN D 152 35.51 -25.63 -14.38
C ASN D 152 37.00 -25.67 -14.10
N ASP D 153 37.68 -26.60 -14.77
CA ASP D 153 39.12 -26.69 -14.67
C ASP D 153 39.77 -25.47 -15.33
N VAL D 154 40.88 -25.02 -14.73
CA VAL D 154 41.74 -24.02 -15.35
C VAL D 154 43.10 -24.68 -15.56
N VAL D 155 43.58 -24.65 -16.80
CA VAL D 155 44.83 -25.30 -17.17
C VAL D 155 45.89 -24.23 -17.40
N VAL D 156 47.08 -24.47 -16.85
CA VAL D 156 48.25 -23.62 -17.09
C VAL D 156 49.25 -24.43 -17.90
N PRO D 157 49.35 -24.23 -19.21
CA PRO D 157 50.30 -25.02 -19.99
C PRO D 157 51.74 -24.67 -19.64
N THR D 158 52.63 -25.62 -19.90
CA THR D 158 54.06 -25.35 -19.80
C THR D 158 54.57 -24.77 -21.11
N PHE E 1 7.75 32.38 10.28
CA PHE E 1 7.99 32.27 8.81
C PHE E 1 6.78 32.77 8.04
N ALA E 2 7.04 33.63 7.05
CA ALA E 2 5.99 34.19 6.20
C ALA E 2 6.63 34.62 4.90
N CYS E 3 5.78 34.83 3.89
CA CYS E 3 6.24 35.10 2.54
C CYS E 3 5.41 36.22 1.93
N LYS E 4 5.97 36.88 0.93
CA LYS E 4 5.22 37.89 0.20
C LYS E 4 5.65 37.90 -1.26
N THR E 5 4.77 38.42 -2.11
CA THR E 5 5.04 38.55 -3.53
C THR E 5 5.67 39.90 -3.84
N ALA E 6 6.07 40.08 -5.10
CA ALA E 6 6.73 41.32 -5.50
C ALA E 6 5.82 42.53 -5.38
N ASN E 7 4.52 42.35 -5.57
CA ASN E 7 3.57 43.45 -5.45
C ASN E 7 2.96 43.57 -4.05
N GLY E 8 3.45 42.81 -3.08
CA GLY E 8 3.04 42.96 -1.71
C GLY E 8 2.02 41.99 -1.14
N THR E 9 1.66 40.93 -1.88
CA THR E 9 0.75 39.94 -1.30
C THR E 9 1.48 39.13 -0.26
N ALA E 10 0.89 39.04 0.93
CA ALA E 10 1.48 38.27 2.00
C ALA E 10 0.68 36.97 2.14
N ILE E 11 1.40 35.89 2.38
CA ILE E 11 0.84 34.70 3.01
C ILE E 11 1.44 34.65 4.41
N PRO E 12 0.64 34.77 5.46
CA PRO E 12 1.19 34.98 6.80
C PRO E 12 1.61 33.67 7.45
N ILE E 13 2.08 33.79 8.69
CA ILE E 13 2.42 32.63 9.50
C ILE E 13 1.29 31.62 9.44
N GLY E 14 1.64 30.36 9.20
CA GLY E 14 0.67 29.29 9.10
C GLY E 14 0.33 28.87 7.68
N GLY E 15 0.79 29.61 6.68
CA GLY E 15 0.53 29.24 5.31
C GLY E 15 -0.74 29.85 4.76
N GLY E 16 -1.07 29.43 3.56
CA GLY E 16 -2.24 29.91 2.85
C GLY E 16 -2.01 29.78 1.35
N SER E 17 -2.68 30.63 0.58
CA SER E 17 -2.51 30.61 -0.86
C SER E 17 -2.58 32.04 -1.39
N ALA E 18 -1.85 32.29 -2.47
CA ALA E 18 -1.83 33.60 -3.10
C ALA E 18 -1.60 33.43 -4.59
N ASN E 19 -1.91 34.49 -5.34
CA ASN E 19 -1.77 34.52 -6.78
C ASN E 19 -0.51 35.29 -7.17
N VAL E 20 0.23 34.74 -8.14
CA VAL E 20 1.46 35.35 -8.62
C VAL E 20 1.38 35.46 -10.14
N TYR E 21 1.50 36.68 -10.64
CA TYR E 21 1.40 36.97 -12.06
C TYR E 21 2.80 37.32 -12.58
N VAL E 22 3.30 36.52 -13.52
CA VAL E 22 4.69 36.60 -13.94
C VAL E 22 4.75 37.04 -15.40
N ASN E 23 5.67 37.93 -15.72
CA ASN E 23 5.95 38.29 -17.11
C ASN E 23 6.83 37.24 -17.76
N LEU E 24 6.51 36.93 -19.01
CA LEU E 24 7.17 35.86 -19.73
C LEU E 24 7.71 36.38 -21.04
N ALA E 25 8.84 35.84 -21.47
CA ALA E 25 9.38 36.16 -22.77
C ALA E 25 8.29 35.96 -23.83
N PRO E 26 7.95 36.98 -24.61
CA PRO E 26 6.77 36.85 -25.48
C PRO E 26 6.97 35.93 -26.66
N VAL E 27 8.20 35.65 -27.08
CA VAL E 27 8.46 34.80 -28.23
C VAL E 27 9.50 33.77 -27.82
N VAL E 28 9.17 32.49 -27.97
CA VAL E 28 10.07 31.39 -27.64
C VAL E 28 10.06 30.40 -28.80
N ASN E 29 11.21 30.21 -29.44
CA ASN E 29 11.34 29.29 -30.55
C ASN E 29 11.63 27.88 -30.05
N VAL E 30 11.27 26.90 -30.88
CA VAL E 30 11.70 25.54 -30.62
C VAL E 30 13.22 25.53 -30.49
N GLY E 31 13.73 24.87 -29.46
CA GLY E 31 15.13 24.87 -29.15
C GLY E 31 15.52 25.86 -28.06
N GLN E 32 14.78 26.94 -27.91
CA GLN E 32 15.02 27.90 -26.84
C GLN E 32 14.31 27.45 -25.57
N ASN E 33 14.79 27.97 -24.44
CA ASN E 33 14.15 27.76 -23.15
C ASN E 33 13.30 28.97 -22.78
N LEU E 34 12.13 28.71 -22.22
CA LEU E 34 11.34 29.72 -21.54
C LEU E 34 11.59 29.60 -20.04
N VAL E 35 11.99 30.72 -19.43
CA VAL E 35 12.31 30.75 -18.01
C VAL E 35 11.17 31.44 -17.28
N VAL E 36 10.60 30.75 -16.30
CA VAL E 36 9.62 31.33 -15.39
C VAL E 36 10.34 31.48 -14.06
N ASP E 37 10.88 32.67 -13.81
CA ASP E 37 11.72 32.92 -12.66
C ASP E 37 10.87 33.47 -11.52
N LEU E 38 10.54 32.61 -10.56
CA LEU E 38 9.80 33.02 -9.38
C LEU E 38 10.69 33.58 -8.28
N SER E 39 12.01 33.43 -8.40
CA SER E 39 12.90 33.93 -7.35
C SER E 39 12.86 35.45 -7.26
N THR E 40 12.42 36.13 -8.31
CA THR E 40 12.21 37.56 -8.27
C THR E 40 10.77 37.93 -7.89
N GLN E 41 9.90 36.93 -7.70
CA GLN E 41 8.49 37.17 -7.46
C GLN E 41 7.99 36.72 -6.09
N ILE E 42 8.68 35.78 -5.44
CA ILE E 42 8.26 35.22 -4.17
C ILE E 42 9.42 35.33 -3.18
N PHE E 43 9.15 35.88 -2.00
CA PHE E 43 10.17 36.11 -0.99
C PHE E 43 9.64 35.64 0.36
N CYS E 44 10.56 35.19 1.21
CA CYS E 44 10.19 34.68 2.53
C CYS E 44 11.27 35.04 3.54
N HIS E 45 10.91 34.98 4.81
CA HIS E 45 11.84 35.32 5.88
C HIS E 45 11.57 34.46 7.10
N ASN E 46 12.56 34.40 7.97
CA ASN E 46 12.50 33.69 9.26
C ASN E 46 12.17 34.69 10.35
N ASP E 47 11.17 34.37 11.18
CA ASP E 47 10.68 35.32 12.17
C ASP E 47 11.43 35.27 13.51
N TYR E 48 12.27 34.26 13.73
CA TYR E 48 13.18 34.34 14.87
C TYR E 48 14.39 33.46 14.62
N PRO E 49 15.32 33.90 13.77
CA PRO E 49 16.40 33.01 13.31
C PRO E 49 17.44 32.66 14.36
N GLU E 50 17.53 33.41 15.47
CA GLU E 50 18.54 33.08 16.48
C GLU E 50 18.21 31.79 17.20
N THR E 51 16.93 31.46 17.32
CA THR E 51 16.48 30.29 18.05
C THR E 51 15.87 29.23 17.16
N ILE E 52 15.35 29.60 15.99
CA ILE E 52 14.60 28.71 15.13
C ILE E 52 15.24 28.74 13.75
N THR E 53 15.45 27.56 13.17
CA THR E 53 15.87 27.42 11.79
C THR E 53 14.69 26.91 10.98
N ASP E 54 14.35 27.62 9.91
CA ASP E 54 13.23 27.22 9.06
C ASP E 54 13.74 26.40 7.89
N TYR E 55 13.00 25.35 7.56
CA TYR E 55 13.30 24.48 6.44
C TYR E 55 12.18 24.60 5.42
N VAL E 56 12.54 24.70 4.15
CA VAL E 56 11.58 25.02 3.10
C VAL E 56 11.86 24.12 1.89
N THR E 57 10.85 23.36 1.49
CA THR E 57 10.93 22.52 0.31
C THR E 57 9.93 23.01 -0.73
N LEU E 58 10.20 22.67 -1.98
CA LEU E 58 9.17 22.64 -3.02
C LEU E 58 8.55 21.25 -2.94
N GLN E 59 7.41 21.15 -2.26
CA GLN E 59 6.83 19.83 -2.03
C GLN E 59 6.21 19.25 -3.30
N ARG E 60 5.53 20.09 -4.07
CA ARG E 60 4.88 19.65 -5.29
C ARG E 60 4.67 20.81 -6.25
N GLY E 61 4.78 20.50 -7.54
CA GLY E 61 4.56 21.46 -8.60
C GLY E 61 3.76 20.90 -9.75
N SER E 62 2.61 21.50 -10.04
CA SER E 62 1.74 21.05 -11.11
C SER E 62 1.70 22.09 -12.22
N ALA E 63 1.51 21.61 -13.45
CA ALA E 63 1.46 22.44 -14.64
C ALA E 63 0.04 22.53 -15.15
N TYR E 64 -0.31 23.67 -15.74
CA TYR E 64 -1.66 23.90 -16.23
C TYR E 64 -1.62 24.68 -17.53
N GLY E 65 -2.76 24.73 -18.21
CA GLY E 65 -2.87 25.49 -19.45
C GLY E 65 -1.83 25.07 -20.46
N GLY E 66 -1.21 26.06 -21.10
CA GLY E 66 -0.23 25.81 -22.14
C GLY E 66 1.09 25.26 -21.64
N VAL E 67 1.44 25.50 -20.37
CA VAL E 67 2.65 24.92 -19.82
C VAL E 67 2.51 23.40 -19.72
N LEU E 68 1.31 22.93 -19.37
CA LEU E 68 1.07 21.49 -19.31
C LEU E 68 1.21 20.86 -20.68
N SER E 69 0.56 21.44 -21.68
CA SER E 69 0.40 20.78 -22.97
C SER E 69 1.50 21.09 -23.98
N ASN E 70 2.07 22.29 -23.97
CA ASN E 70 2.93 22.75 -25.06
C ASN E 70 4.41 22.76 -24.69
N PHE E 71 4.78 22.42 -23.46
CA PHE E 71 6.16 22.47 -23.06
C PHE E 71 6.55 21.19 -22.32
N SER E 72 7.84 20.89 -22.38
CA SER E 72 8.49 19.91 -21.53
C SER E 72 9.56 20.67 -20.76
N GLY E 73 9.86 20.23 -19.54
CA GLY E 73 10.88 20.96 -18.82
C GLY E 73 11.08 20.44 -17.41
N THR E 74 11.78 21.27 -16.65
CA THR E 74 12.27 20.94 -15.32
C THR E 74 12.04 22.15 -14.44
N VAL E 75 12.16 21.95 -13.13
CA VAL E 75 12.18 23.04 -12.17
C VAL E 75 13.55 23.05 -11.52
N LYS E 76 14.18 24.23 -11.47
CA LYS E 76 15.44 24.40 -10.77
C LYS E 76 15.12 24.97 -9.39
N TYR E 77 15.48 24.21 -8.35
CA TYR E 77 15.29 24.63 -6.98
C TYR E 77 16.64 24.71 -6.29
N SER E 78 17.03 25.92 -5.89
CA SER E 78 18.29 26.14 -5.18
C SER E 78 19.44 25.40 -5.84
N GLY E 79 19.52 25.53 -7.17
CA GLY E 79 20.66 25.05 -7.93
C GLY E 79 20.57 23.63 -8.45
N SER E 80 19.55 22.86 -8.03
CA SER E 80 19.34 21.52 -8.54
C SER E 80 18.07 21.48 -9.39
N SER E 81 18.07 20.60 -10.38
CA SER E 81 16.95 20.46 -11.31
C SER E 81 16.23 19.14 -11.05
N TYR E 82 14.90 19.18 -11.18
CA TYR E 82 14.05 18.02 -11.02
C TYR E 82 13.01 18.05 -12.12
N PRO E 83 12.33 16.94 -12.38
CA PRO E 83 11.25 16.96 -13.36
C PRO E 83 10.17 17.96 -12.98
N PHE E 84 9.53 18.53 -13.99
CA PHE E 84 8.35 19.36 -13.79
C PHE E 84 7.32 18.99 -14.85
N PRO E 85 6.09 18.57 -14.49
CA PRO E 85 5.51 18.42 -13.15
C PRO E 85 6.36 17.55 -12.23
N THR E 86 6.36 17.85 -10.93
CA THR E 86 7.25 17.17 -10.00
C THR E 86 6.75 15.76 -9.70
N THR E 87 7.70 14.90 -9.34
CA THR E 87 7.42 13.53 -8.93
C THR E 87 7.73 13.27 -7.47
N SER E 88 8.41 14.20 -6.79
CA SER E 88 8.77 14.00 -5.39
C SER E 88 9.08 15.34 -4.76
N GLU E 89 9.10 15.35 -3.42
CA GLU E 89 9.44 16.55 -2.67
C GLU E 89 10.94 16.79 -2.73
N THR E 90 11.32 18.07 -2.90
CA THR E 90 12.73 18.42 -2.98
C THR E 90 13.40 18.39 -1.61
N PRO E 91 14.72 18.46 -1.57
CA PRO E 91 15.41 18.68 -0.29
C PRO E 91 15.16 20.09 0.22
N ARG E 92 15.55 20.30 1.48
CA ARG E 92 15.21 21.53 2.17
C ARG E 92 16.18 22.66 1.84
N VAL E 93 15.63 23.88 1.82
CA VAL E 93 16.40 25.11 1.80
C VAL E 93 16.26 25.76 3.17
N VAL E 94 17.34 26.35 3.67
CA VAL E 94 17.37 26.93 5.01
C VAL E 94 17.14 28.43 4.91
N TYR E 95 16.25 28.94 5.76
CA TYR E 95 16.02 30.36 5.92
C TYR E 95 16.44 30.76 7.33
N ASN E 96 17.37 31.72 7.44
CA ASN E 96 17.92 32.09 8.72
C ASN E 96 18.01 33.61 8.87
N SER E 97 17.15 34.34 8.17
CA SER E 97 17.21 35.80 8.18
C SER E 97 15.81 36.38 8.33
N ARG E 98 15.73 37.49 9.07
CA ARG E 98 14.50 38.27 9.15
C ARG E 98 14.24 39.05 7.86
N THR E 99 15.26 39.24 7.03
CA THR E 99 15.09 39.96 5.78
C THR E 99 14.46 39.04 4.74
N ASP E 100 13.41 39.53 4.09
CA ASP E 100 12.75 38.74 3.06
C ASP E 100 13.76 38.37 1.97
N LYS E 101 13.87 37.09 1.69
CA LYS E 101 14.80 36.57 0.70
C LYS E 101 14.09 35.69 -0.31
N PRO E 102 14.66 35.56 -1.51
CA PRO E 102 13.94 34.89 -2.59
C PRO E 102 13.68 33.42 -2.30
N TRP E 103 12.55 32.94 -2.81
CA TRP E 103 12.30 31.51 -2.92
C TRP E 103 12.96 31.07 -4.23
N PRO E 104 14.06 30.31 -4.17
CA PRO E 104 14.87 30.12 -5.41
C PRO E 104 14.28 29.05 -6.33
N VAL E 105 13.18 29.39 -6.99
CA VAL E 105 12.47 28.47 -7.87
C VAL E 105 12.39 29.09 -9.25
N ALA E 106 12.65 28.29 -10.27
CA ALA E 106 12.49 28.73 -11.65
C ALA E 106 12.12 27.53 -12.50
N LEU E 107 11.18 27.74 -13.43
CA LEU E 107 10.81 26.72 -14.40
C LEU E 107 11.59 26.95 -15.68
N TYR E 108 12.16 25.88 -16.21
CA TYR E 108 12.86 25.90 -17.50
C TYR E 108 12.08 25.01 -18.45
N LEU E 109 11.44 25.64 -19.44
CA LEU E 109 10.45 24.99 -20.27
C LEU E 109 10.85 25.17 -21.73
N THR E 110 10.88 24.06 -22.47
CA THR E 110 11.20 24.16 -23.88
C THR E 110 10.03 23.65 -24.71
N PRO E 111 9.67 24.33 -25.80
CA PRO E 111 8.47 23.93 -26.55
C PRO E 111 8.61 22.53 -27.14
N VAL E 112 7.51 21.77 -27.05
CA VAL E 112 7.43 20.52 -27.79
C VAL E 112 7.26 20.82 -29.28
N SER E 113 7.71 19.88 -30.11
CA SER E 113 7.84 20.15 -31.54
C SER E 113 6.52 20.56 -32.18
N SER E 114 5.41 20.02 -31.67
CA SER E 114 4.09 20.25 -32.24
C SER E 114 3.39 21.48 -31.68
N ALA E 115 4.08 22.30 -30.90
CA ALA E 115 3.43 23.43 -30.27
C ALA E 115 2.95 24.41 -31.33
N GLY E 116 1.84 25.09 -31.02
CA GLY E 116 1.29 26.05 -31.95
C GLY E 116 1.66 27.46 -31.57
N GLY E 117 1.38 28.38 -32.50
CA GLY E 117 1.72 29.78 -32.33
C GLY E 117 1.65 30.25 -30.90
N VAL E 118 0.43 30.51 -30.42
CA VAL E 118 0.20 31.02 -29.08
C VAL E 118 0.29 29.85 -28.10
N ALA E 119 1.47 29.67 -27.50
CA ALA E 119 1.71 28.52 -26.63
C ALA E 119 1.13 28.72 -25.24
N ILE E 120 1.10 29.95 -24.75
CA ILE E 120 0.53 30.29 -23.45
C ILE E 120 -0.32 31.53 -23.62
N LYS E 121 -1.52 31.52 -23.04
CA LYS E 121 -2.44 32.65 -23.17
C LYS E 121 -2.33 33.55 -21.96
N ALA E 122 -2.30 34.86 -22.22
CA ALA E 122 -2.25 35.85 -21.16
C ALA E 122 -3.37 35.63 -20.14
N GLY E 123 -3.02 35.77 -18.86
CA GLY E 123 -3.97 35.63 -17.78
C GLY E 123 -4.29 34.22 -17.39
N SER E 124 -3.72 33.22 -18.07
CA SER E 124 -4.04 31.84 -17.78
C SER E 124 -3.21 31.31 -16.62
N LEU E 125 -3.81 30.39 -15.86
CA LEU E 125 -3.07 29.65 -14.85
C LEU E 125 -2.08 28.71 -15.53
N ILE E 126 -0.81 28.82 -15.16
CA ILE E 126 0.24 27.99 -15.76
C ILE E 126 0.88 27.03 -14.78
N ALA E 127 0.78 27.27 -13.47
CA ALA E 127 1.38 26.37 -12.50
C ALA E 127 0.82 26.63 -11.12
N VAL E 128 0.90 25.60 -10.28
CA VAL E 128 0.63 25.69 -8.86
C VAL E 128 1.83 25.08 -8.14
N LEU E 129 2.53 25.90 -7.35
CA LEU E 129 3.73 25.49 -6.64
C LEU E 129 3.48 25.56 -5.15
N ILE E 130 3.79 24.49 -4.45
CA ILE E 130 3.53 24.37 -3.02
C ILE E 130 4.85 24.45 -2.27
N LEU E 131 4.98 25.50 -1.47
CA LEU E 131 6.10 25.68 -0.57
C LEU E 131 5.73 25.08 0.78
N ARG E 132 6.55 24.15 1.28
CA ARG E 132 6.32 23.49 2.55
C ARG E 132 7.39 23.92 3.53
N GLN E 133 6.96 24.48 4.67
CA GLN E 133 7.88 25.03 5.66
C GLN E 133 7.77 24.23 6.95
N THR E 134 8.92 23.81 7.47
CA THR E 134 9.05 23.20 8.78
C THR E 134 10.16 23.92 9.54
N ASN E 135 10.49 23.41 10.72
CA ASN E 135 11.54 24.04 11.52
C ASN E 135 12.18 23.00 12.44
N ASN E 136 13.17 23.46 13.21
CA ASN E 136 13.82 22.65 14.24
C ASN E 136 13.34 23.02 15.63
N TYR E 137 12.09 23.45 15.75
CA TYR E 137 11.56 24.05 16.98
C TYR E 137 10.34 23.30 17.50
N ASN E 138 9.36 23.04 16.64
CA ASN E 138 8.15 22.34 17.05
C ASN E 138 7.69 21.48 15.86
N SER E 139 6.40 21.16 15.83
CA SER E 139 5.85 20.29 14.80
C SER E 139 5.14 21.06 13.70
N ASP E 140 5.44 22.36 13.56
CA ASP E 140 4.84 23.17 12.51
C ASP E 140 5.14 22.56 11.14
N ASP E 141 4.10 22.44 10.31
CA ASP E 141 4.22 21.88 8.97
C ASP E 141 3.19 22.61 8.11
N PHE E 142 3.65 23.67 7.45
CA PHE E 142 2.76 24.64 6.79
C PHE E 142 3.01 24.64 5.29
N GLN E 143 1.93 24.75 4.54
CA GLN E 143 2.00 24.74 3.08
C GLN E 143 1.56 26.10 2.56
N PHE E 144 2.44 26.74 1.79
CA PHE E 144 2.18 28.01 1.14
C PHE E 144 1.91 27.71 -0.33
N VAL E 145 0.69 27.98 -0.78
CA VAL E 145 0.23 27.60 -2.11
C VAL E 145 0.34 28.80 -3.02
N TRP E 146 1.15 28.67 -4.07
CA TRP E 146 1.41 29.75 -5.02
C TRP E 146 0.77 29.41 -6.36
N ASN E 147 -0.21 30.20 -6.76
CA ASN E 147 -0.92 30.02 -8.02
C ASN E 147 -0.30 30.93 -9.06
N ILE E 148 0.36 30.35 -10.06
CA ILE E 148 1.19 31.09 -11.01
C ILE E 148 0.38 31.35 -12.28
N TYR E 149 0.28 32.62 -12.66
CA TYR E 149 -0.48 33.05 -13.81
C TYR E 149 0.43 33.78 -14.80
N ALA E 150 0.14 33.63 -16.09
CA ALA E 150 0.90 34.30 -17.13
C ALA E 150 0.40 35.72 -17.31
N ASN E 151 1.33 36.68 -17.33
CA ASN E 151 0.97 38.08 -17.54
C ASN E 151 0.68 38.40 -19.01
N ASN E 152 1.16 37.58 -19.94
CA ASN E 152 1.09 37.92 -21.35
C ASN E 152 1.12 36.64 -22.18
N ASP E 153 0.80 36.80 -23.45
CA ASP E 153 0.88 35.69 -24.40
C ASP E 153 2.34 35.31 -24.63
N VAL E 154 2.57 34.01 -24.80
CA VAL E 154 3.86 33.49 -25.24
C VAL E 154 3.62 32.83 -26.59
N VAL E 155 4.37 33.26 -27.60
CA VAL E 155 4.19 32.77 -28.96
C VAL E 155 5.37 31.88 -29.31
N VAL E 156 5.06 30.74 -29.92
CA VAL E 156 6.07 29.82 -30.44
C VAL E 156 5.97 29.85 -31.97
N PRO E 157 6.85 30.57 -32.67
CA PRO E 157 6.73 30.64 -34.13
C PRO E 157 7.06 29.31 -34.78
N THR E 158 6.51 29.13 -35.98
CA THR E 158 6.89 28.01 -36.83
C THR E 158 8.11 28.38 -37.64
N PHE F 1 47.16 -31.16 8.97
CA PHE F 1 45.97 -30.80 9.80
C PHE F 1 44.71 -30.76 8.94
N ALA F 2 43.66 -31.41 9.43
CA ALA F 2 42.38 -31.44 8.73
C ALA F 2 41.29 -31.75 9.74
N CYS F 3 40.04 -31.48 9.34
CA CYS F 3 38.90 -31.56 10.24
C CYS F 3 37.72 -32.23 9.54
N LYS F 4 36.80 -32.77 10.36
CA LYS F 4 35.57 -33.34 9.83
C LYS F 4 34.44 -33.11 10.81
N THR F 5 33.22 -33.17 10.29
CA THR F 5 32.01 -33.10 11.11
C THR F 5 31.57 -34.48 11.56
N ALA F 6 30.54 -34.51 12.42
CA ALA F 6 30.07 -35.77 12.96
C ALA F 6 29.49 -36.68 11.88
N ASN F 7 28.91 -36.11 10.82
CA ASN F 7 28.36 -36.93 9.75
C ASN F 7 29.36 -37.22 8.63
N GLY F 8 30.62 -36.83 8.82
CA GLY F 8 31.68 -37.20 7.90
C GLY F 8 32.08 -36.14 6.88
N THR F 9 31.52 -34.93 6.95
CA THR F 9 31.96 -33.88 6.04
C THR F 9 33.34 -33.39 6.45
N ALA F 10 34.26 -33.38 5.49
CA ALA F 10 35.64 -33.01 5.74
C ALA F 10 35.94 -31.63 5.18
N ILE F 11 36.77 -30.88 5.90
CA ILE F 11 37.53 -29.76 5.35
C ILE F 11 38.99 -30.20 5.31
N PRO F 12 39.62 -30.29 4.14
CA PRO F 12 40.94 -30.90 4.05
C PRO F 12 42.06 -29.92 4.39
N ILE F 13 43.30 -30.43 4.27
CA ILE F 13 44.49 -29.60 4.44
C ILE F 13 44.34 -28.33 3.62
N GLY F 14 44.67 -27.19 4.24
CA GLY F 14 44.58 -25.90 3.58
C GLY F 14 43.34 -25.10 3.94
N GLY F 15 42.38 -25.70 4.64
CA GLY F 15 41.18 -24.98 5.05
C GLY F 15 40.05 -25.10 4.04
N GLY F 16 38.99 -24.38 4.35
CA GLY F 16 37.77 -24.38 3.53
C GLY F 16 36.57 -24.00 4.38
N SER F 17 35.41 -24.48 3.96
CA SER F 17 34.18 -24.20 4.70
C SER F 17 33.26 -25.41 4.63
N ALA F 18 32.47 -25.61 5.69
CA ALA F 18 31.53 -26.72 5.76
C ALA F 18 30.36 -26.34 6.66
N ASN F 19 29.28 -27.10 6.53
CA ASN F 19 28.05 -26.89 7.28
C ASN F 19 27.94 -27.84 8.47
N VAL F 20 27.45 -27.31 9.59
CA VAL F 20 27.24 -28.08 10.82
C VAL F 20 25.82 -27.85 11.29
N TYR F 21 25.06 -28.94 11.42
CA TYR F 21 23.65 -28.89 11.84
C TYR F 21 23.55 -29.46 13.25
N VAL F 22 23.12 -28.63 14.21
CA VAL F 22 23.16 -28.98 15.63
C VAL F 22 21.75 -29.04 16.21
N ASN F 23 21.52 -30.05 17.04
CA ASN F 23 20.28 -30.13 17.81
C ASN F 23 20.35 -29.22 19.04
N LEU F 24 19.24 -28.56 19.34
CA LEU F 24 19.18 -27.55 20.39
C LEU F 24 18.06 -27.86 21.37
N ALA F 25 18.29 -27.54 22.64
CA ALA F 25 17.26 -27.66 23.64
C ALA F 25 16.00 -26.94 23.17
N PRO F 26 14.85 -27.61 23.05
CA PRO F 26 13.69 -26.98 22.41
C PRO F 26 13.01 -25.91 23.27
N VAL F 27 13.23 -25.88 24.57
CA VAL F 27 12.62 -24.90 25.46
C VAL F 27 13.69 -24.33 26.36
N VAL F 28 13.84 -23.00 26.34
CA VAL F 28 14.83 -22.30 27.16
C VAL F 28 14.13 -21.11 27.81
N ASN F 29 14.07 -21.10 29.14
CA ASN F 29 13.47 -19.99 29.88
C ASN F 29 14.46 -18.88 30.11
N VAL F 30 13.93 -17.67 30.29
CA VAL F 30 14.75 -16.56 30.73
C VAL F 30 15.43 -16.97 32.04
N GLY F 31 16.73 -16.72 32.13
CA GLY F 31 17.53 -17.17 33.25
C GLY F 31 18.30 -18.45 32.98
N GLN F 32 17.79 -19.31 32.11
CA GLN F 32 18.49 -20.51 31.71
C GLN F 32 19.47 -20.22 30.59
N ASN F 33 20.46 -21.10 30.43
CA ASN F 33 21.41 -21.02 29.33
C ASN F 33 21.01 -21.99 28.22
N LEU F 34 21.17 -21.55 26.98
CA LEU F 34 21.14 -22.43 25.82
C LEU F 34 22.57 -22.77 25.43
N VAL F 35 22.88 -24.05 25.34
CA VAL F 35 24.22 -24.53 25.03
C VAL F 35 24.24 -25.04 23.59
N VAL F 36 25.13 -24.49 22.78
CA VAL F 36 25.40 -25.00 21.44
C VAL F 36 26.80 -25.62 21.51
N ASP F 37 26.85 -26.92 21.73
CA ASP F 37 28.11 -27.62 21.96
C ASP F 37 28.63 -28.16 20.62
N LEU F 38 29.63 -27.48 20.07
CA LEU F 38 30.25 -27.94 18.84
C LEU F 38 31.33 -28.99 19.06
N SER F 39 31.75 -29.22 20.31
CA SER F 39 32.80 -30.20 20.57
C SER F 39 32.36 -31.61 20.24
N THR F 40 31.06 -31.87 20.16
CA THR F 40 30.59 -33.18 19.71
C THR F 40 30.34 -33.22 18.21
N GLN F 41 30.53 -32.11 17.50
CA GLN F 41 30.22 -32.00 16.08
C GLN F 41 31.41 -31.75 15.18
N ILE F 42 32.51 -31.20 15.70
CA ILE F 42 33.67 -30.83 14.89
C ILE F 42 34.91 -31.47 15.50
N PHE F 43 35.68 -32.16 14.66
CA PHE F 43 36.85 -32.89 15.09
C PHE F 43 38.01 -32.60 14.14
N CYS F 44 39.23 -32.59 14.68
CA CYS F 44 40.42 -32.29 13.90
C CYS F 44 41.59 -33.13 14.40
N HIS F 45 42.62 -33.24 13.57
CA HIS F 45 43.80 -34.02 13.91
C HIS F 45 45.05 -33.38 13.30
N ASN F 46 46.21 -33.78 13.83
CA ASN F 46 47.51 -33.38 13.34
C ASN F 46 48.08 -34.47 12.44
N ASP F 47 48.56 -34.09 11.26
CA ASP F 47 48.98 -35.06 10.25
C ASP F 47 50.44 -35.52 10.40
N TYR F 48 51.25 -34.86 11.22
CA TYR F 48 52.55 -35.43 11.57
C TYR F 48 53.03 -34.86 12.90
N PRO F 49 52.47 -35.34 14.01
CA PRO F 49 52.72 -34.68 15.30
C PRO F 49 54.12 -34.89 15.87
N GLU F 50 54.90 -35.86 15.39
CA GLU F 50 56.25 -36.03 15.95
C GLU F 50 57.17 -34.88 15.55
N THR F 51 56.91 -34.25 14.42
CA THR F 51 57.75 -33.17 13.90
C THR F 51 57.04 -31.82 13.92
N ILE F 52 55.72 -31.80 13.87
CA ILE F 52 54.95 -30.57 13.71
C ILE F 52 53.95 -30.47 14.84
N THR F 53 53.87 -29.31 15.47
CA THR F 53 52.83 -29.00 16.43
C THR F 53 51.87 -28.01 15.78
N ASP F 54 50.59 -28.33 15.78
CA ASP F 54 49.57 -27.47 15.20
C ASP F 54 48.96 -26.59 16.27
N TYR F 55 48.74 -25.32 15.93
CA TYR F 55 48.13 -24.35 16.81
C TYR F 55 46.80 -23.93 16.20
N VAL F 56 45.77 -23.85 17.04
CA VAL F 56 44.40 -23.69 16.57
C VAL F 56 43.70 -22.67 17.46
N THR F 57 43.22 -21.59 16.85
CA THR F 57 42.46 -20.56 17.54
C THR F 57 41.05 -20.51 17.00
N LEU F 58 40.14 -20.00 17.82
CA LEU F 58 38.87 -19.45 17.33
C LEU F 58 39.15 -18.01 16.96
N GLN F 59 39.37 -17.76 15.68
CA GLN F 59 39.74 -16.42 15.23
C GLN F 59 38.56 -15.47 15.31
N ARG F 60 37.38 -15.94 14.91
CA ARG F 60 36.24 -15.04 14.85
C ARG F 60 34.95 -15.83 14.98
N GLY F 61 33.97 -15.23 15.63
CA GLY F 61 32.65 -15.82 15.76
C GLY F 61 31.53 -14.83 15.53
N SER F 62 30.68 -15.09 14.54
CA SER F 62 29.56 -14.23 14.22
C SER F 62 28.26 -14.95 14.52
N ALA F 63 27.25 -14.18 14.94
CA ALA F 63 25.95 -14.70 15.28
C ALA F 63 24.93 -14.28 14.23
N TYR F 64 23.93 -15.13 13.99
CA TYR F 64 22.95 -14.88 12.95
C TYR F 64 21.57 -15.34 13.43
N GLY F 65 20.55 -14.92 12.68
CA GLY F 65 19.20 -15.31 12.99
C GLY F 65 18.81 -14.95 14.40
N GLY F 66 18.15 -15.90 15.08
CA GLY F 66 17.66 -15.68 16.42
C GLY F 66 18.74 -15.62 17.47
N VAL F 67 19.90 -16.23 17.22
CA VAL F 67 21.01 -16.13 18.17
C VAL F 67 21.53 -14.70 18.22
N LEU F 68 21.55 -14.03 17.07
CA LEU F 68 21.96 -12.63 17.03
C LEU F 68 21.01 -11.74 17.82
N SER F 69 19.71 -11.87 17.58
CA SER F 69 18.74 -10.89 18.07
C SER F 69 18.18 -11.21 19.46
N ASN F 70 18.02 -12.48 19.81
CA ASN F 70 17.26 -12.85 20.99
C ASN F 70 18.10 -13.31 22.17
N PHE F 71 19.43 -13.42 22.01
CA PHE F 71 20.26 -13.92 23.07
C PHE F 71 21.47 -13.04 23.28
N SER F 72 21.98 -13.08 24.51
CA SER F 72 23.28 -12.54 24.87
C SER F 72 24.08 -13.72 25.37
N GLY F 73 25.39 -13.69 25.17
CA GLY F 73 26.16 -14.82 25.65
C GLY F 73 27.63 -14.74 25.30
N THR F 74 28.27 -15.89 25.48
CA THR F 74 29.71 -16.04 25.40
C THR F 74 30.02 -17.33 24.65
N VAL F 75 31.27 -17.47 24.24
CA VAL F 75 31.77 -18.71 23.68
C VAL F 75 32.85 -19.23 24.63
N LYS F 76 32.75 -20.49 25.00
CA LYS F 76 33.76 -21.17 25.80
C LYS F 76 34.68 -21.94 24.87
N TYR F 77 35.96 -21.58 24.87
CA TYR F 77 36.97 -22.24 24.05
C TYR F 77 38.02 -22.85 24.96
N SER F 78 38.11 -24.17 24.93
CA SER F 78 39.12 -24.90 25.70
C SER F 78 39.20 -24.39 27.13
N GLY F 79 38.04 -24.23 27.76
CA GLY F 79 37.95 -23.91 29.16
C GLY F 79 37.91 -22.44 29.51
N SER F 80 38.11 -21.54 28.56
CA SER F 80 38.00 -20.11 28.79
C SER F 80 36.82 -19.53 28.02
N SER F 81 36.21 -18.49 28.57
CA SER F 81 35.05 -17.83 27.98
C SER F 81 35.43 -16.48 27.42
N TYR F 82 34.84 -16.13 26.29
CA TYR F 82 35.04 -14.86 25.62
C TYR F 82 33.69 -14.34 25.16
N PRO F 83 33.60 -13.06 24.83
CA PRO F 83 32.33 -12.53 24.30
C PRO F 83 31.93 -13.25 23.01
N PHE F 84 30.63 -13.39 22.82
CA PHE F 84 30.11 -13.86 21.54
C PHE F 84 28.90 -13.01 21.13
N PRO F 85 28.91 -12.35 19.97
CA PRO F 85 29.94 -12.33 18.92
C PRO F 85 31.31 -11.91 19.45
N THR F 86 32.36 -12.48 18.85
CA THR F 86 33.71 -12.28 19.37
C THR F 86 34.23 -10.90 19.01
N THR F 87 35.16 -10.42 19.82
CA THR F 87 35.83 -9.16 19.58
C THR F 87 37.31 -9.30 19.26
N SER F 88 37.89 -10.49 19.47
CA SER F 88 39.31 -10.70 19.22
C SER F 88 39.59 -12.18 19.07
N GLU F 89 40.77 -12.48 18.53
CA GLU F 89 41.21 -13.86 18.37
C GLU F 89 41.62 -14.45 19.72
N THR F 90 41.23 -15.70 19.95
CA THR F 90 41.56 -16.39 21.19
C THR F 90 43.01 -16.84 21.20
N PRO F 91 43.52 -17.27 22.36
CA PRO F 91 44.82 -17.95 22.40
C PRO F 91 44.74 -19.32 21.74
N ARG F 92 45.91 -19.89 21.52
CA ARG F 92 46.03 -21.10 20.72
C ARG F 92 45.75 -22.36 21.53
N VAL F 93 45.15 -23.34 20.86
CA VAL F 93 45.01 -24.70 21.36
C VAL F 93 45.95 -25.58 20.55
N VAL F 94 46.59 -26.53 21.24
CA VAL F 94 47.60 -27.40 20.62
C VAL F 94 46.96 -28.71 20.20
N TYR F 95 47.26 -29.13 18.97
CA TYR F 95 46.88 -30.44 18.46
C TYR F 95 48.14 -31.23 18.18
N ASN F 96 48.26 -32.41 18.81
CA ASN F 96 49.49 -33.20 18.69
C ASN F 96 49.17 -34.68 18.48
N SER F 97 48.02 -34.98 17.88
CA SER F 97 47.61 -36.37 17.68
C SER F 97 47.04 -36.58 16.29
N ARG F 98 47.33 -37.75 15.72
CA ARG F 98 46.70 -38.18 14.48
C ARG F 98 45.24 -38.58 14.69
N THR F 99 44.85 -38.85 15.93
CA THR F 99 43.47 -39.23 16.23
C THR F 99 42.58 -38.00 16.22
N ASP F 100 41.48 -38.07 15.48
CA ASP F 100 40.56 -36.94 15.42
C ASP F 100 40.03 -36.64 16.82
N LYS F 101 40.19 -35.38 17.23
CA LYS F 101 39.78 -34.92 18.54
C LYS F 101 38.92 -33.67 18.43
N PRO F 102 38.07 -33.42 19.42
CA PRO F 102 37.09 -32.34 19.30
C PRO F 102 37.72 -30.97 19.22
N TRP F 103 37.04 -30.07 18.49
CA TRP F 103 37.31 -28.65 18.58
C TRP F 103 36.53 -28.14 19.79
N PRO F 104 37.20 -27.76 20.89
CA PRO F 104 36.45 -27.53 22.15
C PRO F 104 35.78 -26.17 22.19
N VAL F 105 34.70 -26.04 21.42
CA VAL F 105 33.95 -24.80 21.28
C VAL F 105 32.51 -25.04 21.69
N ALA F 106 31.96 -24.13 22.48
CA ALA F 106 30.55 -24.19 22.85
C ALA F 106 30.04 -22.77 23.06
N LEU F 107 28.83 -22.51 22.58
CA LEU F 107 28.18 -21.23 22.82
C LEU F 107 27.27 -21.35 24.03
N TYR F 108 27.36 -20.35 24.92
CA TYR F 108 26.48 -20.26 26.07
C TYR F 108 25.66 -19.00 25.90
N LEU F 109 24.36 -19.18 25.67
CA LEU F 109 23.47 -18.12 25.23
C LEU F 109 22.31 -18.04 26.19
N THR F 110 22.02 -16.84 26.68
CA THR F 110 20.88 -16.68 27.57
C THR F 110 19.89 -15.70 26.96
N PRO F 111 18.59 -15.99 27.03
CA PRO F 111 17.61 -15.12 26.37
C PRO F 111 17.58 -13.72 26.97
N VAL F 112 17.50 -12.72 26.09
CA VAL F 112 17.19 -11.37 26.54
C VAL F 112 15.72 -11.32 26.91
N SER F 113 15.38 -10.43 27.84
CA SER F 113 14.04 -10.40 28.39
C SER F 113 12.96 -10.18 27.33
N SER F 114 13.28 -9.43 26.28
CA SER F 114 12.29 -9.11 25.24
C SER F 114 12.22 -10.15 24.13
N ALA F 115 12.90 -11.28 24.27
CA ALA F 115 12.90 -12.28 23.21
C ALA F 115 11.50 -12.86 23.06
N GLY F 116 11.15 -13.20 21.82
CA GLY F 116 9.84 -13.73 21.55
C GLY F 116 9.75 -15.23 21.68
N GLY F 117 8.52 -15.73 21.63
CA GLY F 117 8.25 -17.14 21.75
C GLY F 117 9.27 -18.01 21.04
N VAL F 118 9.13 -18.11 19.72
CA VAL F 118 10.05 -18.93 18.93
C VAL F 118 11.31 -18.10 18.73
N ALA F 119 12.31 -18.30 19.59
CA ALA F 119 13.51 -17.46 19.57
C ALA F 119 14.48 -17.86 18.47
N ILE F 120 14.53 -19.13 18.09
CA ILE F 120 15.37 -19.61 17.00
C ILE F 120 14.53 -20.52 16.12
N LYS F 121 14.65 -20.34 14.80
CA LYS F 121 13.86 -21.09 13.83
C LYS F 121 14.64 -22.28 13.29
N ALA F 122 13.94 -23.42 13.17
CA ALA F 122 14.53 -24.61 12.59
C ALA F 122 15.14 -24.33 11.23
N GLY F 123 16.33 -24.90 10.99
CA GLY F 123 17.00 -24.79 9.72
C GLY F 123 17.71 -23.47 9.48
N SER F 124 17.68 -22.54 10.42
CA SER F 124 18.28 -21.23 10.23
C SER F 124 19.77 -21.26 10.54
N LEU F 125 20.52 -20.42 9.84
CA LEU F 125 21.90 -20.16 10.18
C LEU F 125 21.95 -19.38 11.49
N ILE F 126 22.69 -19.90 12.47
CA ILE F 126 22.80 -19.26 13.77
C ILE F 126 24.20 -18.76 14.08
N ALA F 127 25.23 -19.26 13.40
CA ALA F 127 26.58 -18.80 13.69
C ALA F 127 27.52 -19.21 12.56
N VAL F 128 28.59 -18.44 12.42
CA VAL F 128 29.72 -18.78 11.57
C VAL F 128 30.96 -18.65 12.42
N LEU F 129 31.67 -19.76 12.61
CA LEU F 129 32.86 -19.82 13.46
C LEU F 129 34.06 -20.14 12.60
N ILE F 130 35.12 -19.35 12.73
CA ILE F 130 36.32 -19.50 11.92
C ILE F 130 37.42 -20.07 12.80
N LEU F 131 37.88 -21.27 12.44
CA LEU F 131 39.01 -21.92 13.08
C LEU F 131 40.27 -21.57 12.31
N ARG F 132 41.27 -21.04 12.99
CA ARG F 132 42.52 -20.62 12.35
C ARG F 132 43.64 -21.52 12.85
N GLN F 133 44.33 -22.17 11.91
CA GLN F 133 45.36 -23.16 12.23
C GLN F 133 46.72 -22.67 11.75
N THR F 134 47.70 -22.73 12.65
CA THR F 134 49.11 -22.47 12.32
C THR F 134 49.96 -23.60 12.87
N ASN F 135 51.29 -23.48 12.77
CA ASN F 135 52.16 -24.54 13.26
C ASN F 135 53.52 -23.95 13.62
N ASN F 136 54.42 -24.81 14.09
CA ASN F 136 55.81 -24.46 14.37
C ASN F 136 56.75 -24.97 13.28
N TYR F 137 56.26 -25.04 12.05
CA TYR F 137 56.97 -25.71 10.96
C TYR F 137 57.22 -24.79 9.77
N ASN F 138 56.20 -24.09 9.30
CA ASN F 138 56.34 -23.20 8.15
C ASN F 138 55.39 -22.02 8.36
N SER F 139 55.01 -21.36 7.26
CA SER F 139 54.17 -20.17 7.35
C SER F 139 52.70 -20.47 7.07
N ASP F 140 52.29 -21.73 7.18
CA ASP F 140 50.90 -22.09 6.96
C ASP F 140 50.00 -21.29 7.91
N ASP F 141 48.94 -20.72 7.36
CA ASP F 141 47.97 -19.94 8.13
C ASP F 141 46.61 -20.15 7.46
N PHE F 142 45.88 -21.15 7.94
CA PHE F 142 44.70 -21.66 7.26
C PHE F 142 43.46 -21.42 8.10
N GLN F 143 42.37 -21.05 7.43
CA GLN F 143 41.11 -20.76 8.09
C GLN F 143 40.06 -21.79 7.69
N PHE F 144 39.50 -22.45 8.69
CA PHE F 144 38.43 -23.43 8.51
C PHE F 144 37.11 -22.79 8.94
N VAL F 145 36.20 -22.61 7.99
CA VAL F 145 34.98 -21.84 8.21
C VAL F 145 33.84 -22.82 8.48
N TRP F 146 33.23 -22.70 9.66
CA TRP F 146 32.17 -23.59 10.09
C TRP F 146 30.85 -22.83 10.13
N ASN F 147 29.90 -23.25 9.29
CA ASN F 147 28.59 -22.63 9.19
C ASN F 147 27.61 -23.44 10.04
N ILE F 148 27.12 -22.84 11.11
CA ILE F 148 26.34 -23.53 12.14
C ILE F 148 24.86 -23.28 11.89
N TYR F 149 24.08 -24.36 11.76
CA TYR F 149 22.66 -24.28 11.49
C TYR F 149 21.87 -24.94 12.60
N ALA F 150 20.71 -24.37 12.92
CA ALA F 150 19.83 -24.92 13.94
C ALA F 150 18.97 -26.02 13.34
N ASN F 151 18.93 -27.18 14.01
CA ASN F 151 18.14 -28.31 13.54
C ASN F 151 16.66 -28.18 13.87
N ASN F 152 16.30 -27.35 14.85
CA ASN F 152 14.92 -27.33 15.34
C ASN F 152 14.62 -25.96 15.94
N ASP F 153 13.33 -25.72 16.18
CA ASP F 153 12.90 -24.50 16.84
C ASP F 153 13.36 -24.50 18.29
N VAL F 154 13.72 -23.31 18.77
CA VAL F 154 13.97 -23.08 20.20
C VAL F 154 12.93 -22.08 20.67
N VAL F 155 12.19 -22.44 21.71
CA VAL F 155 11.09 -21.64 22.24
C VAL F 155 11.53 -21.03 23.55
N VAL F 156 11.25 -19.74 23.72
CA VAL F 156 11.45 -19.04 24.98
C VAL F 156 10.06 -18.69 25.51
N PRO F 157 9.53 -19.44 26.47
CA PRO F 157 8.18 -19.15 26.96
C PRO F 157 8.13 -17.82 27.71
N THR F 158 6.94 -17.24 27.72
CA THR F 158 6.68 -16.07 28.54
C THR F 158 6.27 -16.50 29.94
N PHE G 1 -49.79 11.03 -6.70
CA PHE G 1 -49.05 9.79 -6.32
C PHE G 1 -48.73 9.77 -4.84
N ALA G 2 -49.03 8.65 -4.19
CA ALA G 2 -48.76 8.48 -2.77
C ALA G 2 -48.66 6.99 -2.47
N CYS G 3 -48.10 6.69 -1.30
CA CYS G 3 -47.78 5.32 -0.93
C CYS G 3 -48.17 5.09 0.51
N LYS G 4 -48.36 3.82 0.87
CA LYS G 4 -48.65 3.46 2.25
C LYS G 4 -48.02 2.11 2.57
N THR G 5 -47.83 1.87 3.85
CA THR G 5 -47.32 0.59 4.34
C THR G 5 -48.47 -0.36 4.64
N ALA G 6 -48.12 -1.60 4.99
CA ALA G 6 -49.14 -2.62 5.25
C ALA G 6 -49.98 -2.27 6.48
N ASN G 7 -49.41 -1.56 7.45
CA ASN G 7 -50.16 -1.18 8.64
C ASN G 7 -50.82 0.19 8.52
N GLY G 8 -50.76 0.80 7.34
CA GLY G 8 -51.50 2.02 7.06
C GLY G 8 -50.72 3.31 7.16
N THR G 9 -49.42 3.27 7.39
CA THR G 9 -48.63 4.50 7.42
C THR G 9 -48.48 5.04 6.01
N ALA G 10 -48.84 6.31 5.81
CA ALA G 10 -48.83 6.94 4.51
C ALA G 10 -47.66 7.90 4.37
N ILE G 11 -47.08 7.93 3.19
CA ILE G 11 -46.27 9.06 2.72
C ILE G 11 -47.08 9.76 1.64
N PRO G 12 -47.49 11.01 1.83
CA PRO G 12 -48.44 11.64 0.91
C PRO G 12 -47.75 12.22 -0.32
N ILE G 13 -48.58 12.85 -1.16
CA ILE G 13 -48.09 13.56 -2.33
C ILE G 13 -46.93 14.44 -1.93
N GLY G 14 -45.85 14.40 -2.73
CA GLY G 14 -44.67 15.18 -2.47
C GLY G 14 -43.52 14.40 -1.83
N GLY G 15 -43.76 13.16 -1.41
CA GLY G 15 -42.71 12.36 -0.83
C GLY G 15 -42.64 12.50 0.67
N GLY G 16 -41.63 11.87 1.24
CA GLY G 16 -41.42 11.86 2.66
C GLY G 16 -40.65 10.62 3.07
N SER G 17 -40.85 10.19 4.30
CA SER G 17 -40.18 9.01 4.82
C SER G 17 -41.12 8.25 5.76
N ALA G 18 -40.92 6.94 5.82
CA ALA G 18 -41.73 6.09 6.70
C ALA G 18 -40.90 4.88 7.11
N ASN G 19 -41.35 4.23 8.18
CA ASN G 19 -40.70 3.05 8.72
C ASN G 19 -41.45 1.78 8.30
N VAL G 20 -40.70 0.75 7.95
CA VAL G 20 -41.28 -0.54 7.60
C VAL G 20 -40.60 -1.61 8.46
N TYR G 21 -41.38 -2.29 9.28
CA TYR G 21 -40.89 -3.33 10.17
C TYR G 21 -41.36 -4.66 9.61
N VAL G 22 -40.40 -5.50 9.21
CA VAL G 22 -40.69 -6.73 8.49
C VAL G 22 -40.24 -7.92 9.31
N ASN G 23 -41.07 -8.96 9.33
CA ASN G 23 -40.69 -10.22 9.91
C ASN G 23 -39.79 -10.98 8.93
N LEU G 24 -38.77 -11.62 9.48
CA LEU G 24 -37.73 -12.25 8.68
C LEU G 24 -37.61 -13.70 9.10
N ALA G 25 -37.29 -14.56 8.14
CA ALA G 25 -37.03 -15.95 8.47
C ALA G 25 -36.01 -16.00 9.61
N PRO G 26 -36.34 -16.63 10.74
CA PRO G 26 -35.45 -16.50 11.92
C PRO G 26 -34.17 -17.31 11.81
N VAL G 27 -34.08 -18.27 10.91
CA VAL G 27 -32.88 -19.10 10.77
C VAL G 27 -32.54 -19.16 9.28
N VAL G 28 -31.32 -18.76 8.94
CA VAL G 28 -30.84 -18.79 7.56
C VAL G 28 -29.47 -19.44 7.56
N ASN G 29 -29.35 -20.58 6.91
CA ASN G 29 -28.08 -21.29 6.82
C ASN G 29 -27.26 -20.75 5.67
N VAL G 30 -25.93 -20.88 5.80
CA VAL G 30 -25.07 -20.61 4.66
C VAL G 30 -25.51 -21.49 3.50
N GLY G 31 -25.63 -20.89 2.32
CA GLY G 31 -26.19 -21.53 1.16
C GLY G 31 -27.64 -21.18 0.90
N GLN G 32 -28.39 -20.85 1.95
CA GLN G 32 -29.77 -20.41 1.80
C GLN G 32 -29.84 -18.92 1.53
N ASN G 33 -30.97 -18.50 0.96
CA ASN G 33 -31.29 -17.10 0.78
C ASN G 33 -32.24 -16.62 1.87
N LEU G 34 -32.01 -15.41 2.35
CA LEU G 34 -32.99 -14.66 3.13
C LEU G 34 -33.70 -13.70 2.19
N VAL G 35 -35.03 -13.77 2.13
CA VAL G 35 -35.83 -12.94 1.25
C VAL G 35 -36.51 -11.87 2.10
N VAL G 36 -36.29 -10.61 1.77
CA VAL G 36 -37.00 -9.49 2.36
C VAL G 36 -37.92 -8.96 1.27
N ASP G 37 -39.18 -9.40 1.29
CA ASP G 37 -40.14 -9.08 0.23
C ASP G 37 -40.94 -7.86 0.67
N LEU G 38 -40.59 -6.69 0.11
CA LEU G 38 -41.31 -5.46 0.41
C LEU G 38 -42.56 -5.26 -0.43
N SER G 39 -42.77 -6.09 -1.47
CA SER G 39 -43.97 -5.93 -2.28
C SER G 39 -45.24 -6.22 -1.50
N THR G 40 -45.14 -6.94 -0.39
CA THR G 40 -46.27 -7.14 0.50
C THR G 40 -46.33 -6.07 1.60
N GLN G 41 -45.37 -5.15 1.63
CA GLN G 41 -45.25 -4.15 2.68
C GLN G 41 -45.42 -2.72 2.21
N ILE G 42 -45.16 -2.43 0.94
CA ILE G 42 -45.19 -1.06 0.42
C ILE G 42 -46.09 -1.03 -0.81
N PHE G 43 -47.04 -0.09 -0.82
CA PHE G 43 -48.02 0.03 -1.89
C PHE G 43 -48.13 1.49 -2.32
N CYS G 44 -48.44 1.70 -3.59
CA CYS G 44 -48.55 3.04 -4.14
C CYS G 44 -49.65 3.08 -5.19
N HIS G 45 -50.13 4.29 -5.49
CA HIS G 45 -51.19 4.47 -6.47
C HIS G 45 -51.00 5.79 -7.21
N ASN G 46 -51.67 5.88 -8.36
CA ASN G 46 -51.70 7.09 -9.18
C ASN G 46 -52.96 7.87 -8.86
N ASP G 47 -52.82 9.18 -8.62
CA ASP G 47 -53.94 9.98 -8.16
C ASP G 47 -54.78 10.57 -9.28
N TYR G 48 -54.33 10.51 -10.54
CA TYR G 48 -55.17 10.85 -11.69
C TYR G 48 -54.66 10.16 -12.94
N PRO G 49 -54.93 8.86 -13.08
CA PRO G 49 -54.32 8.10 -14.19
C PRO G 49 -54.87 8.43 -15.57
N GLU G 50 -56.03 9.08 -15.70
CA GLU G 50 -56.58 9.36 -17.03
C GLU G 50 -55.74 10.39 -17.77
N THR G 51 -55.09 11.30 -17.05
CA THR G 51 -54.30 12.35 -17.66
C THR G 51 -52.81 12.22 -17.39
N ILE G 52 -52.43 11.53 -16.31
CA ILE G 52 -51.05 11.52 -15.84
C ILE G 52 -50.58 10.07 -15.71
N THR G 53 -49.38 9.80 -16.22
CA THR G 53 -48.70 8.54 -16.01
C THR G 53 -47.53 8.77 -15.05
N ASP G 54 -47.49 7.98 -13.98
CA ASP G 54 -46.45 8.09 -12.97
C ASP G 54 -45.32 7.11 -13.26
N TYR G 55 -44.08 7.56 -13.08
CA TYR G 55 -42.90 6.73 -13.23
C TYR G 55 -42.21 6.58 -11.89
N VAL G 56 -41.78 5.36 -11.58
CA VAL G 56 -41.28 5.02 -10.25
C VAL G 56 -40.04 4.15 -10.41
N THR G 57 -38.93 4.61 -9.84
CA THR G 57 -37.68 3.87 -9.81
C THR G 57 -37.30 3.55 -8.37
N LEU G 58 -36.48 2.51 -8.21
CA LEU G 58 -35.68 2.34 -7.00
C LEU G 58 -34.41 3.14 -7.24
N GLN G 59 -34.37 4.37 -6.71
CA GLN G 59 -33.24 5.25 -7.00
C GLN G 59 -31.98 4.77 -6.28
N ARG G 60 -32.10 4.34 -5.04
CA ARG G 60 -30.92 3.87 -4.31
C ARG G 60 -31.38 2.93 -3.21
N GLY G 61 -30.54 1.93 -2.93
CA GLY G 61 -30.79 1.00 -1.86
C GLY G 61 -29.53 0.78 -1.05
N SER G 62 -29.58 1.12 0.24
CA SER G 62 -28.44 1.01 1.13
C SER G 62 -28.71 -0.06 2.19
N ALA G 63 -27.64 -0.73 2.60
CA ALA G 63 -27.69 -1.78 3.61
C ALA G 63 -27.09 -1.28 4.91
N TYR G 64 -27.61 -1.79 6.02
CA TYR G 64 -27.17 -1.36 7.34
C TYR G 64 -27.15 -2.53 8.31
N GLY G 65 -26.51 -2.31 9.45
CA GLY G 65 -26.48 -3.30 10.51
C GLY G 65 -25.93 -4.64 10.02
N GLY G 66 -26.61 -5.71 10.41
CA GLY G 66 -26.16 -7.04 10.07
C GLY G 66 -26.30 -7.40 8.60
N VAL G 67 -27.22 -6.75 7.89
CA VAL G 67 -27.33 -6.99 6.45
C VAL G 67 -26.09 -6.46 5.74
N LEU G 68 -25.57 -5.31 6.20
CA LEU G 68 -24.36 -4.76 5.60
C LEU G 68 -23.16 -5.68 5.82
N SER G 69 -22.98 -6.15 7.05
CA SER G 69 -21.74 -6.85 7.42
C SER G 69 -21.79 -8.36 7.19
N ASN G 70 -22.95 -9.00 7.33
CA ASN G 70 -23.02 -10.45 7.39
C ASN G 70 -23.59 -11.11 6.14
N PHE G 71 -24.04 -10.33 5.16
CA PHE G 71 -24.67 -10.91 3.97
C PHE G 71 -24.11 -10.28 2.71
N SER G 72 -24.22 -11.04 1.63
CA SER G 72 -24.04 -10.57 0.26
C SER G 72 -25.36 -10.83 -0.46
N GLY G 73 -25.68 -10.00 -1.45
CA GLY G 73 -26.93 -10.24 -2.15
C GLY G 73 -27.25 -9.20 -3.19
N THR G 74 -28.51 -9.26 -3.63
CA THR G 74 -29.03 -8.49 -4.74
C THR G 74 -30.40 -7.96 -4.37
N VAL G 75 -30.87 -6.99 -5.15
CA VAL G 75 -32.24 -6.50 -5.06
C VAL G 75 -32.94 -6.81 -6.38
N LYS G 76 -34.14 -7.39 -6.28
CA LYS G 76 -34.99 -7.64 -7.44
C LYS G 76 -36.03 -6.52 -7.54
N TYR G 77 -36.00 -5.78 -8.65
CA TYR G 77 -36.96 -4.72 -8.91
C TYR G 77 -37.73 -5.05 -10.18
N SER G 78 -39.04 -5.27 -10.04
CA SER G 78 -39.91 -5.53 -11.19
C SER G 78 -39.29 -6.58 -12.12
N GLY G 79 -38.79 -7.66 -11.53
CA GLY G 79 -38.33 -8.81 -12.28
C GLY G 79 -36.87 -8.81 -12.67
N SER G 80 -36.14 -7.71 -12.44
CA SER G 80 -34.71 -7.67 -12.72
C SER G 80 -33.94 -7.56 -11.41
N SER G 81 -32.75 -8.18 -11.40
CA SER G 81 -31.90 -8.19 -10.23
C SER G 81 -30.66 -7.32 -10.48
N TYR G 82 -30.25 -6.60 -9.45
CA TYR G 82 -29.08 -5.73 -9.50
C TYR G 82 -28.29 -5.94 -8.22
N PRO G 83 -27.05 -5.49 -8.14
CA PRO G 83 -26.32 -5.59 -6.89
C PRO G 83 -27.04 -4.85 -5.77
N PHE G 84 -26.89 -5.36 -4.55
CA PHE G 84 -27.36 -4.66 -3.35
C PHE G 84 -26.27 -4.72 -2.29
N PRO G 85 -25.79 -3.57 -1.76
CA PRO G 85 -26.18 -2.17 -2.03
C PRO G 85 -26.11 -1.80 -3.51
N THR G 86 -27.00 -0.92 -3.94
CA THR G 86 -27.14 -0.59 -5.34
C THR G 86 -26.00 0.30 -5.81
N THR G 87 -25.73 0.24 -7.12
CA THR G 87 -24.71 1.05 -7.75
C THR G 87 -25.28 2.06 -8.73
N SER G 88 -26.57 1.96 -9.07
CA SER G 88 -27.17 2.88 -10.02
C SER G 88 -28.68 2.84 -9.85
N GLU G 89 -29.34 3.86 -10.41
CA GLU G 89 -30.79 3.93 -10.39
C GLU G 89 -31.37 2.93 -11.38
N THR G 90 -32.43 2.24 -10.96
CA THR G 90 -33.09 1.25 -11.79
C THR G 90 -33.95 1.91 -12.86
N PRO G 91 -34.42 1.14 -13.83
CA PRO G 91 -35.41 1.66 -14.78
C PRO G 91 -36.75 1.92 -14.10
N ARG G 92 -37.62 2.61 -14.84
CA ARG G 92 -38.90 3.05 -14.31
C ARG G 92 -39.95 1.96 -14.39
N VAL G 93 -40.84 1.96 -13.40
CA VAL G 93 -42.07 1.17 -13.41
C VAL G 93 -43.24 2.15 -13.53
N VAL G 94 -44.26 1.74 -14.27
CA VAL G 94 -45.40 2.61 -14.58
C VAL G 94 -46.52 2.35 -13.57
N TYR G 95 -47.06 3.42 -13.01
CA TYR G 95 -48.25 3.35 -12.15
C TYR G 95 -49.38 4.11 -12.82
N ASN G 96 -50.50 3.42 -13.05
CA ASN G 96 -51.61 3.99 -13.82
C ASN G 96 -52.95 3.65 -13.21
N SER G 97 -53.01 3.42 -11.89
CA SER G 97 -54.24 3.05 -11.23
C SER G 97 -54.39 3.82 -9.92
N ARG G 98 -55.63 4.18 -9.59
CA ARG G 98 -55.93 4.74 -8.28
C ARG G 98 -55.87 3.69 -7.18
N THR G 99 -55.94 2.40 -7.54
CA THR G 99 -55.89 1.34 -6.55
C THR G 99 -54.46 1.13 -6.11
N ASP G 100 -54.25 1.11 -4.80
CA ASP G 100 -52.91 0.89 -4.26
C ASP G 100 -52.36 -0.43 -4.78
N LYS G 101 -51.16 -0.37 -5.34
CA LYS G 101 -50.52 -1.51 -5.98
C LYS G 101 -49.14 -1.70 -5.37
N PRO G 102 -48.62 -2.93 -5.34
CA PRO G 102 -47.34 -3.16 -4.66
C PRO G 102 -46.17 -2.49 -5.37
N TRP G 103 -45.21 -2.05 -4.56
CA TRP G 103 -43.89 -1.66 -5.04
C TRP G 103 -43.04 -2.92 -5.17
N PRO G 104 -42.71 -3.37 -6.39
CA PRO G 104 -42.12 -4.72 -6.55
C PRO G 104 -40.64 -4.77 -6.26
N VAL G 105 -40.29 -4.71 -4.97
CA VAL G 105 -38.90 -4.71 -4.51
C VAL G 105 -38.71 -5.87 -3.55
N ALA G 106 -37.61 -6.60 -3.72
CA ALA G 106 -37.26 -7.67 -2.81
C ALA G 106 -35.74 -7.79 -2.72
N LEU G 107 -35.24 -7.97 -1.50
CA LEU G 107 -33.83 -8.22 -1.26
C LEU G 107 -33.60 -9.72 -1.16
N TYR G 108 -32.57 -10.20 -1.84
CA TYR G 108 -32.14 -11.60 -1.75
C TYR G 108 -30.74 -11.61 -1.16
N LEU G 109 -30.63 -12.11 0.06
CA LEU G 109 -29.43 -11.95 0.88
C LEU G 109 -28.94 -13.33 1.30
N THR G 110 -27.66 -13.61 1.08
CA THR G 110 -27.13 -14.89 1.50
C THR G 110 -25.96 -14.70 2.47
N PRO G 111 -25.89 -15.48 3.55
CA PRO G 111 -24.85 -15.25 4.56
C PRO G 111 -23.44 -15.47 4.03
N VAL G 112 -22.52 -14.59 4.44
CA VAL G 112 -21.11 -14.83 4.22
C VAL G 112 -20.65 -15.94 5.17
N SER G 113 -19.65 -16.72 4.73
CA SER G 113 -19.26 -17.89 5.52
C SER G 113 -18.80 -17.51 6.92
N SER G 114 -18.22 -16.31 7.09
CA SER G 114 -17.70 -15.93 8.39
C SER G 114 -18.75 -15.33 9.31
N ALA G 115 -20.01 -15.29 8.90
CA ALA G 115 -21.03 -14.75 9.78
C ALA G 115 -21.19 -15.71 10.95
N GLY G 116 -21.50 -15.17 12.13
CA GLY G 116 -21.55 -16.01 13.30
C GLY G 116 -22.95 -16.40 13.71
N GLY G 117 -23.36 -15.96 14.90
CA GLY G 117 -24.66 -16.30 15.44
C GLY G 117 -25.77 -15.39 14.97
N VAL G 118 -26.04 -14.36 15.77
CA VAL G 118 -27.13 -13.44 15.52
C VAL G 118 -26.70 -12.51 14.38
N ALA G 119 -27.10 -12.85 13.16
CA ALA G 119 -26.67 -12.10 11.99
C ALA G 119 -27.41 -10.77 11.87
N ILE G 120 -28.67 -10.72 12.30
CA ILE G 120 -29.47 -9.50 12.31
C ILE G 120 -30.18 -9.42 13.64
N LYS G 121 -30.17 -8.25 14.27
CA LYS G 121 -30.77 -8.06 15.58
C LYS G 121 -32.15 -7.44 15.46
N ALA G 122 -33.08 -7.94 16.29
CA ALA G 122 -34.42 -7.39 16.36
C ALA G 122 -34.38 -5.87 16.54
N GLY G 123 -35.24 -5.17 15.80
CA GLY G 123 -35.35 -3.74 15.90
C GLY G 123 -34.28 -2.94 15.19
N SER G 124 -33.33 -3.60 14.53
CA SER G 124 -32.24 -2.89 13.87
C SER G 124 -32.65 -2.44 12.48
N LEU G 125 -32.09 -1.31 12.07
CA LEU G 125 -32.20 -0.86 10.68
C LEU G 125 -31.39 -1.78 9.79
N ILE G 126 -32.02 -2.33 8.75
CA ILE G 126 -31.33 -3.24 7.84
C ILE G 126 -31.20 -2.66 6.43
N ALA G 127 -32.01 -1.69 6.06
CA ALA G 127 -31.92 -1.12 4.71
C ALA G 127 -32.67 0.19 4.66
N VAL G 128 -32.27 1.03 3.70
CA VAL G 128 -32.99 2.25 3.34
C VAL G 128 -33.20 2.21 1.83
N LEU G 129 -34.46 2.20 1.42
CA LEU G 129 -34.82 2.13 0.01
C LEU G 129 -35.52 3.43 -0.38
N ILE G 130 -35.02 4.06 -1.43
CA ILE G 130 -35.52 5.35 -1.88
C ILE G 130 -36.30 5.13 -3.16
N LEU G 131 -37.60 5.40 -3.09
CA LEU G 131 -38.48 5.36 -4.24
C LEU G 131 -38.54 6.76 -4.83
N ARG G 132 -38.24 6.87 -6.12
CA ARG G 132 -38.22 8.15 -6.83
C ARG G 132 -39.37 8.15 -7.83
N GLN G 133 -40.26 9.14 -7.72
CA GLN G 133 -41.46 9.21 -8.54
C GLN G 133 -41.40 10.44 -9.44
N THR G 134 -41.64 10.22 -10.74
CA THR G 134 -41.77 11.30 -11.71
C THR G 134 -43.05 11.07 -12.51
N ASN G 135 -43.29 11.88 -13.54
CA ASN G 135 -44.49 11.73 -14.35
C ASN G 135 -44.24 12.28 -15.75
N ASN G 136 -45.28 12.16 -16.59
CA ASN G 136 -45.29 12.73 -17.94
C ASN G 136 -46.14 14.00 -18.00
N TYR G 137 -46.20 14.75 -16.90
CA TYR G 137 -47.14 15.85 -16.73
C TYR G 137 -46.45 17.16 -16.42
N ASN G 138 -45.53 17.16 -15.47
CA ASN G 138 -44.81 18.36 -15.07
C ASN G 138 -43.40 17.95 -14.66
N SER G 139 -42.75 18.76 -13.82
CA SER G 139 -41.37 18.52 -13.41
C SER G 139 -41.28 17.91 -12.02
N ASP G 140 -42.35 17.31 -11.52
CA ASP G 140 -42.33 16.67 -10.21
C ASP G 140 -41.23 15.62 -10.13
N ASP G 141 -40.45 15.66 -9.05
CA ASP G 141 -39.37 14.70 -8.81
C ASP G 141 -39.30 14.48 -7.30
N PHE G 142 -39.98 13.44 -6.83
CA PHE G 142 -40.22 13.22 -5.41
C PHE G 142 -39.58 11.93 -4.94
N GLN G 143 -39.05 11.96 -3.73
CA GLN G 143 -38.38 10.81 -3.13
C GLN G 143 -39.18 10.32 -1.94
N PHE G 144 -39.55 9.04 -1.96
CA PHE G 144 -40.24 8.38 -0.86
C PHE G 144 -39.22 7.48 -0.18
N VAL G 145 -38.88 7.79 1.07
CA VAL G 145 -37.79 7.14 1.77
C VAL G 145 -38.37 6.06 2.68
N TRP G 146 -37.97 4.81 2.46
CA TRP G 146 -38.48 3.67 3.21
C TRP G 146 -37.35 3.14 4.08
N ASN G 147 -37.51 3.24 5.40
CA ASN G 147 -36.52 2.75 6.36
C ASN G 147 -36.97 1.37 6.82
N ILE G 148 -36.19 0.34 6.46
CA ILE G 148 -36.57 -1.05 6.65
C ILE G 148 -35.96 -1.57 7.94
N TYR G 149 -36.79 -2.09 8.83
CA TYR G 149 -36.36 -2.59 10.13
C TYR G 149 -36.71 -4.05 10.31
N ALA G 150 -35.83 -4.76 11.02
CA ALA G 150 -36.05 -6.15 11.35
C ALA G 150 -36.95 -6.27 12.58
N ASN G 151 -38.01 -7.08 12.47
CA ASN G 151 -38.90 -7.32 13.60
C ASN G 151 -38.33 -8.33 14.59
N ASN G 152 -37.34 -9.12 14.20
CA ASN G 152 -36.88 -10.22 15.03
C ASN G 152 -35.44 -10.52 14.73
N ASP G 153 -34.82 -11.31 15.61
CA ASP G 153 -33.46 -11.77 15.38
C ASP G 153 -33.44 -12.74 14.21
N VAL G 154 -32.37 -12.68 13.43
CA VAL G 154 -32.10 -13.68 12.40
C VAL G 154 -30.76 -14.33 12.77
N VAL G 155 -30.78 -15.66 12.90
CA VAL G 155 -29.62 -16.42 13.32
C VAL G 155 -29.06 -17.19 12.13
N VAL G 156 -27.74 -17.18 12.00
CA VAL G 156 -27.03 -17.98 11.01
C VAL G 156 -26.28 -19.07 11.75
N PRO G 157 -26.78 -20.31 11.77
CA PRO G 157 -26.08 -21.36 12.49
C PRO G 157 -24.77 -21.73 11.81
N THR G 158 -23.84 -22.25 12.61
CA THR G 158 -22.62 -22.84 12.08
C THR G 158 -22.84 -24.30 11.72
N PHE H 1 22.85 -22.09 -33.42
CA PHE H 1 22.21 -22.34 -32.09
C PHE H 1 23.27 -22.53 -31.02
N ALA H 2 23.11 -21.83 -29.90
CA ALA H 2 24.04 -21.93 -28.79
C ALA H 2 23.33 -21.50 -27.52
N CYS H 3 23.92 -21.89 -26.38
CA CYS H 3 23.27 -21.70 -25.08
C CYS H 3 24.31 -21.19 -24.09
N LYS H 4 23.82 -20.56 -23.02
CA LYS H 4 24.69 -20.12 -21.95
C LYS H 4 23.95 -20.23 -20.62
N THR H 5 24.71 -20.33 -19.55
CA THR H 5 24.14 -20.35 -18.20
C THR H 5 24.06 -18.94 -17.62
N ALA H 6 23.44 -18.85 -16.45
CA ALA H 6 23.24 -17.56 -15.80
C ALA H 6 24.56 -16.91 -15.40
N ASN H 7 25.58 -17.71 -15.08
CA ASN H 7 26.88 -17.14 -14.72
C ASN H 7 27.82 -17.00 -15.92
N GLY H 8 27.32 -17.26 -17.13
CA GLY H 8 28.08 -17.02 -18.34
C GLY H 8 28.75 -18.21 -18.99
N THR H 9 28.51 -19.42 -18.50
CA THR H 9 29.08 -20.61 -19.14
C THR H 9 28.35 -20.89 -20.45
N ALA H 10 29.10 -21.03 -21.52
CA ALA H 10 28.55 -21.26 -22.85
C ALA H 10 28.79 -22.69 -23.29
N ILE H 11 27.80 -23.26 -23.96
CA ILE H 11 27.98 -24.42 -24.85
C ILE H 11 27.79 -23.92 -26.27
N PRO H 12 28.80 -23.96 -27.12
CA PRO H 12 28.72 -23.29 -28.43
C PRO H 12 28.00 -24.16 -29.47
N ILE H 13 27.94 -23.61 -30.69
CA ILE H 13 27.41 -24.33 -31.84
C ILE H 13 28.03 -25.71 -31.89
N GLY H 14 27.18 -26.72 -32.14
CA GLY H 14 27.64 -28.10 -32.22
C GLY H 14 27.40 -28.91 -30.97
N GLY H 15 26.98 -28.28 -29.89
CA GLY H 15 26.69 -28.99 -28.65
C GLY H 15 27.89 -29.11 -27.74
N GLY H 16 27.69 -29.83 -26.66
CA GLY H 16 28.70 -30.02 -25.65
C GLY H 16 28.03 -30.31 -24.32
N SER H 17 28.74 -29.96 -23.25
CA SER H 17 28.24 -30.17 -21.90
C SER H 17 28.71 -29.02 -21.00
N ALA H 18 27.93 -28.76 -19.97
CA ALA H 18 28.29 -27.74 -19.00
C ALA H 18 27.73 -28.12 -17.64
N ASN H 19 28.30 -27.53 -16.59
CA ASN H 19 27.86 -27.75 -15.23
C ASN H 19 27.05 -26.54 -14.81
N VAL H 20 25.90 -26.78 -14.18
CA VAL H 20 24.99 -25.71 -13.79
C VAL H 20 24.69 -25.87 -12.31
N TYR H 21 25.00 -24.84 -11.53
CA TYR H 21 24.86 -24.87 -10.08
C TYR H 21 23.66 -24.01 -9.71
N VAL H 22 22.64 -24.63 -9.12
CA VAL H 22 21.34 -24.00 -8.92
C VAL H 22 21.06 -23.84 -7.44
N ASN H 23 20.43 -22.72 -7.10
CA ASN H 23 19.97 -22.48 -5.74
C ASN H 23 18.73 -23.32 -5.45
N LEU H 24 18.69 -23.91 -4.26
CA LEU H 24 17.59 -24.78 -3.86
C LEU H 24 17.04 -24.31 -2.52
N ALA H 25 15.73 -24.42 -2.35
CA ALA H 25 15.12 -24.14 -1.07
C ALA H 25 15.83 -24.95 0.01
N PRO H 26 16.38 -24.31 1.06
CA PRO H 26 17.23 -25.07 1.99
C PRO H 26 16.48 -25.99 2.93
N VAL H 27 15.17 -25.80 3.10
CA VAL H 27 14.37 -26.64 3.98
C VAL H 27 13.10 -27.03 3.22
N VAL H 28 12.86 -28.33 3.09
CA VAL H 28 11.68 -28.84 2.40
C VAL H 28 11.05 -29.91 3.29
N ASN H 29 9.82 -29.66 3.73
CA ASN H 29 9.12 -30.62 4.55
C ASN H 29 8.43 -31.67 3.68
N VAL H 30 8.22 -32.85 4.26
CA VAL H 30 7.38 -33.85 3.59
C VAL H 30 6.03 -33.22 3.29
N GLY H 31 5.55 -33.42 2.06
CA GLY H 31 4.34 -32.80 1.59
C GLY H 31 4.57 -31.56 0.75
N GLN H 32 5.68 -30.85 0.98
CA GLN H 32 6.02 -29.69 0.18
C GLN H 32 6.76 -30.10 -1.09
N ASN H 33 6.75 -29.20 -2.07
CA ASN H 33 7.50 -29.39 -3.30
C ASN H 33 8.82 -28.63 -3.24
N LEU H 34 9.87 -29.26 -3.76
CA LEU H 34 11.12 -28.58 -4.09
C LEU H 34 11.11 -28.29 -5.58
N VAL H 35 11.29 -27.03 -5.94
CA VAL H 35 11.25 -26.59 -7.33
C VAL H 35 12.67 -26.28 -7.78
N VAL H 36 13.10 -26.96 -8.85
CA VAL H 36 14.37 -26.67 -9.51
C VAL H 36 14.04 -26.01 -10.85
N ASP H 37 14.04 -24.68 -10.88
CA ASP H 37 13.63 -23.93 -12.06
C ASP H 37 14.87 -23.63 -12.89
N LEU H 38 15.06 -24.38 -13.99
CA LEU H 38 16.19 -24.13 -14.87
C LEU H 38 15.91 -23.05 -15.91
N SER H 39 14.67 -22.60 -16.06
CA SER H 39 14.37 -21.58 -17.05
C SER H 39 15.02 -20.24 -16.71
N THR H 40 15.39 -20.03 -15.45
CA THR H 40 16.16 -18.86 -15.06
C THR H 40 17.66 -19.09 -15.10
N GLN H 41 18.10 -20.32 -15.41
CA GLN H 41 19.50 -20.68 -15.38
C GLN H 41 20.08 -21.08 -16.72
N ILE H 42 19.26 -21.50 -17.68
CA ILE H 42 19.74 -21.98 -18.98
C ILE H 42 19.00 -21.20 -20.07
N PHE H 43 19.77 -20.63 -21.00
CA PHE H 43 19.23 -19.78 -22.05
C PHE H 43 19.87 -20.17 -23.38
N CYS H 44 19.11 -20.01 -24.47
CA CYS H 44 19.58 -20.36 -25.80
C CYS H 44 19.05 -19.38 -26.83
N HIS H 45 19.69 -19.35 -28.01
CA HIS H 45 19.27 -18.47 -29.09
C HIS H 45 19.51 -19.15 -30.43
N ASN H 46 18.85 -18.60 -31.45
CA ASN H 46 18.97 -19.04 -32.84
C ASN H 46 19.96 -18.13 -33.55
N ASP H 47 20.93 -18.71 -34.24
CA ASP H 47 22.01 -17.93 -34.85
C ASP H 47 21.68 -17.39 -36.24
N TYR H 48 20.59 -17.85 -36.87
CA TYR H 48 20.12 -17.21 -38.10
C TYR H 48 18.62 -17.47 -38.28
N PRO H 49 17.78 -16.73 -37.54
CA PRO H 49 16.34 -17.04 -37.55
C PRO H 49 15.60 -16.65 -38.83
N GLU H 50 16.18 -15.81 -39.70
CA GLU H 50 15.45 -15.43 -40.91
C GLU H 50 15.32 -16.59 -41.87
N THR H 51 16.29 -17.52 -41.86
CA THR H 51 16.31 -18.64 -42.77
C THR H 51 16.12 -19.98 -42.07
N ILE H 52 16.43 -20.08 -40.79
CA ILE H 52 16.50 -21.34 -40.08
C ILE H 52 15.58 -21.29 -38.86
N THR H 53 14.78 -22.33 -38.68
CA THR H 53 13.99 -22.53 -37.47
C THR H 53 14.64 -23.66 -36.68
N ASP H 54 14.97 -23.40 -35.41
CA ASP H 54 15.59 -24.40 -34.56
C ASP H 54 14.53 -25.09 -33.72
N TYR H 55 14.68 -26.41 -33.58
CA TYR H 55 13.78 -27.23 -32.77
C TYR H 55 14.57 -27.80 -31.59
N VAL H 56 13.96 -27.76 -30.40
CA VAL H 56 14.65 -28.07 -29.17
C VAL H 56 13.75 -28.93 -28.29
N THR H 57 14.21 -30.14 -27.95
CA THR H 57 13.51 -31.04 -27.06
C THR H 57 14.32 -31.30 -25.81
N LEU H 58 13.64 -31.72 -24.74
CA LEU H 58 14.27 -32.41 -23.63
C LEU H 58 14.26 -33.90 -23.99
N GLN H 59 15.40 -34.40 -24.48
CA GLN H 59 15.44 -35.78 -24.93
C GLN H 59 15.40 -36.76 -23.76
N ARG H 60 16.12 -36.47 -22.68
CA ARG H 60 16.15 -37.35 -21.53
C ARG H 60 16.48 -36.53 -20.29
N GLY H 61 15.88 -36.89 -19.16
CA GLY H 61 16.15 -36.25 -17.89
C GLY H 61 16.32 -37.27 -16.79
N SER H 62 17.49 -37.31 -16.19
CA SER H 62 17.82 -38.28 -15.16
C SER H 62 18.13 -37.62 -13.82
N ALA H 63 17.86 -38.36 -12.74
CA ALA H 63 18.08 -37.90 -11.38
C ALA H 63 19.29 -38.61 -10.78
N TYR H 64 19.98 -37.92 -9.87
CA TYR H 64 21.18 -38.45 -9.24
C TYR H 64 21.24 -38.00 -7.79
N GLY H 65 22.15 -38.63 -7.04
CA GLY H 65 22.39 -38.25 -5.66
C GLY H 65 21.13 -38.26 -4.82
N GLY H 66 20.96 -37.20 -4.02
CA GLY H 66 19.85 -37.14 -3.10
C GLY H 66 18.50 -36.94 -3.78
N VAL H 67 18.49 -36.37 -4.99
CA VAL H 67 17.24 -36.27 -5.74
C VAL H 67 16.79 -37.66 -6.18
N LEU H 68 17.74 -38.52 -6.56
CA LEU H 68 17.39 -39.88 -6.94
C LEU H 68 16.81 -40.65 -5.75
N SER H 69 17.47 -40.59 -4.60
CA SER H 69 17.13 -41.46 -3.49
C SER H 69 16.05 -40.90 -2.58
N ASN H 70 15.98 -39.58 -2.40
CA ASN H 70 15.14 -38.99 -1.37
C ASN H 70 13.90 -38.28 -1.91
N PHE H 71 13.73 -38.18 -3.23
CA PHE H 71 12.61 -37.44 -3.80
C PHE H 71 11.94 -38.23 -4.92
N SER H 72 10.67 -37.94 -5.12
CA SER H 72 9.89 -38.34 -6.28
C SER H 72 9.36 -37.08 -6.95
N GLY H 73 9.16 -37.11 -8.25
CA GLY H 73 8.65 -35.92 -8.90
C GLY H 73 8.52 -36.04 -10.40
N THR H 74 8.34 -34.87 -11.01
CA THR H 74 8.02 -34.71 -12.42
C THR H 74 8.86 -33.58 -12.98
N VAL H 75 8.94 -33.50 -14.30
CA VAL H 75 9.57 -32.38 -15.00
C VAL H 75 8.51 -31.68 -15.84
N LYS H 76 8.47 -30.36 -15.75
CA LYS H 76 7.62 -29.53 -16.61
C LYS H 76 8.48 -29.00 -17.75
N TYR H 77 8.09 -29.32 -18.98
CA TYR H 77 8.78 -28.83 -20.17
C TYR H 77 7.79 -28.01 -21.00
N SER H 78 8.08 -26.72 -21.16
CA SER H 78 7.25 -25.83 -21.95
C SER H 78 5.78 -26.03 -21.60
N GLY H 79 5.50 -26.12 -20.30
CA GLY H 79 4.14 -26.12 -19.82
C GLY H 79 3.48 -27.47 -19.67
N SER H 80 4.10 -28.54 -20.14
CA SER H 80 3.55 -29.88 -19.96
C SER H 80 4.40 -30.65 -18.96
N SER H 81 3.76 -31.54 -18.22
CA SER H 81 4.41 -32.31 -17.17
C SER H 81 4.56 -33.76 -17.60
N TYR H 82 5.70 -34.34 -17.26
CA TYR H 82 6.01 -35.72 -17.58
C TYR H 82 6.67 -36.37 -16.37
N PRO H 83 6.73 -37.70 -16.35
CA PRO H 83 7.48 -38.36 -15.27
C PRO H 83 8.94 -37.93 -15.28
N PHE H 84 9.54 -37.90 -14.09
CA PHE H 84 10.97 -37.66 -13.95
C PHE H 84 11.52 -38.69 -12.98
N PRO H 85 12.50 -39.51 -13.37
CA PRO H 85 13.19 -39.61 -14.66
C PRO H 85 12.26 -39.83 -15.86
N THR H 86 12.61 -39.24 -17.01
CA THR H 86 11.76 -39.30 -18.18
C THR H 86 11.90 -40.66 -18.88
N THR H 87 10.85 -41.03 -19.61
CA THR H 87 10.83 -42.27 -20.37
C THR H 87 10.83 -42.05 -21.88
N SER H 88 10.65 -40.83 -22.34
CA SER H 88 10.59 -40.56 -23.77
C SER H 88 10.93 -39.10 -24.03
N GLU H 89 11.23 -38.82 -25.29
CA GLU H 89 11.58 -37.46 -25.70
C GLU H 89 10.33 -36.57 -25.76
N THR H 90 10.48 -35.34 -25.27
CA THR H 90 9.40 -34.38 -25.25
C THR H 90 9.14 -33.85 -26.66
N PRO H 91 8.03 -33.15 -26.85
CA PRO H 91 7.82 -32.43 -28.11
C PRO H 91 8.78 -31.25 -28.24
N ARG H 92 8.83 -30.70 -29.45
CA ARG H 92 9.79 -29.66 -29.77
C ARG H 92 9.30 -28.28 -29.34
N VAL H 93 10.26 -27.45 -28.94
CA VAL H 93 10.06 -26.02 -28.75
C VAL H 93 10.84 -25.29 -29.83
N VAL H 94 10.26 -24.21 -30.34
CA VAL H 94 10.84 -23.47 -31.46
C VAL H 94 11.66 -22.31 -30.91
N TYR H 95 12.88 -22.15 -31.43
CA TYR H 95 13.72 -20.99 -31.15
C TYR H 95 13.91 -20.23 -32.45
N ASN H 96 13.52 -18.96 -32.46
CA ASN H 96 13.49 -18.17 -33.68
C ASN H 96 14.00 -16.75 -33.46
N SER H 97 14.86 -16.55 -32.47
CA SER H 97 15.39 -15.23 -32.15
C SER H 97 16.87 -15.33 -31.83
N ARG H 98 17.62 -14.28 -32.22
CA ARG H 98 19.01 -14.17 -31.81
C ARG H 98 19.15 -13.81 -30.33
N THR H 99 18.08 -13.32 -29.72
CA THR H 99 18.10 -12.98 -28.30
C THR H 99 18.00 -14.25 -27.46
N ASP H 100 18.90 -14.39 -26.49
CA ASP H 100 18.89 -15.55 -25.61
C ASP H 100 17.57 -15.66 -24.87
N LYS H 101 16.95 -16.84 -24.95
CA LYS H 101 15.63 -17.05 -24.36
C LYS H 101 15.70 -18.25 -23.42
N PRO H 102 14.82 -18.31 -22.41
CA PRO H 102 14.91 -19.41 -21.44
C PRO H 102 14.62 -20.76 -22.07
N TRP H 103 15.32 -21.79 -21.57
CA TRP H 103 14.96 -23.18 -21.80
C TRP H 103 13.91 -23.55 -20.76
N PRO H 104 12.64 -23.74 -21.14
CA PRO H 104 11.58 -23.81 -20.11
C PRO H 104 11.47 -25.18 -19.47
N VAL H 105 12.41 -25.48 -18.58
CA VAL H 105 12.49 -26.75 -17.88
C VAL H 105 12.46 -26.47 -16.38
N ALA H 106 11.65 -27.24 -15.65
CA ALA H 106 11.61 -27.14 -14.20
C ALA H 106 11.27 -28.51 -13.62
N LEU H 107 11.98 -28.88 -12.55
CA LEU H 107 11.72 -30.11 -11.81
C LEU H 107 10.85 -29.81 -10.60
N TYR H 108 9.82 -30.64 -10.39
CA TYR H 108 8.95 -30.54 -9.22
C TYR H 108 9.14 -31.83 -8.42
N LEU H 109 9.75 -31.71 -7.24
CA LEU H 109 10.24 -32.85 -6.48
C LEU H 109 9.67 -32.80 -5.07
N THR H 110 9.09 -33.91 -4.61
CA THR H 110 8.58 -33.96 -3.26
C THR H 110 9.28 -35.06 -2.46
N PRO H 111 9.63 -34.81 -1.19
CA PRO H 111 10.36 -35.82 -0.41
C PRO H 111 9.54 -37.08 -0.21
N VAL H 112 10.22 -38.23 -0.30
CA VAL H 112 9.59 -39.47 0.13
C VAL H 112 9.53 -39.48 1.66
N SER H 113 8.53 -40.18 2.20
CA SER H 113 8.26 -40.10 3.63
C SER H 113 9.48 -40.53 4.45
N SER H 114 10.28 -41.45 3.93
CA SER H 114 11.44 -41.98 4.63
C SER H 114 12.69 -41.15 4.41
N ALA H 115 12.58 -39.96 3.82
CA ALA H 115 13.76 -39.18 3.50
C ALA H 115 14.50 -38.82 4.77
N GLY H 116 15.82 -38.72 4.68
CA GLY H 116 16.59 -38.41 5.85
C GLY H 116 17.01 -36.96 5.89
N GLY H 117 17.42 -36.55 7.09
CA GLY H 117 17.91 -35.22 7.37
C GLY H 117 18.33 -34.42 6.17
N VAL H 118 19.64 -34.45 5.92
CA VAL H 118 20.26 -33.72 4.83
C VAL H 118 19.96 -34.48 3.55
N ALA H 119 18.89 -34.10 2.86
CA ALA H 119 18.44 -34.87 1.70
C ALA H 119 19.28 -34.63 0.46
N ILE H 120 19.84 -33.42 0.30
CA ILE H 120 20.72 -33.11 -0.81
C ILE H 120 21.94 -32.38 -0.28
N LYS H 121 23.11 -32.77 -0.77
CA LYS H 121 24.38 -32.21 -0.32
C LYS H 121 24.83 -31.11 -1.26
N ALA H 122 25.31 -30.01 -0.69
CA ALA H 122 25.88 -28.93 -1.50
C ALA H 122 26.94 -29.49 -2.44
N GLY H 123 26.93 -29.01 -3.68
CA GLY H 123 27.91 -29.41 -4.66
C GLY H 123 27.67 -30.76 -5.32
N SER H 124 26.61 -31.47 -4.96
CA SER H 124 26.35 -32.79 -5.51
C SER H 124 25.61 -32.68 -6.84
N LEU H 125 25.88 -33.63 -7.73
CA LEU H 125 25.10 -33.77 -8.94
C LEU H 125 23.69 -34.27 -8.60
N ILE H 126 22.68 -33.53 -9.05
CA ILE H 126 21.29 -33.89 -8.77
C ILE H 126 20.52 -34.26 -10.03
N ALA H 127 20.97 -33.89 -11.22
CA ALA H 127 20.23 -34.22 -12.43
C ALA H 127 21.13 -34.04 -13.64
N VAL H 128 20.79 -34.74 -14.71
CA VAL H 128 21.40 -34.57 -16.02
C VAL H 128 20.27 -34.41 -17.02
N LEU H 129 20.23 -33.27 -17.69
CA LEU H 129 19.20 -32.95 -18.66
C LEU H 129 19.85 -32.77 -20.02
N ILE H 130 19.34 -33.48 -21.03
CA ILE H 130 19.92 -33.46 -22.37
C ILE H 130 19.00 -32.66 -23.27
N LEU H 131 19.51 -31.53 -23.75
CA LEU H 131 18.81 -30.71 -24.73
C LEU H 131 19.26 -31.16 -26.12
N ARG H 132 18.30 -31.52 -26.96
CA ARG H 132 18.57 -31.98 -28.32
C ARG H 132 18.04 -30.94 -29.30
N GLN H 133 18.92 -30.45 -30.16
CA GLN H 133 18.60 -29.37 -31.08
C GLN H 133 18.68 -29.88 -32.52
N THR H 134 17.63 -29.60 -33.29
CA THR H 134 17.63 -29.85 -34.72
C THR H 134 17.15 -28.59 -35.43
N ASN H 135 16.94 -28.64 -36.75
CA ASN H 135 16.48 -27.48 -37.49
C ASN H 135 15.73 -27.94 -38.74
N ASN H 136 15.24 -26.96 -39.50
CA ASN H 136 14.61 -27.19 -40.79
C ASN H 136 15.53 -26.82 -41.94
N TYR H 137 16.83 -26.99 -41.75
CA TYR H 137 17.85 -26.47 -42.65
C TYR H 137 18.78 -27.56 -43.18
N ASN H 138 19.32 -28.39 -42.30
CA ASN H 138 20.24 -29.45 -42.70
C ASN H 138 20.01 -30.64 -41.77
N SER H 139 21.02 -31.49 -41.61
CA SER H 139 20.91 -32.70 -40.82
C SER H 139 21.54 -32.55 -39.44
N ASP H 140 21.74 -31.32 -38.97
CA ASP H 140 22.31 -31.10 -37.64
C ASP H 140 21.47 -31.78 -36.58
N ASP H 141 22.13 -32.48 -35.67
CA ASP H 141 21.48 -33.18 -34.56
C ASP H 141 22.46 -33.11 -33.39
N PHE H 142 22.28 -32.09 -32.55
CA PHE H 142 23.26 -31.72 -31.55
C PHE H 142 22.68 -31.88 -30.15
N GLN H 143 23.51 -32.35 -29.24
CA GLN H 143 23.11 -32.59 -27.86
C GLN H 143 23.85 -31.63 -26.95
N PHE H 144 23.10 -30.85 -26.19
CA PHE H 144 23.64 -29.96 -25.17
C PHE H 144 23.35 -30.63 -23.83
N VAL H 145 24.39 -31.06 -23.14
CA VAL H 145 24.26 -31.85 -21.93
C VAL H 145 24.42 -30.92 -20.73
N TRP H 146 23.39 -30.84 -19.90
CA TRP H 146 23.36 -29.94 -18.77
C TRP H 146 23.44 -30.79 -17.50
N ASN H 147 24.55 -30.65 -16.78
CA ASN H 147 24.78 -31.38 -15.54
C ASN H 147 24.39 -30.46 -14.39
N ILE H 148 23.33 -30.82 -13.68
CA ILE H 148 22.71 -29.95 -12.69
C ILE H 148 23.27 -30.29 -11.32
N TYR H 149 23.83 -29.29 -10.65
CA TYR H 149 24.46 -29.44 -9.34
C TYR H 149 23.79 -28.52 -8.35
N ALA H 150 23.74 -28.98 -7.09
CA ALA H 150 23.13 -28.20 -6.02
C ALA H 150 24.12 -27.18 -5.47
N ASN H 151 23.66 -25.93 -5.32
CA ASN H 151 24.48 -24.90 -4.70
C ASN H 151 24.58 -25.02 -3.19
N ASN H 152 23.64 -25.73 -2.56
CA ASN H 152 23.57 -25.70 -1.11
C ASN H 152 22.92 -26.99 -0.62
N ASP H 153 23.08 -27.22 0.68
CA ASP H 153 22.43 -28.36 1.31
C ASP H 153 20.92 -28.13 1.32
N VAL H 154 20.17 -29.22 1.13
CA VAL H 154 18.72 -29.21 1.31
C VAL H 154 18.39 -30.15 2.46
N VAL H 155 17.65 -29.64 3.43
CA VAL H 155 17.30 -30.38 4.64
C VAL H 155 15.83 -30.74 4.60
N VAL H 156 15.52 -31.99 4.97
CA VAL H 156 14.14 -32.44 5.12
C VAL H 156 13.90 -32.72 6.60
N PRO H 157 13.25 -31.82 7.34
CA PRO H 157 13.02 -32.08 8.76
C PRO H 157 12.00 -33.19 8.96
N THR H 158 12.08 -33.83 10.13
CA THR H 158 11.04 -34.76 10.55
C THR H 158 9.93 -34.01 11.26
N PHE I 1 13.68 58.70 -20.63
CA PHE I 1 12.59 58.37 -19.68
C PHE I 1 12.03 56.98 -19.94
N ALA I 2 11.88 56.19 -18.88
CA ALA I 2 11.35 54.84 -18.99
C ALA I 2 10.81 54.43 -17.64
N CYS I 3 9.98 53.38 -17.64
CA CYS I 3 9.27 52.94 -16.44
C CYS I 3 9.33 51.43 -16.33
N LYS I 4 9.12 50.94 -15.11
CA LYS I 4 9.02 49.50 -14.88
C LYS I 4 8.03 49.23 -13.77
N THR I 5 7.49 48.02 -13.77
CA THR I 5 6.58 47.58 -12.71
C THR I 5 7.35 46.89 -11.59
N ALA I 6 6.63 46.57 -10.52
CA ALA I 6 7.25 45.94 -9.36
C ALA I 6 7.81 44.56 -9.69
N ASN I 7 7.20 43.86 -10.64
CA ASN I 7 7.68 42.53 -11.03
C ASN I 7 8.69 42.57 -12.18
N GLY I 8 9.11 43.77 -12.61
CA GLY I 8 10.18 43.90 -13.57
C GLY I 8 9.77 44.16 -15.01
N THR I 9 8.48 44.36 -15.27
CA THR I 9 8.05 44.68 -16.63
C THR I 9 8.41 46.11 -16.97
N ALA I 10 9.10 46.30 -18.09
CA ALA I 10 9.56 47.61 -18.51
C ALA I 10 8.71 48.10 -19.69
N ILE I 11 8.41 49.39 -19.67
CA ILE I 11 8.04 50.13 -20.87
C ILE I 11 9.20 51.06 -21.22
N PRO I 12 9.84 50.90 -22.37
CA PRO I 12 11.10 51.60 -22.64
C PRO I 12 10.87 53.02 -23.13
N ILE I 13 11.98 53.69 -23.44
CA ILE I 13 11.93 55.01 -24.05
C ILE I 13 10.98 54.98 -25.22
N GLY I 14 10.11 56.00 -25.31
CA GLY I 14 9.15 56.11 -26.38
C GLY I 14 7.75 55.65 -26.01
N GLY I 15 7.58 55.04 -24.84
CA GLY I 15 6.28 54.61 -24.40
C GLY I 15 5.94 53.19 -24.81
N GLY I 16 4.72 52.82 -24.52
CA GLY I 16 4.20 51.49 -24.79
C GLY I 16 3.08 51.18 -23.82
N SER I 17 2.88 49.89 -23.57
CA SER I 17 1.85 49.44 -22.64
C SER I 17 2.35 48.23 -21.87
N ALA I 18 1.84 48.08 -20.65
CA ALA I 18 2.20 46.97 -19.80
C ALA I 18 1.02 46.64 -18.89
N ASN I 19 1.04 45.43 -18.34
CA ASN I 19 0.03 44.96 -17.42
C ASN I 19 0.55 45.06 -16.00
N VAL I 20 -0.31 45.53 -15.09
CA VAL I 20 0.05 45.67 -13.69
C VAL I 20 -1.01 44.93 -12.87
N TYR I 21 -0.58 43.94 -12.11
CA TYR I 21 -1.45 43.12 -11.30
C TYR I 21 -1.24 43.50 -9.84
N VAL I 22 -2.29 44.03 -9.22
CA VAL I 22 -2.18 44.69 -7.93
C VAL I 22 -2.95 43.91 -6.86
N ASN I 23 -2.38 43.88 -5.67
CA ASN I 23 -3.02 43.30 -4.51
C ASN I 23 -4.06 44.26 -3.95
N LEU I 24 -5.20 43.70 -3.56
CA LEU I 24 -6.31 44.48 -3.09
C LEU I 24 -6.76 43.94 -1.75
N ALA I 25 -7.17 44.83 -0.86
CA ALA I 25 -7.77 44.41 0.40
C ALA I 25 -8.91 43.44 0.10
N PRO I 26 -8.87 42.22 0.64
CA PRO I 26 -9.86 41.21 0.20
C PRO I 26 -11.27 41.46 0.71
N VAL I 27 -11.44 42.29 1.74
CA VAL I 27 -12.75 42.59 2.31
C VAL I 27 -12.85 44.10 2.48
N VAL I 28 -13.88 44.69 1.89
CA VAL I 28 -14.14 46.13 1.99
C VAL I 28 -15.60 46.31 2.33
N ASN I 29 -15.88 46.89 3.50
CA ASN I 29 -17.25 47.13 3.90
C ASN I 29 -17.77 48.44 3.31
N VAL I 30 -19.09 48.52 3.16
CA VAL I 30 -19.71 49.79 2.78
C VAL I 30 -19.29 50.84 3.79
N GLY I 31 -18.88 52.01 3.28
CA GLY I 31 -18.35 53.07 4.10
C GLY I 31 -16.83 53.11 4.14
N GLN I 32 -16.18 51.97 3.94
CA GLN I 32 -14.73 51.92 3.90
C GLN I 32 -14.21 52.25 2.51
N ASN I 33 -12.93 52.63 2.45
CA ASN I 33 -12.25 52.86 1.19
C ASN I 33 -11.43 51.64 0.81
N LEU I 34 -11.45 51.31 -0.48
CA LEU I 34 -10.48 50.40 -1.07
C LEU I 34 -9.41 51.23 -1.76
N VAL I 35 -8.16 51.02 -1.38
CA VAL I 35 -7.04 51.78 -1.90
C VAL I 35 -6.29 50.91 -2.90
N VAL I 36 -6.18 51.40 -4.13
CA VAL I 36 -5.36 50.77 -5.16
C VAL I 36 -4.14 51.66 -5.34
N ASP I 37 -3.07 51.31 -4.64
CA ASP I 37 -1.86 52.14 -4.58
C ASP I 37 -0.90 51.69 -5.66
N LEU I 38 -0.84 52.45 -6.75
CA LEU I 38 0.09 52.15 -7.83
C LEU I 38 1.49 52.71 -7.58
N SER I 39 1.65 53.58 -6.57
CA SER I 39 2.97 54.16 -6.31
C SER I 39 3.97 53.11 -5.84
N THR I 40 3.50 51.98 -5.32
CA THR I 40 4.39 50.87 -4.98
C THR I 40 4.53 49.89 -6.13
N GLN I 41 3.84 50.12 -7.25
CA GLN I 41 3.81 49.17 -8.36
C GLN I 41 4.41 49.73 -9.64
N ILE I 42 4.47 51.04 -9.82
CA ILE I 42 4.96 51.64 -11.06
C ILE I 42 6.04 52.66 -10.71
N PHE I 43 7.18 52.54 -11.40
CA PHE I 43 8.34 53.37 -11.13
C PHE I 43 8.91 53.87 -12.45
N CYS I 44 9.49 55.07 -12.42
CA CYS I 44 10.03 55.70 -13.62
C CYS I 44 11.28 56.49 -13.26
N HIS I 45 12.09 56.79 -14.28
CA HIS I 45 13.33 57.54 -14.07
C HIS I 45 13.60 58.43 -15.26
N ASN I 46 14.48 59.41 -15.05
CA ASN I 46 14.96 60.32 -16.07
C ASN I 46 16.31 59.83 -16.59
N ASP I 47 16.46 59.73 -17.91
CA ASP I 47 17.65 59.14 -18.49
C ASP I 47 18.80 60.12 -18.71
N TYR I 48 18.58 61.42 -18.57
CA TYR I 48 19.67 62.38 -18.54
C TYR I 48 19.25 63.63 -17.80
N PRO I 49 19.21 63.58 -16.47
CA PRO I 49 18.65 64.70 -15.69
C PRO I 49 19.52 65.95 -15.66
N GLU I 50 20.80 65.88 -16.01
CA GLU I 50 21.64 67.07 -15.96
C GLU I 50 21.25 68.06 -17.06
N THR I 51 20.73 67.57 -18.19
CA THR I 51 20.37 68.41 -19.32
C THR I 51 18.88 68.46 -19.59
N ILE I 52 18.13 67.46 -19.16
CA ILE I 52 16.72 67.31 -19.54
C ILE I 52 15.88 67.19 -18.28
N THR I 53 14.78 67.92 -18.25
CA THR I 53 13.76 67.77 -17.22
C THR I 53 12.54 67.10 -17.84
N ASP I 54 12.10 66.00 -17.24
CA ASP I 54 10.94 65.25 -17.72
C ASP I 54 9.69 65.67 -16.96
N TYR I 55 8.59 65.81 -17.71
CA TYR I 55 7.29 66.14 -17.14
C TYR I 55 6.34 64.96 -17.36
N VAL I 56 5.58 64.62 -16.32
CA VAL I 56 4.77 63.40 -16.31
C VAL I 56 3.40 63.71 -15.73
N THR I 57 2.35 63.46 -16.50
CA THR I 57 0.98 63.65 -16.08
C THR I 57 0.25 62.31 -16.07
N LEU I 58 -0.83 62.26 -15.28
CA LEU I 58 -1.88 61.26 -15.47
C LEU I 58 -2.86 61.87 -16.48
N GLN I 59 -2.72 61.47 -17.75
CA GLN I 59 -3.53 62.10 -18.79
C GLN I 59 -4.99 61.63 -18.72
N ARG I 60 -5.21 60.34 -18.48
CA ARG I 60 -6.56 59.82 -18.42
C ARG I 60 -6.57 58.55 -17.57
N GLY I 61 -7.68 58.35 -16.85
CA GLY I 61 -7.88 57.15 -16.07
C GLY I 61 -9.29 56.59 -16.22
N SER I 62 -9.40 55.36 -16.71
CA SER I 62 -10.69 54.72 -16.95
C SER I 62 -10.87 53.52 -16.02
N ALA I 63 -12.12 53.25 -15.67
CA ALA I 63 -12.49 52.15 -14.80
C ALA I 63 -13.18 51.04 -15.57
N TYR I 64 -12.98 49.80 -15.13
CA TYR I 64 -13.53 48.63 -15.81
C TYR I 64 -13.97 47.58 -14.81
N GLY I 65 -14.71 46.60 -15.30
CA GLY I 65 -15.14 45.48 -14.47
C GLY I 65 -15.87 45.93 -13.23
N GLY I 66 -15.52 45.32 -12.10
CA GLY I 66 -16.20 45.59 -10.84
C GLY I 66 -15.91 46.96 -10.27
N VAL I 67 -14.78 47.56 -10.62
CA VAL I 67 -14.51 48.93 -10.18
C VAL I 67 -15.46 49.90 -10.87
N LEU I 68 -15.77 49.64 -12.14
CA LEU I 68 -16.72 50.48 -12.86
C LEU I 68 -18.11 50.40 -12.24
N SER I 69 -18.59 49.18 -11.98
CA SER I 69 -19.98 48.97 -11.63
C SER I 69 -20.27 49.06 -10.13
N ASN I 70 -19.32 48.67 -9.28
CA ASN I 70 -19.60 48.48 -7.86
C ASN I 70 -18.99 49.55 -6.96
N PHE I 71 -18.21 50.47 -7.51
CA PHE I 71 -17.53 51.47 -6.69
C PHE I 71 -17.68 52.87 -7.28
N SER I 72 -17.59 53.84 -6.38
CA SER I 72 -17.43 55.25 -6.72
C SER I 72 -16.14 55.72 -6.06
N GLY I 73 -15.45 56.69 -6.66
CA GLY I 73 -14.22 57.13 -6.06
C GLY I 73 -13.49 58.19 -6.85
N THR I 74 -12.24 58.40 -6.44
CA THR I 74 -11.37 59.45 -6.93
C THR I 74 -9.98 58.87 -7.16
N VAL I 75 -9.14 59.62 -7.88
CA VAL I 75 -7.74 59.28 -8.03
C VAL I 75 -6.91 60.38 -7.39
N LYS I 76 -5.94 59.99 -6.57
CA LYS I 76 -4.98 60.92 -5.99
C LYS I 76 -3.70 60.88 -6.80
N TYR I 77 -3.32 62.02 -7.37
CA TYR I 77 -2.08 62.15 -8.13
C TYR I 77 -1.18 63.17 -7.45
N SER I 78 -0.04 62.71 -6.95
CA SER I 78 0.96 63.57 -6.33
C SER I 78 0.32 64.55 -5.33
N GLY I 79 -0.56 64.00 -4.48
CA GLY I 79 -1.11 64.74 -3.37
C GLY I 79 -2.42 65.45 -3.64
N SER I 80 -2.89 65.50 -4.88
CA SER I 80 -4.17 66.10 -5.22
C SER I 80 -5.14 65.02 -5.69
N SER I 81 -6.43 65.24 -5.41
CA SER I 81 -7.48 64.29 -5.76
C SER I 81 -8.32 64.84 -6.90
N TYR I 82 -8.73 63.95 -7.80
CA TYR I 82 -9.56 64.29 -8.94
C TYR I 82 -10.62 63.21 -9.09
N PRO I 83 -11.68 63.48 -9.85
CA PRO I 83 -12.67 62.43 -10.12
C PRO I 83 -12.03 61.25 -10.84
N PHE I 84 -12.56 60.06 -10.56
CA PHE I 84 -12.19 58.84 -11.27
C PHE I 84 -13.44 58.05 -11.61
N PRO I 85 -13.73 57.75 -12.89
CA PRO I 85 -12.97 58.04 -14.11
C PRO I 85 -12.66 59.53 -14.29
N THR I 86 -11.51 59.82 -14.89
CA THR I 86 -11.02 61.18 -14.99
C THR I 86 -11.76 61.96 -16.08
N THR I 87 -11.80 63.28 -15.91
CA THR I 87 -12.40 64.19 -16.88
C THR I 87 -11.38 65.10 -17.55
N SER I 88 -10.14 65.15 -17.06
CA SER I 88 -9.14 66.03 -17.63
C SER I 88 -7.76 65.57 -17.19
N GLU I 89 -6.75 66.06 -17.91
CA GLU I 89 -5.36 65.75 -17.61
C GLU I 89 -4.88 66.49 -16.37
N THR I 90 -4.11 65.80 -15.53
CA THR I 90 -3.59 66.38 -14.30
C THR I 90 -2.42 67.33 -14.59
N PRO I 91 -2.00 68.09 -13.59
CA PRO I 91 -0.75 68.86 -13.72
C PRO I 91 0.47 67.95 -13.77
N ARG I 92 1.60 68.54 -14.13
CA ARG I 92 2.81 67.78 -14.37
C ARG I 92 3.56 67.50 -13.06
N VAL I 93 4.20 66.33 -13.03
CA VAL I 93 5.16 65.97 -11.99
C VAL I 93 6.53 65.93 -12.65
N VAL I 94 7.56 66.38 -11.92
CA VAL I 94 8.91 66.49 -12.45
C VAL I 94 9.69 65.24 -12.07
N TYR I 95 10.36 64.65 -13.06
CA TYR I 95 11.29 63.55 -12.85
C TYR I 95 12.68 64.03 -13.23
N ASN I 96 13.62 63.95 -12.27
CA ASN I 96 14.94 64.52 -12.43
C ASN I 96 16.04 63.61 -11.88
N SER I 97 15.81 62.30 -11.87
CA SER I 97 16.78 61.34 -11.35
C SER I 97 16.88 60.14 -12.26
N ARG I 98 18.09 59.57 -12.34
CA ARG I 98 18.25 58.28 -12.99
C ARG I 98 17.71 57.14 -12.14
N THR I 99 17.53 57.37 -10.84
CA THR I 99 16.99 56.34 -9.96
C THR I 99 15.47 56.26 -10.14
N ASP I 100 14.97 55.05 -10.36
CA ASP I 100 13.54 54.85 -10.55
C ASP I 100 12.76 55.39 -9.35
N LYS I 101 11.74 56.19 -9.63
CA LYS I 101 10.94 56.85 -8.61
C LYS I 101 9.49 56.41 -8.78
N PRO I 102 8.70 56.39 -7.71
CA PRO I 102 7.32 55.93 -7.85
C PRO I 102 6.50 56.89 -8.70
N TRP I 103 5.56 56.32 -9.44
CA TRP I 103 4.52 57.13 -10.07
C TRP I 103 3.43 57.35 -9.03
N PRO I 104 3.26 58.58 -8.49
CA PRO I 104 2.41 58.74 -7.30
C PRO I 104 0.92 58.77 -7.63
N VAL I 105 0.39 57.59 -7.95
CA VAL I 105 -1.01 57.42 -8.33
C VAL I 105 -1.65 56.42 -7.39
N ALA I 106 -2.84 56.75 -6.89
CA ALA I 106 -3.61 55.83 -6.07
C ALA I 106 -5.10 56.07 -6.30
N LEU I 107 -5.85 54.99 -6.42
CA LEU I 107 -7.30 55.06 -6.52
C LEU I 107 -7.91 54.89 -5.14
N TYR I 108 -8.88 55.74 -4.82
CA TYR I 108 -9.65 55.63 -3.57
C TYR I 108 -11.10 55.34 -3.95
N LEU I 109 -11.54 54.12 -3.66
CA LEU I 109 -12.80 53.59 -4.17
C LEU I 109 -13.65 53.11 -3.01
N THR I 110 -14.91 53.55 -2.96
CA THR I 110 -15.79 53.11 -1.91
C THR I 110 -17.00 52.37 -2.50
N PRO I 111 -17.42 51.26 -1.91
CA PRO I 111 -18.52 50.48 -2.50
C PRO I 111 -19.82 51.28 -2.54
N VAL I 112 -20.54 51.15 -3.66
CA VAL I 112 -21.91 51.65 -3.72
C VAL I 112 -22.81 50.71 -2.93
N SER I 113 -23.92 51.26 -2.42
CA SER I 113 -24.74 50.52 -1.47
C SER I 113 -25.28 49.21 -2.05
N SER I 114 -25.56 49.16 -3.35
CA SER I 114 -26.16 47.98 -3.98
C SER I 114 -25.15 46.95 -4.45
N ALA I 115 -23.86 47.12 -4.13
CA ALA I 115 -22.86 46.20 -4.64
C ALA I 115 -23.04 44.81 -4.06
N GLY I 116 -22.68 43.79 -4.85
CA GLY I 116 -22.83 42.42 -4.43
C GLY I 116 -21.58 41.90 -3.73
N GLY I 117 -21.72 40.72 -3.14
CA GLY I 117 -20.63 40.11 -2.39
C GLY I 117 -19.28 40.22 -3.07
N VAL I 118 -19.11 39.47 -4.16
CA VAL I 118 -17.85 39.49 -4.89
C VAL I 118 -17.84 40.72 -5.77
N ALA I 119 -17.28 41.82 -5.26
CA ALA I 119 -17.33 43.10 -5.97
C ALA I 119 -16.29 43.19 -7.08
N ILE I 120 -15.13 42.56 -6.90
CA ILE I 120 -14.10 42.50 -7.92
C ILE I 120 -13.60 41.07 -8.01
N LYS I 121 -13.46 40.57 -9.23
CA LYS I 121 -13.04 39.19 -9.46
C LYS I 121 -11.55 39.13 -9.73
N ALA I 122 -10.90 38.12 -9.13
CA ALA I 122 -9.48 37.90 -9.38
C ALA I 122 -9.19 37.84 -10.87
N GLY I 123 -8.09 38.50 -11.26
CA GLY I 123 -7.65 38.48 -12.65
C GLY I 123 -8.39 39.42 -13.59
N SER I 124 -9.38 40.18 -13.10
CA SER I 124 -10.15 41.04 -13.97
C SER I 124 -9.45 42.39 -14.15
N LEU I 125 -9.63 42.97 -15.33
CA LEU I 125 -9.19 44.34 -15.59
C LEU I 125 -10.06 45.31 -14.79
N ILE I 126 -9.42 46.17 -13.99
CA ILE I 126 -10.16 47.13 -13.18
C ILE I 126 -9.90 48.57 -13.59
N ALA I 127 -8.81 48.86 -14.31
CA ALA I 127 -8.54 50.24 -14.68
C ALA I 127 -7.50 50.28 -15.79
N VAL I 128 -7.51 51.39 -16.54
CA VAL I 128 -6.49 51.72 -17.51
C VAL I 128 -6.00 53.13 -17.23
N LEU I 129 -4.72 53.26 -16.90
CA LEU I 129 -4.12 54.55 -16.55
C LEU I 129 -3.05 54.89 -17.58
N ILE I 130 -3.14 56.09 -18.15
CA ILE I 130 -2.23 56.55 -19.18
C ILE I 130 -1.30 57.61 -18.60
N LEU I 131 -0.01 57.29 -18.59
CA LEU I 131 1.03 58.23 -18.18
C LEU I 131 1.56 58.93 -19.42
N ARG I 132 1.53 60.26 -19.41
CA ARG I 132 1.98 61.07 -20.55
C ARG I 132 3.25 61.81 -20.13
N GLN I 133 4.33 61.61 -20.89
CA GLN I 133 5.63 62.16 -20.56
C GLN I 133 6.08 63.14 -21.62
N THR I 134 6.50 64.33 -21.18
CA THR I 134 7.12 65.33 -22.05
C THR I 134 8.42 65.80 -21.42
N ASN I 135 9.07 66.80 -22.00
CA ASN I 135 10.32 67.31 -21.46
C ASN I 135 10.49 68.78 -21.87
N ASN I 136 11.60 69.36 -21.40
CA ASN I 136 12.00 70.72 -21.77
C ASN I 136 13.13 70.71 -22.79
N TYR I 137 13.17 69.70 -23.65
CA TYR I 137 14.32 69.41 -24.50
C TYR I 137 13.94 69.38 -25.97
N ASN I 138 12.89 68.65 -26.33
CA ASN I 138 12.45 68.52 -27.71
C ASN I 138 10.94 68.37 -27.76
N SER I 139 10.40 67.76 -28.81
CA SER I 139 8.96 67.63 -28.99
C SER I 139 8.45 66.25 -28.58
N ASP I 140 9.21 65.51 -27.78
CA ASP I 140 8.77 64.18 -27.34
C ASP I 140 7.44 64.27 -26.60
N ASP I 141 6.52 63.37 -26.96
CA ASP I 141 5.19 63.30 -26.34
C ASP I 141 4.78 61.83 -26.35
N PHE I 142 5.06 61.14 -25.25
CA PHE I 142 4.98 59.69 -25.19
C PHE I 142 3.94 59.26 -24.16
N GLN I 143 3.20 58.20 -24.49
CA GLN I 143 2.16 57.67 -23.62
C GLN I 143 2.55 56.29 -23.12
N PHE I 144 2.60 56.13 -21.81
CA PHE I 144 2.86 54.84 -21.16
C PHE I 144 1.53 54.34 -20.62
N VAL I 145 1.04 53.24 -21.18
CA VAL I 145 -0.31 52.75 -20.90
C VAL I 145 -0.21 51.64 -19.87
N TRP I 146 -0.88 51.82 -18.73
CA TRP I 146 -0.85 50.85 -17.65
C TRP I 146 -2.22 50.20 -17.52
N ASN I 147 -2.28 48.90 -17.78
CA ASN I 147 -3.52 48.12 -17.69
C ASN I 147 -3.53 47.46 -16.32
N ILE I 148 -4.46 47.88 -15.47
CA ILE I 148 -4.46 47.49 -14.05
C ILE I 148 -5.41 46.32 -13.87
N TYR I 149 -4.89 45.24 -13.30
CA TYR I 149 -5.65 44.01 -13.07
C TYR I 149 -5.66 43.68 -11.59
N ALA I 150 -6.76 43.11 -11.13
CA ALA I 150 -6.88 42.68 -9.74
C ALA I 150 -6.22 41.33 -9.54
N ASN I 151 -5.37 41.23 -8.51
CA ASN I 151 -4.72 39.97 -8.17
C ASN I 151 -5.62 38.99 -7.45
N ASN I 152 -6.71 39.47 -6.84
CA ASN I 152 -7.50 38.61 -5.98
C ASN I 152 -8.92 39.14 -5.93
N ASP I 153 -9.81 38.29 -5.40
CA ASP I 153 -11.19 38.70 -5.19
C ASP I 153 -11.26 39.79 -4.14
N VAL I 154 -12.16 40.73 -4.33
CA VAL I 154 -12.52 41.71 -3.31
C VAL I 154 -13.98 41.51 -2.97
N VAL I 155 -14.26 41.29 -1.68
CA VAL I 155 -15.60 40.98 -1.20
C VAL I 155 -16.16 42.19 -0.48
N VAL I 156 -17.42 42.51 -0.77
CA VAL I 156 -18.16 43.55 -0.05
C VAL I 156 -19.26 42.87 0.75
N PRO I 157 -19.10 42.64 2.05
CA PRO I 157 -20.14 41.97 2.83
C PRO I 157 -21.37 42.85 2.99
N THR I 158 -22.51 42.20 3.20
CA THR I 158 -23.73 42.89 3.59
C THR I 158 -23.75 43.06 5.11
#